data_8U80
#
_entry.id   8U80
#
_cell.length_a   1.00
_cell.length_b   1.00
_cell.length_c   1.00
_cell.angle_alpha   90.00
_cell.angle_beta   90.00
_cell.angle_gamma   90.00
#
_symmetry.space_group_name_H-M   'P 1'
#
loop_
_entity.id
_entity.type
_entity.pdbx_description
1 polymer 'BTB/POZ domain-containing protein KCTD5'
2 polymer Cullin-3
#
loop_
_entity_poly.entity_id
_entity_poly.type
_entity_poly.pdbx_seq_one_letter_code
_entity_poly.pdbx_strand_id
1 'polypeptide(L)'
;MAENHCELLSPARGGIGAGLGGGLCRRCSAGLGALAQRPGSVSKWVRLNVGGTYFLTTRQTLCRDPKSFLYRLCQADPDL
DSDKDETGAYLIDRDPTYFGPVLNYLRHGKLVINKDLAEEGVLEEAEFYNITSLIKLVKDKIRERDSKTSQVPVKHVYRV
LQCQEEELTQMVSTMSDGWKFEQLVSIGSSYNYGNEDQAEFLCVVSKELHNTPYGTASEPSEKAKILQERGSRM
;
K1,K2,K3,K4,K5
2 'polypeptide(L)'
;MSNLSKGTGSRKDTKMRIRAFPMTMDEKYVNSIWDLLKNAIQEIQRKNNSGLSFEELYRNAYTMVLHKHGEKLYTGLREV
VTEHLINKVREDVLNSLNNNFLQTLNQAWNDHQTAMVMIRDILMYMDRVYVQQNNVENVYNLGLIIFRDQVVRYGCIRDH
LRQTLLDMIARERKGEVVDRGAIRNACQMLMILGLEGRSVYEEDFEAPFLEMSAEFFQMESQKFLAENSASVYIKKVEAR
INEEIERVMHCLDKSTEEPIVKVVERELISKHMKTIVEMENSGLVHMLKNGKTEDLGCMYKLFSRVPNGLKTMCECMSSY
LREQGKALVSEEGEGKNPVDYIQGLLDLKSRFDRFLLESFNNDRLFKQTIAGDFEYFLNLN
;
C1,C2,C3,C4,C5
#
# COMPACT_ATOMS: atom_id res chain seq x y z
N GLY A 40 34.75 2.68 2.00
CA GLY A 40 34.48 2.31 0.58
C GLY A 40 34.87 3.42 -0.38
N SER A 41 35.47 3.02 -1.51
CA SER A 41 35.91 4.01 -2.50
C SER A 41 34.73 4.82 -3.02
N VAL A 42 33.70 4.12 -3.51
CA VAL A 42 32.48 4.77 -3.98
C VAL A 42 31.41 3.70 -4.09
N SER A 43 30.15 4.12 -4.06
CA SER A 43 29.01 3.24 -4.19
C SER A 43 28.38 3.43 -5.56
N LYS A 44 28.54 2.45 -6.44
CA LYS A 44 27.83 2.47 -7.71
C LYS A 44 26.32 2.47 -7.48
N TRP A 45 25.87 2.00 -6.32
CA TRP A 45 24.50 2.16 -5.90
C TRP A 45 24.33 3.47 -5.14
N VAL A 46 23.26 4.19 -5.46
CA VAL A 46 22.93 5.45 -4.79
C VAL A 46 21.46 5.38 -4.38
N ARG A 47 21.16 5.97 -3.23
CA ARG A 47 19.87 5.80 -2.55
C ARG A 47 19.14 7.14 -2.53
N LEU A 48 18.33 7.38 -3.55
CA LEU A 48 17.52 8.59 -3.59
C LEU A 48 16.40 8.52 -2.55
N ASN A 49 15.88 9.68 -2.19
CA ASN A 49 14.64 9.80 -1.44
C ASN A 49 13.73 10.72 -2.25
N VAL A 50 12.61 10.19 -2.72
CA VAL A 50 11.70 10.93 -3.59
C VAL A 50 10.36 11.00 -2.87
N GLY A 51 10.15 12.09 -2.12
CA GLY A 51 8.92 12.23 -1.36
C GLY A 51 8.74 11.16 -0.31
N GLY A 52 9.82 10.75 0.35
CA GLY A 52 9.78 9.79 1.43
C GLY A 52 10.14 8.37 1.00
N THR A 53 9.65 7.93 -0.15
CA THR A 53 9.93 6.59 -0.62
C THR A 53 11.36 6.50 -1.13
N TYR A 54 12.16 5.65 -0.50
CA TYR A 54 13.52 5.42 -0.97
C TYR A 54 13.49 4.63 -2.28
N PHE A 55 14.19 5.15 -3.29
CA PHE A 55 14.34 4.48 -4.57
C PHE A 55 15.82 4.21 -4.79
N LEU A 56 16.27 3.02 -4.40
CA LEU A 56 17.63 2.61 -4.68
C LEU A 56 17.84 2.46 -6.18
N THR A 57 19.01 2.84 -6.66
CA THR A 57 19.31 2.73 -8.08
C THR A 57 20.80 2.93 -8.28
N THR A 58 21.24 2.75 -9.53
CA THR A 58 22.65 2.80 -9.89
C THR A 58 22.87 3.99 -10.82
N ARG A 59 24.10 4.52 -10.79
CA ARG A 59 24.41 5.73 -11.55
C ARG A 59 24.00 5.58 -13.01
N GLN A 60 24.45 4.53 -13.68
CA GLN A 60 24.17 4.40 -15.11
C GLN A 60 22.69 4.47 -15.40
N THR A 61 21.84 4.02 -14.47
CA THR A 61 20.40 4.25 -14.65
C THR A 61 20.10 5.74 -14.66
N LEU A 62 20.76 6.50 -13.78
CA LEU A 62 20.49 7.93 -13.67
C LEU A 62 21.19 8.75 -14.74
N CYS A 63 22.16 8.16 -15.45
CA CYS A 63 22.94 8.88 -16.45
C CYS A 63 22.49 8.59 -17.88
N ARG A 64 21.22 8.23 -18.08
CA ARG A 64 20.77 7.88 -19.43
C ARG A 64 20.54 9.11 -20.31
N ASP A 65 20.36 10.28 -19.72
CA ASP A 65 20.01 11.48 -20.48
C ASP A 65 20.93 12.62 -20.06
N PRO A 66 21.69 13.22 -20.99
CA PRO A 66 22.70 14.20 -20.55
C PRO A 66 22.12 15.41 -19.84
N LYS A 67 20.87 15.78 -20.13
CA LYS A 67 20.29 17.02 -19.63
C LYS A 67 19.26 16.78 -18.51
N SER A 68 19.23 15.60 -17.92
CA SER A 68 18.20 15.30 -16.92
C SER A 68 18.62 15.81 -15.54
N PHE A 69 17.61 16.16 -14.74
CA PHE A 69 17.84 16.48 -13.34
C PHE A 69 18.63 15.38 -12.63
N LEU A 70 18.20 14.13 -12.78
CA LEU A 70 18.84 13.06 -12.04
C LEU A 70 20.33 12.97 -12.36
N TYR A 71 20.71 13.37 -13.58
CA TYR A 71 22.12 13.29 -13.95
C TYR A 71 22.97 14.17 -13.04
N ARG A 72 22.48 15.37 -12.73
CA ARG A 72 23.28 16.27 -11.89
C ARG A 72 23.57 15.64 -10.53
N LEU A 73 22.61 14.91 -9.97
CA LEU A 73 22.85 14.25 -8.69
C LEU A 73 24.08 13.35 -8.73
N CYS A 74 24.30 12.68 -9.86
CA CYS A 74 25.39 11.72 -9.95
C CYS A 74 26.74 12.37 -9.73
N GLN A 75 26.86 13.67 -9.98
CA GLN A 75 28.15 14.33 -9.89
C GLN A 75 28.66 14.32 -8.46
N ALA A 76 29.95 14.00 -8.31
CA ALA A 76 30.61 13.98 -7.02
C ALA A 76 31.27 15.32 -6.71
N ASP A 77 30.83 16.38 -7.37
CA ASP A 77 31.33 17.72 -7.11
C ASP A 77 30.75 18.22 -5.79
N PRO A 78 31.34 19.26 -5.20
CA PRO A 78 30.95 19.66 -3.83
C PRO A 78 29.55 20.27 -3.73
N ASP A 79 28.84 20.47 -4.84
CA ASP A 79 27.53 21.15 -4.81
C ASP A 79 26.44 20.10 -4.61
N LEU A 80 26.30 19.66 -3.36
CA LEU A 80 25.22 18.74 -3.00
C LEU A 80 25.10 18.66 -1.48
N ASP A 81 23.90 18.93 -0.93
CA ASP A 81 23.75 18.98 0.52
C ASP A 81 22.45 18.35 1.02
N SER A 82 21.77 17.53 0.21
CA SER A 82 20.55 16.88 0.63
C SER A 82 20.76 15.43 1.03
N ASP A 83 21.98 15.06 1.39
CA ASP A 83 22.25 13.70 1.84
C ASP A 83 21.64 13.47 3.22
N LYS A 84 20.81 12.45 3.33
CA LYS A 84 20.33 11.98 4.64
C LYS A 84 21.48 11.23 5.27
N ASP A 85 22.31 11.96 6.03
CA ASP A 85 23.61 11.45 6.47
C ASP A 85 23.49 10.18 7.32
N GLU A 86 22.32 9.88 7.87
CA GLU A 86 22.14 8.60 8.55
C GLU A 86 22.49 7.46 7.63
N THR A 87 22.27 7.61 6.33
CA THR A 87 22.73 6.66 5.33
C THR A 87 23.36 7.31 4.12
N GLY A 88 23.24 8.62 3.94
CA GLY A 88 23.73 9.29 2.76
C GLY A 88 22.74 9.38 1.62
N ALA A 89 21.46 9.13 1.86
CA ALA A 89 20.45 9.14 0.82
C ALA A 89 20.10 10.58 0.46
N TYR A 90 20.29 10.93 -0.81
CA TYR A 90 19.97 12.27 -1.29
C TYR A 90 18.46 12.47 -1.26
N LEU A 91 18.02 13.66 -0.85
CA LEU A 91 16.61 13.94 -0.71
C LEU A 91 16.09 14.73 -1.91
N ILE A 92 14.97 14.28 -2.46
CA ILE A 92 14.36 14.88 -3.65
C ILE A 92 12.87 15.02 -3.36
N ASP A 93 12.42 16.23 -3.03
CA ASP A 93 11.06 16.44 -2.55
C ASP A 93 10.09 16.52 -3.72
N ARG A 94 9.58 15.36 -4.12
CA ARG A 94 8.51 15.28 -5.09
C ARG A 94 7.79 13.95 -4.95
N ASP A 95 6.72 13.79 -5.71
CA ASP A 95 5.82 12.66 -5.55
C ASP A 95 6.53 11.35 -5.89
N PRO A 96 6.58 10.37 -4.99
CA PRO A 96 7.19 9.08 -5.35
C PRO A 96 6.37 8.28 -6.34
N THR A 97 5.04 8.39 -6.29
CA THR A 97 4.19 7.46 -7.02
C THR A 97 4.48 7.52 -8.51
N TYR A 98 4.69 8.72 -9.04
CA TYR A 98 5.00 8.88 -10.46
C TYR A 98 6.49 8.74 -10.74
N PHE A 99 7.32 8.55 -9.72
CA PHE A 99 8.74 8.31 -9.94
C PHE A 99 8.99 6.95 -10.59
N GLY A 100 8.00 6.07 -10.61
CA GLY A 100 8.16 4.76 -11.18
C GLY A 100 8.51 4.81 -12.65
N PRO A 101 7.58 5.30 -13.47
CA PRO A 101 7.86 5.37 -14.91
C PRO A 101 9.12 6.15 -15.24
N VAL A 102 9.45 7.19 -14.47
CA VAL A 102 10.67 7.93 -14.72
C VAL A 102 11.88 7.03 -14.53
N LEU A 103 11.94 6.31 -13.41
CA LEU A 103 13.07 5.44 -13.15
C LEU A 103 13.08 4.24 -14.10
N ASN A 104 11.91 3.69 -14.42
CA ASN A 104 11.86 2.54 -15.32
C ASN A 104 12.31 2.93 -16.72
N TYR A 105 11.76 4.02 -17.25
CA TYR A 105 12.22 4.52 -18.54
C TYR A 105 13.72 4.79 -18.50
N LEU A 106 14.23 5.26 -17.36
CA LEU A 106 15.64 5.53 -17.19
C LEU A 106 16.48 4.25 -17.17
N ARG A 107 15.87 3.09 -17.34
CA ARG A 107 16.59 1.83 -17.44
C ARG A 107 16.33 1.07 -18.72
N HIS A 108 15.16 1.25 -19.35
CA HIS A 108 14.82 0.51 -20.56
C HIS A 108 14.14 1.36 -21.62
N GLY A 109 13.97 2.66 -21.40
CA GLY A 109 13.52 3.54 -22.45
C GLY A 109 12.16 3.22 -23.05
N LYS A 110 11.21 2.76 -22.24
CA LYS A 110 9.82 2.65 -22.65
C LYS A 110 8.94 3.10 -21.50
N LEU A 111 7.85 3.77 -21.83
CA LEU A 111 6.99 4.37 -20.82
C LEU A 111 6.12 3.27 -20.22
N VAL A 112 6.62 2.65 -19.15
CA VAL A 112 5.83 1.67 -18.42
C VAL A 112 4.99 2.39 -17.37
N ILE A 113 3.75 1.96 -17.21
CA ILE A 113 2.78 2.65 -16.37
C ILE A 113 2.02 1.63 -15.54
N ASN A 114 1.67 2.01 -14.32
CA ASN A 114 0.62 1.36 -13.56
C ASN A 114 -0.66 2.15 -13.77
N LYS A 115 -1.70 1.46 -14.27
CA LYS A 115 -2.86 2.15 -14.81
C LYS A 115 -3.44 3.15 -13.80
N ASP A 116 -3.41 2.81 -12.52
CA ASP A 116 -3.99 3.69 -11.51
C ASP A 116 -3.35 5.07 -11.49
N LEU A 117 -2.11 5.20 -11.96
CA LEU A 117 -1.43 6.49 -11.96
C LEU A 117 -2.03 7.40 -13.03
N ALA A 118 -1.93 8.71 -12.79
CA ALA A 118 -2.54 9.68 -13.68
C ALA A 118 -1.68 9.90 -14.93
N GLU A 119 -2.35 10.08 -16.06
CA GLU A 119 -1.65 10.33 -17.31
C GLU A 119 -0.89 11.66 -17.26
N GLU A 120 -1.58 12.74 -16.86
CA GLU A 120 -0.89 14.02 -16.76
C GLU A 120 0.17 14.02 -15.65
N GLY A 121 -0.09 13.33 -14.54
CA GLY A 121 0.84 13.39 -13.43
C GLY A 121 2.24 12.95 -13.82
N VAL A 122 2.34 11.95 -14.69
CA VAL A 122 3.66 11.53 -15.17
C VAL A 122 4.26 12.60 -16.08
N LEU A 123 3.42 13.29 -16.86
CA LEU A 123 3.91 14.43 -17.64
C LEU A 123 4.55 15.48 -16.76
N GLU A 124 3.83 15.93 -15.73
CA GLU A 124 4.42 16.89 -14.81
C GLU A 124 5.62 16.29 -14.09
N GLU A 125 5.52 15.04 -13.66
CA GLU A 125 6.56 14.46 -12.83
C GLU A 125 7.89 14.44 -13.57
N ALA A 126 7.90 13.90 -14.79
CA ALA A 126 9.12 13.88 -15.58
C ALA A 126 9.57 15.29 -15.93
N GLU A 127 8.61 16.15 -16.31
CA GLU A 127 8.93 17.54 -16.64
C GLU A 127 9.88 18.14 -15.60
N PHE A 128 9.63 17.88 -14.33
CA PHE A 128 10.51 18.38 -13.28
C PHE A 128 11.90 17.78 -13.43
N TYR A 129 11.99 16.48 -13.71
CA TYR A 129 13.30 15.83 -13.78
C TYR A 129 14.03 16.09 -15.09
N ASN A 130 13.35 16.63 -16.10
CA ASN A 130 14.02 17.07 -17.33
C ASN A 130 14.52 15.90 -18.17
N ILE A 131 13.72 14.84 -18.28
CA ILE A 131 13.99 13.78 -19.24
C ILE A 131 13.22 14.09 -20.52
N THR A 132 13.84 14.85 -21.42
CA THR A 132 13.16 15.35 -22.61
C THR A 132 12.54 14.25 -23.45
N SER A 133 13.33 13.24 -23.82
CA SER A 133 12.84 12.19 -24.69
C SER A 133 11.57 11.57 -24.13
N LEU A 134 11.55 11.37 -22.80
CA LEU A 134 10.38 10.76 -22.18
C LEU A 134 9.17 11.69 -22.26
N ILE A 135 9.34 12.94 -21.85
CA ILE A 135 8.19 13.85 -21.80
C ILE A 135 7.58 14.00 -23.18
N LYS A 136 8.38 13.80 -24.22
CA LYS A 136 7.81 13.68 -25.57
C LYS A 136 6.90 12.46 -25.63
N LEU A 137 7.42 11.30 -25.24
CA LEU A 137 6.65 10.07 -25.32
C LEU A 137 5.31 10.22 -24.61
N VAL A 138 5.33 10.71 -23.37
CA VAL A 138 4.09 10.86 -22.63
C VAL A 138 3.17 11.84 -23.35
N LYS A 139 3.72 12.95 -23.85
CA LYS A 139 2.90 13.89 -24.61
C LYS A 139 2.27 13.21 -25.82
N ASP A 140 2.92 12.18 -26.37
CA ASP A 140 2.24 11.35 -27.36
C ASP A 140 1.21 10.45 -26.68
N LYS A 141 1.58 9.88 -25.54
CA LYS A 141 0.65 9.01 -24.81
C LYS A 141 -0.65 9.75 -24.50
N ILE A 142 -0.55 10.94 -23.92
CA ILE A 142 -1.73 11.75 -23.70
C ILE A 142 -2.44 12.04 -25.01
N ARG A 143 -1.69 12.40 -26.05
CA ARG A 143 -2.31 12.69 -27.34
C ARG A 143 -3.11 11.50 -27.83
N GLU A 144 -2.52 10.31 -27.77
CA GLU A 144 -3.27 9.11 -28.14
C GLU A 144 -4.48 8.93 -27.23
N ARG A 145 -4.29 9.12 -25.93
CA ARG A 145 -5.38 8.90 -24.98
C ARG A 145 -6.56 9.82 -25.27
N ASP A 146 -6.31 11.13 -25.36
CA ASP A 146 -7.40 12.07 -25.56
C ASP A 146 -7.93 12.00 -26.98
N SER A 147 -7.02 11.93 -27.97
CA SER A 147 -7.45 11.88 -29.36
C SER A 147 -8.49 10.80 -29.58
N LYS A 148 -8.20 9.58 -29.13
CA LYS A 148 -9.23 8.53 -29.11
C LYS A 148 -10.40 9.00 -28.27
N THR A 149 -10.13 9.51 -27.08
CA THR A 149 -11.19 10.04 -26.23
C THR A 149 -11.92 11.20 -26.87
N SER A 150 -11.31 11.87 -27.85
CA SER A 150 -11.90 13.05 -28.47
C SER A 150 -12.74 12.72 -29.70
N GLN A 151 -12.93 11.45 -30.03
CA GLN A 151 -13.65 11.04 -31.23
C GLN A 151 -14.89 10.27 -30.86
N VAL A 152 -15.96 10.46 -31.63
CA VAL A 152 -17.20 9.72 -31.48
C VAL A 152 -17.78 9.50 -32.88
N PRO A 153 -17.93 8.25 -33.35
CA PRO A 153 -18.46 8.04 -34.70
C PRO A 153 -19.85 8.64 -34.92
N GLY B 40 20.98 25.62 11.90
CA GLY B 40 19.92 26.64 12.09
C GLY B 40 18.78 26.19 12.99
N SER B 41 18.95 25.01 13.60
CA SER B 41 17.96 24.43 14.49
C SER B 41 16.59 24.32 13.84
N VAL B 42 16.53 24.35 12.50
CA VAL B 42 15.28 24.26 11.76
C VAL B 42 15.59 23.57 10.43
N SER B 43 14.56 22.97 9.84
CA SER B 43 14.70 22.24 8.58
C SER B 43 13.75 22.84 7.56
N LYS B 44 14.00 22.50 6.29
CA LYS B 44 13.16 22.93 5.17
C LYS B 44 12.27 21.81 4.66
N TRP B 45 12.40 20.60 5.19
CA TRP B 45 11.60 19.46 4.76
C TRP B 45 10.77 18.98 5.94
N VAL B 46 9.48 18.76 5.70
CA VAL B 46 8.55 18.33 6.73
C VAL B 46 8.00 16.96 6.38
N ARG B 47 7.54 16.24 7.39
CA ARG B 47 6.95 14.92 7.23
C ARG B 47 5.49 14.96 7.68
N LEU B 48 4.58 15.07 6.72
CA LEU B 48 3.16 15.04 7.02
C LEU B 48 2.73 13.59 7.24
N ASN B 49 2.32 13.26 8.46
CA ASN B 49 1.83 11.92 8.77
C ASN B 49 0.34 11.85 8.51
N VAL B 50 -0.08 12.25 7.30
CA VAL B 50 -1.50 12.31 6.98
C VAL B 50 -2.07 10.90 6.95
N GLY B 51 -3.16 10.69 7.68
CA GLY B 51 -3.89 9.44 7.62
C GLY B 51 -3.01 8.23 7.88
N GLY B 52 -1.97 8.41 8.69
CA GLY B 52 -0.99 7.38 8.94
C GLY B 52 0.10 7.30 7.88
N THR B 53 -0.22 7.66 6.64
CA THR B 53 0.79 7.70 5.59
C THR B 53 1.78 8.83 5.85
N TYR B 54 3.04 8.60 5.47
CA TYR B 54 4.09 9.61 5.56
C TYR B 54 4.26 10.28 4.21
N PHE B 55 3.92 11.56 4.15
CA PHE B 55 4.19 12.40 2.99
C PHE B 55 5.35 13.32 3.32
N LEU B 56 6.37 13.32 2.48
CA LEU B 56 7.53 14.20 2.67
C LEU B 56 7.44 15.34 1.66
N THR B 57 7.70 16.56 2.13
CA THR B 57 7.57 17.74 1.29
C THR B 57 8.31 18.90 1.97
N THR B 58 8.67 19.89 1.16
CA THR B 58 9.53 20.98 1.62
C THR B 58 8.68 22.22 1.92
N ARG B 59 9.10 22.98 2.94
CA ARG B 59 8.32 24.11 3.44
C ARG B 59 7.75 24.95 2.30
N GLN B 60 8.62 25.46 1.42
CA GLN B 60 8.15 26.35 0.37
C GLN B 60 7.14 25.67 -0.56
N THR B 61 7.09 24.34 -0.55
CA THR B 61 6.09 23.66 -1.35
C THR B 61 4.68 23.94 -0.85
N LEU B 62 4.50 24.08 0.47
CA LEU B 62 3.17 24.19 1.04
C LEU B 62 2.64 25.62 1.02
N CYS B 63 3.49 26.61 0.72
CA CYS B 63 3.14 28.01 0.88
C CYS B 63 2.59 28.62 -0.41
N ARG B 64 1.97 27.83 -1.28
CA ARG B 64 1.33 28.41 -2.45
C ARG B 64 0.14 29.28 -2.06
N ASP B 65 -0.65 28.85 -1.09
CA ASP B 65 -1.75 29.65 -0.54
C ASP B 65 -1.49 29.89 0.94
N PRO B 66 -1.01 31.06 1.35
CA PRO B 66 -0.74 31.28 2.78
C PRO B 66 -1.96 31.15 3.66
N LYS B 67 -3.15 31.36 3.13
CA LYS B 67 -4.37 31.12 3.88
C LYS B 67 -4.66 29.63 4.05
N SER B 68 -3.73 28.77 3.66
CA SER B 68 -3.94 27.34 3.70
C SER B 68 -3.71 26.79 5.10
N PHE B 69 -4.42 25.70 5.40
CA PHE B 69 -4.18 24.98 6.64
C PHE B 69 -2.71 24.60 6.77
N LEU B 70 -2.14 24.02 5.71
CA LEU B 70 -0.76 23.56 5.78
C LEU B 70 0.20 24.71 6.05
N TYR B 71 0.01 25.86 5.41
CA TYR B 71 0.93 26.97 5.63
C TYR B 71 1.06 27.28 7.12
N ARG B 72 -0.05 27.19 7.86
CA ARG B 72 0.05 27.31 9.31
C ARG B 72 0.89 26.19 9.88
N LEU B 73 0.69 24.96 9.38
CA LEU B 73 1.55 23.86 9.80
C LEU B 73 3.00 24.12 9.43
N CYS B 74 3.23 24.84 8.33
CA CYS B 74 4.57 25.07 7.82
C CYS B 74 5.42 25.95 8.73
N GLN B 75 4.81 26.70 9.65
CA GLN B 75 5.54 27.65 10.47
C GLN B 75 6.06 26.99 11.74
N ALA B 76 6.68 27.80 12.59
CA ALA B 76 7.17 27.40 13.90
C ALA B 76 6.44 28.17 14.99
N ASP B 77 5.13 28.29 14.85
CA ASP B 77 4.32 29.16 15.69
C ASP B 77 4.24 28.60 17.10
N PRO B 78 3.64 29.36 18.03
CA PRO B 78 3.52 28.88 19.42
C PRO B 78 2.33 27.95 19.63
N ASP B 79 1.73 27.44 18.55
CA ASP B 79 0.55 26.60 18.66
C ASP B 79 0.66 25.35 17.81
N LEU B 80 1.87 24.84 17.62
CA LEU B 80 2.10 23.67 16.78
C LEU B 80 2.85 22.55 17.49
N ASP B 81 3.64 22.87 18.52
CA ASP B 81 4.55 21.88 19.08
C ASP B 81 3.83 20.61 19.51
N SER B 82 2.57 20.73 19.94
CA SER B 82 1.85 19.56 20.42
C SER B 82 1.69 18.51 19.33
N ASP B 83 1.35 18.95 18.11
CA ASP B 83 1.11 18.03 16.99
C ASP B 83 2.44 17.61 16.39
N LYS B 84 3.09 16.65 17.04
CA LYS B 84 4.35 16.11 16.55
C LYS B 84 4.46 14.63 16.94
N ASP B 85 5.18 13.87 16.11
CA ASP B 85 5.41 12.45 16.32
C ASP B 85 6.79 12.23 16.96
N GLU B 86 7.02 10.99 17.41
CA GLU B 86 8.35 10.64 17.90
C GLU B 86 9.42 10.90 16.86
N THR B 87 9.07 10.78 15.59
CA THR B 87 10.02 11.06 14.52
C THR B 87 10.20 12.56 14.28
N GLY B 88 9.25 13.36 14.73
CA GLY B 88 9.16 14.75 14.33
C GLY B 88 8.12 15.03 13.26
N ALA B 89 7.59 13.99 12.63
CA ALA B 89 6.53 14.17 11.66
C ALA B 89 5.29 14.75 12.33
N TYR B 90 4.68 15.72 11.66
CA TYR B 90 3.46 16.34 12.15
C TYR B 90 2.31 15.36 11.96
N LEU B 91 1.52 15.17 13.02
CA LEU B 91 0.44 14.20 13.02
C LEU B 91 -0.83 14.88 12.53
N ILE B 92 -1.25 14.55 11.32
CA ILE B 92 -2.45 15.11 10.71
C ILE B 92 -3.45 13.98 10.55
N ASP B 93 -4.74 14.30 10.68
CA ASP B 93 -5.78 13.30 10.85
C ASP B 93 -6.84 13.36 9.75
N ARG B 94 -6.43 13.49 8.49
CA ARG B 94 -7.34 13.43 7.37
C ARG B 94 -6.92 12.31 6.44
N ASP B 95 -7.67 12.16 5.34
CA ASP B 95 -7.46 11.04 4.42
C ASP B 95 -6.03 11.04 3.89
N PRO B 96 -5.34 9.90 3.89
CA PRO B 96 -3.97 9.88 3.34
C PRO B 96 -3.91 9.72 1.85
N THR B 97 -5.00 9.33 1.19
CA THR B 97 -4.98 9.01 -0.23
C THR B 97 -5.47 10.15 -1.10
N TYR B 98 -6.56 10.81 -0.71
CA TYR B 98 -7.01 11.98 -1.44
C TYR B 98 -6.09 13.17 -1.24
N PHE B 99 -5.12 13.06 -0.33
CA PHE B 99 -4.14 14.11 -0.11
C PHE B 99 -3.18 14.28 -1.29
N GLY B 100 -3.08 13.29 -2.16
CA GLY B 100 -2.12 13.33 -3.24
C GLY B 100 -2.34 14.49 -4.17
N PRO B 101 -3.56 14.65 -4.70
CA PRO B 101 -3.83 15.80 -5.55
C PRO B 101 -3.58 17.13 -4.86
N VAL B 102 -3.88 17.21 -3.57
CA VAL B 102 -3.69 18.47 -2.84
C VAL B 102 -2.20 18.82 -2.78
N LEU B 103 -1.38 17.87 -2.35
CA LEU B 103 0.04 18.14 -2.17
C LEU B 103 0.73 18.41 -3.50
N ASN B 104 0.41 17.64 -4.54
CA ASN B 104 1.06 17.85 -5.83
C ASN B 104 0.67 19.20 -6.43
N TYR B 105 -0.59 19.61 -6.25
CA TYR B 105 -0.97 20.96 -6.68
C TYR B 105 -0.09 22.01 -6.01
N LEU B 106 0.25 21.80 -4.74
CA LEU B 106 1.18 22.71 -4.07
C LEU B 106 2.60 22.54 -4.59
N ARG B 107 2.84 21.49 -5.37
CA ARG B 107 4.16 21.31 -5.97
C ARG B 107 4.21 21.88 -7.38
N HIS B 108 3.28 21.48 -8.24
CA HIS B 108 3.30 21.90 -9.63
C HIS B 108 1.96 22.48 -10.08
N GLY B 109 1.23 23.09 -9.16
CA GLY B 109 0.06 23.88 -9.52
C GLY B 109 -0.88 23.23 -10.52
N LYS B 110 -0.92 21.91 -10.58
CA LYS B 110 -1.89 21.22 -11.41
C LYS B 110 -2.46 20.05 -10.63
N LEU B 111 -3.72 19.71 -10.93
CA LEU B 111 -4.44 18.64 -10.25
C LEU B 111 -3.93 17.31 -10.78
N VAL B 112 -3.61 16.40 -9.87
CA VAL B 112 -3.23 15.03 -10.25
C VAL B 112 -4.25 14.10 -9.59
N ILE B 113 -5.31 13.80 -10.32
CA ILE B 113 -6.33 12.86 -9.86
C ILE B 113 -6.03 11.50 -10.47
N ASN B 114 -5.48 10.59 -9.67
CA ASN B 114 -5.40 9.21 -10.09
C ASN B 114 -6.76 8.78 -10.61
N LYS B 115 -6.79 8.21 -11.82
CA LYS B 115 -8.03 8.13 -12.58
C LYS B 115 -9.15 7.53 -11.75
N ASP B 116 -8.87 6.48 -10.97
CA ASP B 116 -9.90 5.83 -10.18
C ASP B 116 -10.54 6.74 -9.14
N LEU B 117 -9.77 7.60 -8.48
CA LEU B 117 -10.32 8.45 -7.43
C LEU B 117 -11.52 9.23 -7.95
N ALA B 118 -12.36 9.66 -7.02
CA ALA B 118 -13.57 10.41 -7.37
C ALA B 118 -13.33 11.90 -7.21
N GLU B 119 -13.69 12.66 -8.23
CA GLU B 119 -13.53 14.12 -8.16
C GLU B 119 -14.26 14.70 -6.95
N GLU B 120 -15.43 14.14 -6.62
CA GLU B 120 -16.19 14.65 -5.48
C GLU B 120 -15.48 14.40 -4.16
N GLY B 121 -14.45 13.57 -4.14
CA GLY B 121 -13.81 13.21 -2.89
C GLY B 121 -12.67 14.12 -2.50
N VAL B 122 -11.86 14.54 -3.47
CA VAL B 122 -10.78 15.48 -3.18
C VAL B 122 -11.34 16.84 -2.80
N LEU B 123 -12.44 17.26 -3.44
CA LEU B 123 -13.05 18.55 -3.14
C LEU B 123 -13.18 18.76 -1.64
N GLU B 124 -13.74 17.78 -0.94
CA GLU B 124 -13.93 17.90 0.49
C GLU B 124 -12.67 17.60 1.29
N GLU B 125 -11.63 17.11 0.64
CA GLU B 125 -10.29 17.17 1.22
C GLU B 125 -9.63 18.50 0.94
N ALA B 126 -9.88 19.06 -0.24
CA ALA B 126 -9.39 20.41 -0.55
C ALA B 126 -9.96 21.43 0.43
N GLU B 127 -11.28 21.38 0.65
CA GLU B 127 -11.93 22.34 1.52
C GLU B 127 -11.23 22.41 2.88
N PHE B 128 -10.89 21.26 3.44
CA PHE B 128 -10.27 21.24 4.76
C PHE B 128 -8.94 21.98 4.76
N TYR B 129 -8.11 21.73 3.75
CA TYR B 129 -6.78 22.33 3.73
C TYR B 129 -6.80 23.83 3.42
N ASN B 130 -7.91 24.34 2.90
CA ASN B 130 -8.06 25.75 2.58
C ASN B 130 -7.09 26.18 1.48
N ILE B 131 -7.11 25.44 0.37
CA ILE B 131 -6.48 25.88 -0.87
C ILE B 131 -7.62 26.43 -1.71
N THR B 132 -7.88 27.72 -1.55
CA THR B 132 -9.10 28.30 -2.14
C THR B 132 -9.11 28.13 -3.66
N SER B 133 -8.00 28.43 -4.32
CA SER B 133 -7.95 28.30 -5.77
C SER B 133 -8.15 26.85 -6.19
N LEU B 134 -7.50 25.91 -5.48
CA LEU B 134 -7.67 24.50 -5.79
C LEU B 134 -9.12 24.08 -5.61
N ILE B 135 -9.77 24.57 -4.56
CA ILE B 135 -11.19 24.28 -4.39
C ILE B 135 -11.96 24.67 -5.64
N LYS B 136 -11.57 25.79 -6.26
CA LYS B 136 -12.29 26.27 -7.42
C LYS B 136 -12.20 25.29 -8.58
N LEU B 137 -10.97 24.90 -8.97
CA LEU B 137 -10.82 24.19 -10.23
C LEU B 137 -11.39 22.78 -10.14
N VAL B 138 -11.33 22.14 -8.97
CA VAL B 138 -11.99 20.85 -8.80
C VAL B 138 -13.49 21.00 -8.99
N LYS B 139 -14.08 22.01 -8.35
CA LYS B 139 -15.52 22.22 -8.51
C LYS B 139 -15.90 22.28 -9.98
N ASP B 140 -15.15 23.05 -10.78
CA ASP B 140 -15.39 23.05 -12.21
C ASP B 140 -15.19 21.64 -12.79
N LYS B 141 -14.12 20.95 -12.38
CA LYS B 141 -13.94 19.58 -12.81
C LYS B 141 -15.17 18.74 -12.50
N ILE B 142 -15.71 18.87 -11.28
CA ILE B 142 -16.97 18.22 -10.96
C ILE B 142 -18.04 18.68 -11.95
N ARG B 143 -18.14 19.98 -12.17
CA ARG B 143 -19.05 20.49 -13.19
C ARG B 143 -18.63 20.02 -14.57
N GLU B 144 -17.33 19.93 -14.82
CA GLU B 144 -16.85 19.47 -16.12
C GLU B 144 -17.31 18.04 -16.38
N ARG B 145 -17.24 17.19 -15.35
CA ARG B 145 -17.60 15.79 -15.55
C ARG B 145 -19.06 15.67 -15.98
N ASP B 146 -19.95 16.44 -15.36
CA ASP B 146 -21.36 16.37 -15.72
C ASP B 146 -21.64 16.81 -17.14
N SER B 147 -20.76 17.64 -17.72
CA SER B 147 -20.93 18.00 -19.12
C SER B 147 -21.02 16.77 -20.01
N LYS B 148 -20.22 15.75 -19.70
CA LYS B 148 -20.26 14.48 -20.43
C LYS B 148 -21.13 13.43 -19.75
N THR B 149 -21.21 13.45 -18.41
CA THR B 149 -21.98 12.43 -17.71
C THR B 149 -23.44 12.81 -17.51
N SER B 150 -23.73 14.10 -17.28
CA SER B 150 -25.11 14.58 -17.17
C SER B 150 -25.65 15.04 -18.51
N GLN B 151 -24.95 14.70 -19.59
CA GLN B 151 -25.36 15.12 -20.91
C GLN B 151 -26.68 14.46 -21.31
N VAL B 152 -27.30 15.01 -22.35
CA VAL B 152 -28.43 14.39 -23.03
C VAL B 152 -27.98 14.07 -24.45
N PRO B 153 -27.91 12.78 -24.85
CA PRO B 153 -27.38 12.44 -26.18
C PRO B 153 -28.01 13.24 -27.31
N GLY C 40 1.58 8.71 27.18
CA GLY C 40 0.45 9.47 27.80
C GLY C 40 -0.71 8.58 28.18
N SER C 41 -1.41 8.95 29.26
CA SER C 41 -2.55 8.16 29.69
C SER C 41 -3.58 8.00 28.58
N VAL C 42 -3.78 9.04 27.78
CA VAL C 42 -4.68 9.00 26.63
C VAL C 42 -3.97 9.62 25.44
N SER C 43 -4.49 9.31 24.25
CA SER C 43 -4.00 9.91 23.02
C SER C 43 -5.19 10.08 22.10
N LYS C 44 -5.38 11.31 21.62
CA LYS C 44 -6.53 11.61 20.78
C LYS C 44 -6.49 10.86 19.45
N TRP C 45 -5.35 10.27 19.10
CA TRP C 45 -5.21 9.51 17.87
C TRP C 45 -5.39 8.03 18.17
N VAL C 46 -6.32 7.40 17.45
CA VAL C 46 -6.56 5.97 17.55
C VAL C 46 -6.00 5.30 16.31
N ARG C 47 -5.34 4.16 16.50
CA ARG C 47 -4.63 3.46 15.44
C ARG C 47 -5.41 2.19 15.10
N LEU C 48 -6.09 2.18 13.96
CA LEU C 48 -6.92 1.06 13.54
C LEU C 48 -6.14 0.17 12.58
N ASN C 49 -6.11 -1.12 12.87
CA ASN C 49 -5.59 -2.15 11.96
C ASN C 49 -6.80 -2.84 11.34
N VAL C 50 -7.35 -2.23 10.29
CA VAL C 50 -8.62 -2.67 9.72
C VAL C 50 -8.30 -3.72 8.67
N GLY C 51 -8.11 -4.96 9.11
CA GLY C 51 -7.97 -6.07 8.20
C GLY C 51 -6.72 -6.06 7.36
N GLY C 52 -5.67 -5.38 7.79
CA GLY C 52 -4.40 -5.43 7.11
C GLY C 52 -3.83 -4.08 6.73
N THR C 53 -4.70 -3.10 6.49
CA THR C 53 -4.28 -1.74 6.13
C THR C 53 -4.52 -0.82 7.32
N TYR C 54 -3.45 -0.19 7.78
CA TYR C 54 -3.53 0.67 8.95
C TYR C 54 -4.31 1.94 8.63
N PHE C 55 -5.09 2.41 9.61
CA PHE C 55 -5.77 3.69 9.53
C PHE C 55 -5.52 4.44 10.82
N LEU C 56 -5.08 5.69 10.72
CA LEU C 56 -4.87 6.56 11.85
C LEU C 56 -5.87 7.70 11.79
N THR C 57 -6.62 7.90 12.86
CA THR C 57 -7.69 8.88 12.87
C THR C 57 -7.89 9.39 14.29
N THR C 58 -8.62 10.49 14.40
CA THR C 58 -8.84 11.13 15.68
C THR C 58 -10.03 10.50 16.41
N ARG C 59 -9.93 10.44 17.74
CA ARG C 59 -11.06 9.94 18.54
C ARG C 59 -12.34 10.66 18.17
N GLN C 60 -12.28 11.99 18.05
CA GLN C 60 -13.48 12.76 17.74
C GLN C 60 -14.11 12.29 16.44
N THR C 61 -13.30 11.93 15.44
CA THR C 61 -13.84 11.53 14.15
C THR C 61 -14.63 10.24 14.27
N LEU C 62 -14.15 9.30 15.08
CA LEU C 62 -14.87 8.04 15.28
C LEU C 62 -16.12 8.24 16.12
N CYS C 63 -16.11 9.21 17.05
CA CYS C 63 -17.19 9.42 17.98
C CYS C 63 -18.30 10.30 17.43
N ARG C 64 -18.45 10.39 16.11
CA ARG C 64 -19.42 11.31 15.54
C ARG C 64 -20.84 10.99 16.01
N ASP C 65 -21.22 9.71 16.02
CA ASP C 65 -22.48 9.30 16.62
C ASP C 65 -22.22 8.08 17.51
N PRO C 66 -22.45 8.18 18.83
CA PRO C 66 -21.94 7.12 19.73
C PRO C 66 -22.50 5.74 19.45
N LYS C 67 -23.65 5.62 18.78
CA LYS C 67 -24.16 4.29 18.47
C LYS C 67 -23.18 3.51 17.60
N SER C 68 -22.34 4.21 16.85
CA SER C 68 -21.40 3.55 15.94
C SER C 68 -20.52 2.58 16.70
N PHE C 69 -20.38 1.37 16.15
CA PHE C 69 -19.47 0.40 16.73
C PHE C 69 -18.06 0.95 16.84
N LEU C 70 -17.67 1.84 15.93
CA LEU C 70 -16.36 2.48 16.04
C LEU C 70 -16.25 3.26 17.33
N TYR C 71 -17.28 4.02 17.68
CA TYR C 71 -17.27 4.76 18.93
C TYR C 71 -17.01 3.83 20.11
N ARG C 72 -17.69 2.69 20.15
CA ARG C 72 -17.50 1.76 21.25
C ARG C 72 -16.04 1.38 21.40
N LEU C 73 -15.31 1.29 20.29
CA LEU C 73 -13.89 0.97 20.37
C LEU C 73 -13.11 2.06 21.08
N CYS C 74 -13.45 3.33 20.81
CA CYS C 74 -12.64 4.44 21.32
C CYS C 74 -12.63 4.49 22.85
N GLN C 75 -13.75 4.13 23.49
CA GLN C 75 -13.85 4.27 24.93
C GLN C 75 -12.67 3.61 25.64
N ALA C 76 -12.33 4.15 26.80
CA ALA C 76 -11.22 3.63 27.61
C ALA C 76 -11.66 2.56 28.60
N ASP C 77 -12.92 2.16 28.57
CA ASP C 77 -13.44 1.12 29.46
C ASP C 77 -12.62 -0.15 29.32
N PRO C 78 -12.73 -1.09 30.27
CA PRO C 78 -11.83 -2.25 30.27
C PRO C 78 -12.30 -3.42 29.40
N ASP C 79 -13.44 -3.30 28.71
CA ASP C 79 -13.93 -4.43 27.93
C ASP C 79 -12.95 -4.83 26.84
N LEU C 80 -12.51 -3.88 26.03
CA LEU C 80 -11.72 -4.15 24.84
C LEU C 80 -10.25 -4.34 25.22
N ASP C 81 -9.63 -5.36 24.63
CA ASP C 81 -8.20 -5.59 24.82
C ASP C 81 -7.47 -6.03 23.55
N SER C 82 -8.13 -6.03 22.40
CA SER C 82 -7.55 -6.56 21.17
C SER C 82 -6.72 -5.47 20.50
N ASP C 83 -5.41 -5.62 20.52
CA ASP C 83 -4.51 -4.73 19.81
C ASP C 83 -3.17 -5.41 19.65
N LYS C 84 -2.44 -5.01 18.61
CA LYS C 84 -1.07 -5.48 18.46
C LYS C 84 -0.25 -4.96 19.64
N ASP C 85 0.44 -5.87 20.33
CA ASP C 85 1.09 -5.51 21.58
C ASP C 85 2.13 -4.42 21.38
N GLU C 86 2.95 -4.55 20.34
CA GLU C 86 4.04 -3.59 20.13
C GLU C 86 3.50 -2.18 19.89
N THR C 87 2.52 -2.05 19.00
CA THR C 87 2.10 -0.75 18.51
C THR C 87 0.79 -0.23 19.10
N GLY C 88 0.01 -1.07 19.75
CA GLY C 88 -1.24 -0.61 20.33
C GLY C 88 -2.27 -0.12 19.31
N ALA C 89 -2.44 -0.85 18.21
CA ALA C 89 -3.46 -0.53 17.22
C ALA C 89 -4.60 -1.53 17.33
N TYR C 90 -5.82 -1.04 17.38
CA TYR C 90 -6.98 -1.92 17.49
C TYR C 90 -7.02 -2.85 16.29
N LEU C 91 -7.20 -4.14 16.55
CA LEU C 91 -7.35 -5.13 15.49
C LEU C 91 -8.82 -5.25 15.13
N ILE C 92 -9.19 -4.70 13.97
CA ILE C 92 -10.54 -4.82 13.43
C ILE C 92 -10.43 -5.65 12.16
N ASP C 93 -11.14 -6.77 12.12
CA ASP C 93 -10.99 -7.74 11.03
C ASP C 93 -12.11 -7.51 10.00
N ARG C 94 -11.88 -6.51 9.16
CA ARG C 94 -12.79 -6.19 8.07
C ARG C 94 -12.00 -5.66 6.89
N ASP C 95 -12.67 -5.53 5.76
CA ASP C 95 -12.02 -5.13 4.51
C ASP C 95 -11.42 -3.74 4.63
N PRO C 96 -10.09 -3.59 4.64
CA PRO C 96 -9.52 -2.23 4.71
C PRO C 96 -9.95 -1.34 3.56
N THR C 97 -10.12 -1.90 2.37
CA THR C 97 -10.44 -1.08 1.20
C THR C 97 -11.74 -0.32 1.42
N TYR C 98 -12.80 -1.03 1.79
CA TYR C 98 -14.11 -0.41 1.94
C TYR C 98 -14.20 0.46 3.18
N PHE C 99 -13.20 0.43 4.06
CA PHE C 99 -13.25 1.22 5.28
C PHE C 99 -13.04 2.70 5.04
N GLY C 100 -12.47 3.08 3.90
CA GLY C 100 -12.19 4.46 3.62
C GLY C 100 -13.45 5.30 3.57
N PRO C 101 -14.42 4.88 2.76
CA PRO C 101 -15.71 5.59 2.75
C PRO C 101 -16.37 5.64 4.12
N VAL C 102 -16.25 4.58 4.91
CA VAL C 102 -16.84 4.59 6.25
C VAL C 102 -16.15 5.62 7.13
N LEU C 103 -14.82 5.62 7.13
CA LEU C 103 -14.10 6.57 7.96
C LEU C 103 -14.23 7.99 7.43
N ASN C 104 -14.28 8.16 6.10
CA ASN C 104 -14.42 9.50 5.53
C ASN C 104 -15.72 10.15 5.99
N TYR C 105 -16.82 9.41 5.96
CA TYR C 105 -18.07 9.95 6.50
C TYR C 105 -17.90 10.32 7.96
N LEU C 106 -17.15 9.55 8.71
CA LEU C 106 -16.90 9.84 10.11
C LEU C 106 -15.84 10.92 10.29
N ARG C 107 -15.25 11.41 9.20
CA ARG C 107 -14.28 12.51 9.23
C ARG C 107 -14.86 13.80 8.67
N HIS C 108 -15.65 13.71 7.59
CA HIS C 108 -16.20 14.90 6.96
C HIS C 108 -17.64 14.72 6.52
N GLY C 109 -18.35 13.74 7.05
CA GLY C 109 -19.79 13.67 6.87
C GLY C 109 -20.27 13.63 5.43
N LYS C 110 -19.64 12.81 4.59
CA LYS C 110 -20.13 12.57 3.24
C LYS C 110 -19.67 11.19 2.78
N LEU C 111 -20.32 10.71 1.72
CA LEU C 111 -20.00 9.41 1.14
C LEU C 111 -19.05 9.62 -0.02
N VAL C 112 -17.77 9.32 0.22
CA VAL C 112 -16.76 9.33 -0.83
C VAL C 112 -16.37 7.88 -1.09
N ILE C 113 -16.57 7.43 -2.32
CA ILE C 113 -16.26 6.05 -2.71
C ILE C 113 -15.47 6.11 -4.01
N ASN C 114 -14.27 5.54 -4.00
CA ASN C 114 -13.49 5.45 -5.22
C ASN C 114 -14.26 4.60 -6.24
N LYS C 115 -14.07 4.92 -7.52
CA LYS C 115 -14.87 4.27 -8.56
C LYS C 115 -14.75 2.75 -8.53
N ASP C 116 -13.60 2.22 -8.10
CA ASP C 116 -13.43 0.77 -8.09
C ASP C 116 -14.19 0.12 -6.93
N LEU C 117 -14.17 0.75 -5.75
CA LEU C 117 -14.83 0.17 -4.60
C LEU C 117 -16.32 -0.02 -4.87
N ALA C 118 -16.82 -1.20 -4.57
CA ALA C 118 -18.24 -1.49 -4.80
C ALA C 118 -19.10 -0.77 -3.77
N GLU C 119 -20.14 -0.10 -4.25
CA GLU C 119 -21.07 0.56 -3.35
C GLU C 119 -21.70 -0.43 -2.38
N GLU C 120 -22.10 -1.60 -2.88
CA GLU C 120 -22.61 -2.62 -1.98
C GLU C 120 -21.58 -3.01 -0.94
N GLY C 121 -20.30 -2.99 -1.31
CA GLY C 121 -19.27 -3.39 -0.36
C GLY C 121 -19.18 -2.44 0.82
N VAL C 122 -19.19 -1.13 0.56
CA VAL C 122 -19.22 -0.18 1.66
C VAL C 122 -20.53 -0.31 2.44
N LEU C 123 -21.64 -0.47 1.74
CA LEU C 123 -22.93 -0.62 2.41
C LEU C 123 -22.86 -1.65 3.51
N GLU C 124 -22.54 -2.89 3.15
CA GLU C 124 -22.43 -3.93 4.17
C GLU C 124 -21.31 -3.59 5.14
N GLU C 125 -20.17 -3.10 4.63
CA GLU C 125 -19.11 -2.62 5.51
C GLU C 125 -19.64 -1.60 6.49
N ALA C 126 -20.44 -0.64 6.02
CA ALA C 126 -21.02 0.35 6.92
C ALA C 126 -21.94 -0.31 7.93
N GLU C 127 -22.74 -1.28 7.49
CA GLU C 127 -23.66 -1.97 8.39
C GLU C 127 -22.93 -2.52 9.61
N PHE C 128 -21.70 -2.99 9.42
CA PHE C 128 -20.97 -3.59 10.53
C PHE C 128 -20.71 -2.58 11.64
N TYR C 129 -20.32 -1.36 11.26
CA TYR C 129 -19.96 -0.36 12.26
C TYR C 129 -21.17 0.33 12.87
N ASN C 130 -22.35 0.16 12.29
CA ASN C 130 -23.61 0.64 12.88
C ASN C 130 -23.72 2.16 12.86
N ILE C 131 -23.23 2.80 11.80
CA ILE C 131 -23.38 4.25 11.64
C ILE C 131 -24.70 4.46 10.89
N THR C 132 -25.81 4.43 11.64
CA THR C 132 -27.13 4.36 11.03
C THR C 132 -27.32 5.40 9.94
N SER C 133 -26.65 6.54 10.03
CA SER C 133 -26.79 7.55 8.99
C SER C 133 -26.15 7.12 7.69
N LEU C 134 -24.93 6.57 7.74
CA LEU C 134 -24.25 6.17 6.52
C LEU C 134 -25.07 5.15 5.75
N ILE C 135 -25.51 4.08 6.42
CA ILE C 135 -26.37 3.11 5.75
C ILE C 135 -27.62 3.79 5.23
N LYS C 136 -28.17 4.73 6.01
CA LYS C 136 -29.29 5.52 5.52
C LYS C 136 -28.96 6.19 4.19
N LEU C 137 -27.73 6.65 3.98
CA LEU C 137 -27.31 7.21 2.71
C LEU C 137 -27.02 6.18 1.63
N VAL C 138 -26.24 5.14 1.92
CA VAL C 138 -25.71 4.29 0.87
C VAL C 138 -26.83 3.67 0.03
N LYS C 139 -27.90 3.21 0.67
CA LYS C 139 -28.97 2.56 -0.08
C LYS C 139 -29.54 3.49 -1.15
N ASP C 140 -29.62 4.80 -0.83
CA ASP C 140 -30.13 5.74 -1.83
C ASP C 140 -29.22 5.82 -3.03
N LYS C 141 -27.92 6.04 -2.81
CA LYS C 141 -26.98 6.01 -3.92
C LYS C 141 -27.07 4.69 -4.66
N ILE C 142 -27.10 3.58 -3.91
CA ILE C 142 -27.32 2.27 -4.51
C ILE C 142 -28.57 2.31 -5.40
N ARG C 143 -29.70 2.70 -4.81
CA ARG C 143 -30.92 2.80 -5.59
C ARG C 143 -30.76 3.82 -6.71
N GLU C 144 -30.14 4.96 -6.42
CA GLU C 144 -29.90 5.95 -7.46
C GLU C 144 -29.05 5.36 -8.58
N ARG C 145 -28.00 4.63 -8.21
CA ARG C 145 -27.14 3.99 -9.21
C ARG C 145 -27.96 3.08 -10.11
N ASP C 146 -28.74 2.18 -9.50
CA ASP C 146 -29.47 1.19 -10.29
C ASP C 146 -30.60 1.84 -11.06
N SER C 147 -31.38 2.71 -10.42
CA SER C 147 -32.50 3.35 -11.09
C SER C 147 -32.03 4.07 -12.34
N LYS C 148 -30.93 4.82 -12.25
CA LYS C 148 -30.41 5.53 -13.41
C LYS C 148 -30.02 4.55 -14.51
N THR C 149 -29.32 3.47 -14.15
CA THR C 149 -28.85 2.53 -15.15
C THR C 149 -30.02 1.87 -15.89
N SER C 150 -30.84 1.11 -15.16
CA SER C 150 -31.90 0.34 -15.80
C SER C 150 -32.99 1.21 -16.40
N GLN C 151 -33.00 2.51 -16.08
CA GLN C 151 -34.04 3.39 -16.60
C GLN C 151 -34.09 3.37 -18.12
N VAL C 152 -35.20 2.89 -18.66
CA VAL C 152 -35.51 3.03 -20.08
C VAL C 152 -35.93 4.47 -20.30
N PRO C 153 -35.64 5.08 -21.46
CA PRO C 153 -36.06 6.48 -21.64
C PRO C 153 -37.56 6.68 -21.46
N GLY D 40 -0.61 -17.93 22.88
CA GLY D 40 0.79 -18.06 22.39
C GLY D 40 0.93 -19.17 21.39
N SER D 41 0.80 -20.41 21.86
CA SER D 41 0.76 -21.55 20.95
C SER D 41 -0.40 -21.43 19.98
N VAL D 42 -1.44 -20.71 20.36
CA VAL D 42 -2.59 -20.43 19.51
C VAL D 42 -2.92 -18.95 19.61
N SER D 43 -3.59 -18.44 18.58
CA SER D 43 -3.99 -17.04 18.55
C SER D 43 -5.27 -16.94 17.73
N LYS D 44 -5.98 -15.83 17.87
CA LYS D 44 -7.28 -15.65 17.25
C LYS D 44 -7.19 -14.99 15.88
N TRP D 45 -6.01 -14.55 15.47
CA TRP D 45 -5.83 -13.85 14.20
C TRP D 45 -4.90 -14.65 13.30
N VAL D 46 -5.34 -14.88 12.08
CA VAL D 46 -4.56 -15.59 11.07
C VAL D 46 -4.23 -14.59 9.96
N ARG D 47 -2.98 -14.60 9.52
CA ARG D 47 -2.46 -13.62 8.56
C ARG D 47 -2.14 -14.35 7.26
N LEU D 48 -2.81 -13.96 6.19
CA LEU D 48 -2.65 -14.61 4.89
C LEU D 48 -1.78 -13.74 3.99
N ASN D 49 -0.94 -14.38 3.19
CA ASN D 49 -0.08 -13.70 2.22
C ASN D 49 -0.48 -14.03 0.78
N VAL D 50 -1.78 -14.07 0.51
CA VAL D 50 -2.30 -14.51 -0.78
C VAL D 50 -1.67 -13.70 -1.90
N GLY D 51 -0.94 -14.36 -2.78
CA GLY D 51 -0.41 -13.74 -3.98
C GLY D 51 0.53 -12.57 -3.75
N GLY D 52 1.14 -12.48 -2.56
CA GLY D 52 2.01 -11.37 -2.24
C GLY D 52 1.38 -10.28 -1.42
N THR D 53 0.15 -9.88 -1.75
CA THR D 53 -0.61 -9.01 -0.86
C THR D 53 -0.94 -9.75 0.43
N TYR D 54 -1.07 -8.99 1.50
CA TYR D 54 -1.29 -9.55 2.82
C TYR D 54 -2.70 -9.27 3.31
N PHE D 55 -3.25 -10.22 4.07
CA PHE D 55 -4.54 -10.09 4.69
C PHE D 55 -4.45 -10.50 6.15
N LEU D 56 -5.25 -9.86 6.99
CA LEU D 56 -5.37 -10.23 8.39
C LEU D 56 -6.84 -10.50 8.68
N THR D 57 -7.13 -11.67 9.24
CA THR D 57 -8.50 -12.09 9.44
C THR D 57 -8.56 -13.05 10.61
N THR D 58 -9.77 -13.24 11.14
CA THR D 58 -9.96 -14.03 12.34
C THR D 58 -10.18 -15.50 12.00
N ARG D 59 -9.85 -16.37 12.95
CA ARG D 59 -10.05 -17.80 12.74
C ARG D 59 -11.49 -18.10 12.35
N GLN D 60 -12.46 -17.59 13.12
CA GLN D 60 -13.86 -17.81 12.77
C GLN D 60 -14.15 -17.34 11.36
N THR D 61 -13.46 -16.30 10.90
CA THR D 61 -13.64 -15.84 9.53
C THR D 61 -13.33 -16.96 8.54
N LEU D 62 -12.44 -17.88 8.92
CA LEU D 62 -12.04 -18.99 8.08
C LEU D 62 -12.74 -20.29 8.44
N CYS D 63 -13.99 -20.25 8.91
CA CYS D 63 -14.67 -21.45 9.35
C CYS D 63 -16.13 -21.52 8.90
N ARG D 64 -16.56 -20.66 7.97
CA ARG D 64 -17.91 -20.80 7.45
C ARG D 64 -18.12 -22.14 6.78
N ASP D 65 -17.16 -22.57 5.96
CA ASP D 65 -17.19 -23.89 5.34
C ASP D 65 -15.98 -24.69 5.84
N PRO D 66 -16.16 -25.68 6.71
CA PRO D 66 -15.00 -26.38 7.24
C PRO D 66 -14.39 -27.42 6.32
N LYS D 67 -14.90 -27.57 5.10
CA LYS D 67 -14.24 -28.31 4.03
C LYS D 67 -13.25 -27.46 3.26
N SER D 68 -13.22 -26.15 3.50
CA SER D 68 -12.48 -25.23 2.65
C SER D 68 -10.99 -25.27 2.93
N PHE D 69 -10.21 -24.95 1.90
CA PHE D 69 -8.76 -24.85 2.06
C PHE D 69 -8.41 -23.92 3.21
N LEU D 70 -9.04 -22.75 3.26
CA LEU D 70 -8.72 -21.79 4.30
C LEU D 70 -8.93 -22.39 5.68
N TYR D 71 -10.04 -23.11 5.88
CA TYR D 71 -10.28 -23.75 7.17
C TYR D 71 -9.12 -24.64 7.56
N ARG D 72 -8.59 -25.41 6.61
CA ARG D 72 -7.52 -26.34 6.93
C ARG D 72 -6.32 -25.61 7.53
N LEU D 73 -5.91 -24.51 6.90
CA LEU D 73 -4.83 -23.72 7.47
C LEU D 73 -5.21 -23.17 8.83
N CYS D 74 -6.47 -22.74 8.98
CA CYS D 74 -6.93 -22.18 10.25
C CYS D 74 -6.71 -23.13 11.41
N GLN D 75 -6.75 -24.44 11.16
CA GLN D 75 -6.52 -25.40 12.23
C GLN D 75 -5.08 -25.32 12.73
N ALA D 76 -4.90 -25.62 14.01
CA ALA D 76 -3.59 -25.63 14.64
C ALA D 76 -2.95 -27.01 14.61
N ASP D 77 -3.35 -27.88 13.69
CA ASP D 77 -2.81 -29.22 13.64
C ASP D 77 -1.33 -29.19 13.27
N PRO D 78 -0.51 -30.02 13.94
CA PRO D 78 0.91 -30.10 13.54
C PRO D 78 1.13 -31.11 12.43
N ASP D 79 0.04 -31.69 11.91
CA ASP D 79 0.17 -32.77 10.94
C ASP D 79 0.68 -32.30 9.58
N LEU D 80 0.32 -31.07 9.17
CA LEU D 80 0.91 -30.44 8.00
C LEU D 80 1.49 -29.11 8.44
N ASP D 81 2.80 -28.94 8.24
CA ASP D 81 3.47 -27.72 8.68
C ASP D 81 2.92 -26.48 7.98
N SER D 82 2.40 -26.65 6.76
CA SER D 82 1.91 -25.54 5.95
C SER D 82 3.07 -24.75 5.38
N ASP D 83 2.80 -23.55 4.87
CA ASP D 83 3.80 -22.77 4.14
C ASP D 83 4.07 -21.44 4.85
N LYS D 84 4.27 -21.50 6.16
CA LYS D 84 4.49 -20.29 6.95
C LYS D 84 5.54 -19.40 6.32
N ASP D 85 5.36 -18.09 6.48
CA ASP D 85 6.31 -17.08 6.07
C ASP D 85 6.93 -16.45 7.31
N GLU D 86 8.12 -15.88 7.14
CA GLU D 86 8.81 -15.27 8.27
C GLU D 86 7.92 -14.26 8.99
N THR D 87 7.07 -13.55 8.25
CA THR D 87 6.11 -12.65 8.88
C THR D 87 5.03 -13.39 9.66
N GLY D 88 5.07 -14.70 9.71
CA GLY D 88 4.02 -15.48 10.32
C GLY D 88 2.83 -15.72 9.42
N ALA D 89 2.86 -15.20 8.21
CA ALA D 89 1.75 -15.36 7.28
C ALA D 89 1.79 -16.74 6.64
N TYR D 90 0.64 -17.19 6.17
CA TYR D 90 0.53 -18.45 5.46
C TYR D 90 0.61 -18.19 3.96
N LEU D 91 1.68 -18.67 3.34
CA LEU D 91 1.96 -18.36 1.94
C LEU D 91 0.99 -19.12 1.05
N ILE D 92 -0.11 -18.48 0.70
CA ILE D 92 -1.04 -18.98 -0.31
C ILE D 92 -0.64 -18.32 -1.62
N ASP D 93 -0.44 -19.13 -2.65
CA ASP D 93 0.19 -18.66 -3.88
C ASP D 93 -0.79 -18.58 -5.05
N ARG D 94 -1.99 -18.11 -4.79
CA ARG D 94 -2.95 -17.79 -5.83
C ARG D 94 -3.12 -16.28 -5.93
N ASP D 95 -4.08 -15.85 -6.74
CA ASP D 95 -4.20 -14.44 -7.08
C ASP D 95 -4.31 -13.59 -5.82
N PRO D 96 -3.48 -12.56 -5.65
CA PRO D 96 -3.62 -11.70 -4.46
C PRO D 96 -4.86 -10.83 -4.48
N THR D 97 -5.39 -10.51 -5.65
CA THR D 97 -6.43 -9.50 -5.80
C THR D 97 -7.83 -10.08 -5.77
N TYR D 98 -8.10 -11.13 -6.53
CA TYR D 98 -9.42 -11.75 -6.57
C TYR D 98 -9.76 -12.48 -5.27
N PHE D 99 -8.88 -12.42 -4.27
CA PHE D 99 -9.18 -12.99 -2.97
C PHE D 99 -10.09 -12.10 -2.13
N GLY D 100 -10.31 -10.85 -2.56
CA GLY D 100 -11.13 -9.93 -1.83
C GLY D 100 -12.54 -10.45 -1.66
N PRO D 101 -13.25 -10.64 -2.78
CA PRO D 101 -14.62 -11.14 -2.69
C PRO D 101 -14.73 -12.46 -1.95
N VAL D 102 -13.72 -13.32 -2.03
CA VAL D 102 -13.77 -14.59 -1.33
C VAL D 102 -13.77 -14.38 0.18
N LEU D 103 -12.86 -13.53 0.67
CA LEU D 103 -12.82 -13.28 2.10
C LEU D 103 -13.96 -12.37 2.54
N ASN D 104 -14.46 -11.52 1.64
CA ASN D 104 -15.65 -10.74 1.96
C ASN D 104 -16.81 -11.65 2.35
N TYR D 105 -17.11 -12.64 1.50
CA TYR D 105 -18.18 -13.57 1.80
C TYR D 105 -17.90 -14.31 3.10
N LEU D 106 -16.63 -14.56 3.40
CA LEU D 106 -16.25 -15.25 4.63
C LEU D 106 -16.38 -14.38 5.87
N ARG D 107 -16.81 -13.13 5.71
CA ARG D 107 -17.11 -12.25 6.84
C ARG D 107 -18.54 -11.75 6.83
N HIS D 108 -19.17 -11.63 5.66
CA HIS D 108 -20.48 -11.01 5.55
C HIS D 108 -21.42 -11.72 4.59
N GLY D 109 -21.04 -12.87 4.05
CA GLY D 109 -21.98 -13.71 3.35
C GLY D 109 -22.71 -13.06 2.20
N LYS D 110 -22.00 -12.34 1.33
CA LYS D 110 -22.61 -11.82 0.12
C LYS D 110 -21.52 -11.54 -0.91
N LEU D 111 -21.95 -11.43 -2.17
CA LEU D 111 -21.04 -11.27 -3.29
C LEU D 111 -20.62 -9.81 -3.39
N VAL D 112 -19.43 -9.51 -2.88
CA VAL D 112 -18.86 -8.18 -2.96
C VAL D 112 -17.78 -8.22 -4.04
N ILE D 113 -18.06 -7.61 -5.19
CA ILE D 113 -17.13 -7.55 -6.30
C ILE D 113 -16.89 -6.09 -6.65
N ASN D 114 -15.63 -5.67 -6.62
CA ASN D 114 -15.28 -4.38 -7.18
C ASN D 114 -15.68 -4.35 -8.65
N LYS D 115 -16.26 -3.22 -9.06
CA LYS D 115 -16.96 -3.18 -10.35
C LYS D 115 -16.06 -3.72 -11.46
N ASP D 116 -14.80 -3.31 -11.47
CA ASP D 116 -13.88 -3.70 -12.54
C ASP D 116 -13.31 -5.10 -12.37
N LEU D 117 -13.49 -5.73 -11.22
CA LEU D 117 -13.01 -7.09 -11.05
C LEU D 117 -13.84 -8.06 -11.89
N ALA D 118 -13.26 -9.21 -12.21
CA ALA D 118 -13.89 -10.14 -13.12
C ALA D 118 -14.64 -11.23 -12.35
N GLU D 119 -15.93 -11.37 -12.65
CA GLU D 119 -16.77 -12.33 -11.95
C GLU D 119 -16.16 -13.73 -11.98
N GLU D 120 -15.78 -14.22 -13.18
CA GLU D 120 -15.09 -15.50 -13.21
C GLU D 120 -13.79 -15.46 -12.44
N GLY D 121 -13.21 -14.27 -12.28
CA GLY D 121 -11.97 -14.17 -11.51
C GLY D 121 -12.12 -14.73 -10.11
N VAL D 122 -13.21 -14.36 -9.43
CA VAL D 122 -13.45 -14.93 -8.11
C VAL D 122 -13.82 -16.41 -8.24
N LEU D 123 -14.59 -16.77 -9.26
CA LEU D 123 -14.99 -18.15 -9.44
C LEU D 123 -13.78 -19.06 -9.50
N GLU D 124 -12.83 -18.75 -10.38
CA GLU D 124 -11.59 -19.52 -10.44
C GLU D 124 -10.79 -19.39 -9.15
N GLU D 125 -11.02 -18.35 -8.36
CA GLU D 125 -10.44 -18.28 -7.03
C GLU D 125 -11.29 -19.06 -6.03
N ALA D 126 -12.60 -18.93 -6.13
CA ALA D 126 -13.48 -19.61 -5.17
C ALA D 126 -13.33 -21.11 -5.26
N GLU D 127 -13.27 -21.64 -6.48
CA GLU D 127 -13.08 -23.09 -6.65
C GLU D 127 -11.87 -23.57 -5.87
N PHE D 128 -10.81 -22.76 -5.84
CA PHE D 128 -9.56 -23.21 -5.23
C PHE D 128 -9.72 -23.41 -3.72
N TYR D 129 -10.24 -22.40 -3.03
CA TYR D 129 -10.32 -22.48 -1.57
C TYR D 129 -11.38 -23.46 -1.10
N ASN D 130 -12.23 -23.95 -1.99
CA ASN D 130 -13.27 -24.93 -1.66
C ASN D 130 -14.27 -24.35 -0.65
N ILE D 131 -14.93 -23.28 -1.08
CA ILE D 131 -16.14 -22.79 -0.42
C ILE D 131 -17.23 -22.78 -1.50
N THR D 132 -18.10 -23.78 -1.47
CA THR D 132 -19.05 -23.97 -2.56
C THR D 132 -20.15 -22.91 -2.57
N SER D 133 -20.59 -22.48 -1.39
CA SER D 133 -21.71 -21.55 -1.35
C SER D 133 -21.44 -20.30 -2.17
N LEU D 134 -20.27 -19.67 -1.97
CA LEU D 134 -19.87 -18.57 -2.83
C LEU D 134 -19.78 -19.02 -4.27
N ILE D 135 -19.20 -20.19 -4.50
CA ILE D 135 -19.11 -20.72 -5.86
C ILE D 135 -20.50 -20.86 -6.46
N LYS D 136 -21.48 -21.28 -5.65
CA LYS D 136 -22.84 -21.41 -6.17
C LYS D 136 -23.33 -20.06 -6.63
N LEU D 137 -23.42 -19.09 -5.71
CA LEU D 137 -23.99 -17.79 -6.03
C LEU D 137 -23.19 -17.05 -7.08
N VAL D 138 -21.88 -17.29 -7.16
CA VAL D 138 -21.09 -16.67 -8.21
C VAL D 138 -21.65 -17.05 -9.58
N LYS D 139 -21.87 -18.34 -9.80
CA LYS D 139 -22.38 -18.77 -11.10
C LYS D 139 -23.67 -18.05 -11.46
N ASP D 140 -24.58 -17.89 -10.50
CA ASP D 140 -25.81 -17.15 -10.78
C ASP D 140 -25.49 -15.72 -11.19
N LYS D 141 -24.52 -15.10 -10.53
CA LYS D 141 -24.16 -13.72 -10.90
C LYS D 141 -23.71 -13.66 -12.35
N ILE D 142 -22.92 -14.64 -12.80
CA ILE D 142 -22.53 -14.70 -14.20
C ILE D 142 -23.77 -14.90 -15.06
N ARG D 143 -24.59 -15.90 -14.72
CA ARG D 143 -25.81 -16.14 -15.48
C ARG D 143 -26.73 -14.93 -15.41
N GLU D 144 -26.87 -14.33 -14.23
CA GLU D 144 -27.63 -13.11 -14.11
C GLU D 144 -27.06 -12.02 -15.02
N ARG D 145 -25.73 -11.93 -15.07
CA ARG D 145 -25.10 -10.92 -15.92
C ARG D 145 -25.53 -11.09 -17.37
N ASP D 146 -25.56 -12.32 -17.86
CA ASP D 146 -25.86 -12.57 -19.26
C ASP D 146 -27.33 -12.41 -19.59
N SER D 147 -28.23 -12.51 -18.61
CA SER D 147 -29.63 -12.25 -18.88
C SER D 147 -29.81 -10.88 -19.51
N LYS D 148 -28.94 -9.93 -19.18
CA LYS D 148 -28.86 -8.66 -19.88
C LYS D 148 -27.81 -8.68 -20.99
N THR D 149 -26.62 -9.21 -20.70
CA THR D 149 -25.53 -9.20 -21.66
C THR D 149 -25.73 -10.21 -22.79
N SER D 150 -26.65 -11.15 -22.63
CA SER D 150 -27.01 -12.08 -23.71
C SER D 150 -28.39 -11.79 -24.28
N GLN D 151 -29.01 -10.68 -23.87
CA GLN D 151 -30.36 -10.37 -24.27
C GLN D 151 -30.41 -9.92 -25.74
N VAL D 152 -31.63 -9.79 -26.24
CA VAL D 152 -31.90 -9.29 -27.59
C VAL D 152 -33.04 -8.29 -27.48
N PRO D 153 -33.21 -7.39 -28.45
CA PRO D 153 -34.34 -6.33 -28.46
C PRO D 153 -35.78 -6.68 -28.89
N GLY E 40 17.51 -21.24 3.71
CA GLY E 40 18.06 -22.57 3.34
C GLY E 40 18.76 -22.57 2.00
N SER E 41 18.98 -23.77 1.44
CA SER E 41 19.65 -23.86 0.15
C SER E 41 18.74 -23.45 -1.00
N VAL E 42 17.42 -23.49 -0.79
CA VAL E 42 16.47 -23.13 -1.82
C VAL E 42 15.11 -22.93 -1.17
N SER E 43 14.29 -22.09 -1.79
CA SER E 43 12.92 -21.87 -1.37
C SER E 43 11.98 -22.34 -2.47
N LYS E 44 10.85 -22.92 -2.07
CA LYS E 44 9.92 -23.48 -3.06
C LYS E 44 9.23 -22.41 -3.88
N TRP E 45 9.38 -21.14 -3.51
CA TRP E 45 8.73 -20.04 -4.23
C TRP E 45 9.77 -18.96 -4.52
N VAL E 46 9.54 -18.28 -5.65
CA VAL E 46 10.41 -17.19 -6.09
C VAL E 46 9.54 -15.99 -6.39
N ARG E 47 9.94 -14.84 -5.87
CA ARG E 47 9.18 -13.61 -6.03
C ARG E 47 9.58 -12.90 -7.32
N LEU E 48 8.59 -12.33 -7.99
CA LEU E 48 8.81 -11.53 -9.19
C LEU E 48 8.67 -10.05 -8.85
N ASN E 49 9.29 -9.21 -9.68
CA ASN E 49 9.20 -7.76 -9.50
C ASN E 49 8.89 -7.11 -10.84
N VAL E 50 7.91 -7.66 -11.55
CA VAL E 50 7.63 -7.21 -12.91
C VAL E 50 7.27 -5.73 -12.89
N GLY E 51 8.02 -4.94 -13.64
CA GLY E 51 7.71 -3.53 -13.82
C GLY E 51 7.54 -2.78 -12.51
N GLY E 52 8.33 -3.15 -11.49
CA GLY E 52 8.23 -2.56 -10.19
C GLY E 52 7.17 -3.17 -9.29
N THR E 53 6.05 -3.61 -9.85
CA THR E 53 5.04 -4.32 -9.08
C THR E 53 5.58 -5.70 -8.70
N TYR E 54 4.95 -6.32 -7.72
CA TYR E 54 5.46 -7.57 -7.15
C TYR E 54 4.46 -8.70 -7.34
N PHE E 55 4.97 -9.87 -7.72
CA PHE E 55 4.19 -11.08 -7.83
C PHE E 55 4.97 -12.22 -7.19
N LEU E 56 4.32 -12.98 -6.31
CA LEU E 56 4.95 -14.07 -5.59
C LEU E 56 4.22 -15.35 -5.90
N THR E 57 4.98 -16.43 -6.10
CA THR E 57 4.37 -17.73 -6.39
C THR E 57 5.42 -18.81 -6.21
N THR E 58 4.95 -20.06 -6.21
CA THR E 58 5.84 -21.20 -6.09
C THR E 58 6.55 -21.48 -7.41
N ARG E 59 7.70 -22.15 -7.31
CA ARG E 59 8.51 -22.44 -8.50
C ARG E 59 7.68 -23.16 -9.56
N GLN E 60 6.85 -24.12 -9.15
CA GLN E 60 6.14 -24.93 -10.12
C GLN E 60 5.06 -24.15 -10.86
N THR E 61 4.64 -22.99 -10.33
CA THR E 61 3.64 -22.21 -11.03
C THR E 61 4.18 -21.64 -12.33
N LEU E 62 5.48 -21.39 -12.40
CA LEU E 62 6.11 -20.85 -13.60
C LEU E 62 6.44 -21.93 -14.62
N CYS E 63 5.81 -23.10 -14.53
CA CYS E 63 6.19 -24.24 -15.36
C CYS E 63 5.01 -24.92 -16.03
N ARG E 64 3.96 -24.18 -16.37
CA ARG E 64 2.86 -24.77 -17.12
C ARG E 64 3.20 -24.97 -18.58
N ASP E 65 4.27 -24.37 -19.07
CA ASP E 65 4.71 -24.50 -20.46
C ASP E 65 6.21 -24.28 -20.50
N PRO E 66 6.99 -25.29 -20.08
CA PRO E 66 8.45 -25.12 -19.97
C PRO E 66 9.11 -24.28 -21.05
N LYS E 67 8.57 -24.31 -22.27
CA LYS E 67 9.12 -23.47 -23.33
C LYS E 67 8.61 -22.04 -23.19
N SER E 68 8.86 -21.44 -22.02
CA SER E 68 8.36 -20.09 -21.73
C SER E 68 9.49 -19.27 -21.10
N PHE E 69 9.35 -17.96 -21.23
CA PHE E 69 10.40 -17.06 -20.74
C PHE E 69 10.59 -17.21 -19.23
N LEU E 70 9.49 -17.29 -18.48
CA LEU E 70 9.59 -17.40 -17.03
C LEU E 70 10.25 -18.70 -16.62
N TYR E 71 10.07 -19.77 -17.39
CA TYR E 71 10.59 -21.07 -17.00
C TYR E 71 12.11 -21.05 -16.95
N ARG E 72 12.75 -20.55 -18.01
CA ARG E 72 14.21 -20.60 -18.07
C ARG E 72 14.83 -19.94 -16.84
N LEU E 73 14.35 -18.74 -16.48
CA LEU E 73 14.83 -18.09 -15.27
C LEU E 73 14.37 -18.80 -14.01
N CYS E 74 13.24 -19.50 -14.04
CA CYS E 74 12.77 -20.20 -12.85
C CYS E 74 13.79 -21.24 -12.40
N GLN E 75 14.49 -21.87 -13.33
CA GLN E 75 15.54 -22.82 -12.98
C GLN E 75 16.68 -22.11 -12.27
N ALA E 76 17.41 -22.86 -11.46
CA ALA E 76 18.51 -22.33 -10.68
C ALA E 76 19.86 -22.47 -11.37
N ASP E 77 19.88 -22.70 -12.68
CA ASP E 77 21.13 -22.90 -13.40
C ASP E 77 21.97 -21.63 -13.34
N PRO E 78 23.20 -21.68 -12.79
CA PRO E 78 24.02 -20.45 -12.75
C PRO E 78 24.49 -20.00 -14.13
N ASP E 79 24.58 -20.90 -15.11
CA ASP E 79 25.16 -20.56 -16.40
C ASP E 79 24.43 -19.44 -17.12
N LEU E 80 23.11 -19.32 -16.93
CA LEU E 80 22.34 -18.22 -17.51
C LEU E 80 21.64 -17.39 -16.45
N ASP E 81 22.02 -17.54 -15.19
CA ASP E 81 21.31 -16.88 -14.09
C ASP E 81 21.24 -15.38 -14.32
N SER E 82 20.04 -14.83 -14.17
CA SER E 82 19.82 -13.41 -14.29
C SER E 82 20.16 -12.70 -12.98
N ASP E 83 19.85 -11.41 -12.92
CA ASP E 83 20.08 -10.62 -11.73
C ASP E 83 18.80 -10.55 -10.90
N LYS E 84 18.94 -10.10 -9.66
CA LYS E 84 17.86 -10.12 -8.68
C LYS E 84 17.76 -8.78 -7.96
N ASP E 85 16.55 -8.45 -7.54
CA ASP E 85 16.38 -7.37 -6.58
C ASP E 85 16.81 -7.85 -5.19
N GLU E 86 17.24 -6.90 -4.35
CA GLU E 86 17.72 -7.25 -3.03
C GLU E 86 16.66 -7.92 -2.18
N THR E 87 15.38 -7.77 -2.52
CA THR E 87 14.34 -8.59 -1.91
C THR E 87 14.43 -10.05 -2.35
N GLY E 88 15.36 -10.37 -3.25
CA GLY E 88 15.47 -11.71 -3.79
C GLY E 88 14.59 -11.98 -4.99
N ALA E 89 13.74 -11.03 -5.36
CA ALA E 89 12.84 -11.24 -6.49
C ALA E 89 13.59 -11.07 -7.81
N TYR E 90 13.03 -11.69 -8.86
CA TYR E 90 13.61 -11.55 -10.18
C TYR E 90 13.08 -10.29 -10.86
N LEU E 91 13.99 -9.45 -11.33
CA LEU E 91 13.59 -8.31 -12.13
C LEU E 91 13.08 -8.80 -13.48
N ILE E 92 11.90 -8.33 -13.87
CA ILE E 92 11.27 -8.71 -15.13
C ILE E 92 10.78 -7.41 -15.77
N ASP E 93 11.58 -6.85 -16.68
CA ASP E 93 11.32 -5.53 -17.23
C ASP E 93 10.24 -5.59 -18.32
N ARG E 94 8.99 -5.61 -17.89
CA ARG E 94 7.88 -5.59 -18.83
C ARG E 94 6.60 -5.19 -18.12
N ASP E 95 5.61 -4.82 -18.93
CA ASP E 95 4.30 -4.39 -18.47
C ASP E 95 3.77 -5.32 -17.39
N PRO E 96 3.57 -4.83 -16.15
CA PRO E 96 2.87 -5.65 -15.15
C PRO E 96 1.37 -5.50 -15.18
N THR E 97 0.82 -4.52 -15.91
CA THR E 97 -0.62 -4.33 -15.91
C THR E 97 -1.36 -5.54 -16.49
N TYR E 98 -0.87 -6.08 -17.60
CA TYR E 98 -1.48 -7.21 -18.26
C TYR E 98 -0.97 -8.54 -17.76
N PHE E 99 -0.13 -8.53 -16.72
CA PHE E 99 0.39 -9.75 -16.12
C PHE E 99 -0.67 -10.58 -15.43
N GLY E 100 -1.82 -10.00 -15.10
CA GLY E 100 -2.86 -10.70 -14.41
C GLY E 100 -3.31 -11.93 -15.20
N PRO E 101 -3.89 -11.71 -16.38
CA PRO E 101 -4.25 -12.84 -17.23
C PRO E 101 -3.15 -13.88 -17.39
N VAL E 102 -1.90 -13.43 -17.56
CA VAL E 102 -0.83 -14.36 -17.87
C VAL E 102 -0.50 -15.24 -16.66
N LEU E 103 -0.06 -14.62 -15.57
CA LEU E 103 0.41 -15.41 -14.43
C LEU E 103 -0.69 -16.30 -13.86
N ASN E 104 -1.94 -15.84 -13.90
CA ASN E 104 -3.02 -16.66 -13.37
C ASN E 104 -3.32 -17.86 -14.26
N TYR E 105 -3.24 -17.69 -15.58
CA TYR E 105 -3.38 -18.85 -16.46
C TYR E 105 -2.28 -19.86 -16.16
N LEU E 106 -1.08 -19.38 -15.79
CA LEU E 106 -0.03 -20.29 -15.38
C LEU E 106 -0.42 -21.04 -14.11
N ARG E 107 -1.28 -20.44 -13.30
CA ARG E 107 -1.72 -21.08 -12.07
C ARG E 107 -2.89 -22.03 -12.32
N HIS E 108 -3.88 -21.57 -13.09
CA HIS E 108 -5.14 -22.31 -13.23
C HIS E 108 -5.62 -22.41 -14.67
N GLY E 109 -4.81 -21.99 -15.63
CA GLY E 109 -5.05 -22.35 -17.02
C GLY E 109 -6.37 -21.90 -17.61
N LYS E 110 -6.82 -20.69 -17.29
CA LYS E 110 -7.94 -20.07 -17.97
C LYS E 110 -7.59 -18.62 -18.27
N LEU E 111 -8.37 -18.00 -19.15
CA LEU E 111 -8.15 -16.60 -19.48
C LEU E 111 -8.66 -15.73 -18.34
N VAL E 112 -7.73 -15.11 -17.61
CA VAL E 112 -8.11 -14.21 -16.52
C VAL E 112 -8.15 -12.78 -17.07
N ILE E 113 -9.36 -12.30 -17.33
CA ILE E 113 -9.56 -10.97 -17.90
C ILE E 113 -9.96 -10.02 -16.78
N ASN E 114 -9.62 -8.75 -16.97
CA ASN E 114 -10.15 -7.67 -16.17
C ASN E 114 -11.08 -6.83 -17.04
N LYS E 115 -11.99 -6.09 -16.40
CA LYS E 115 -13.09 -5.47 -17.12
C LYS E 115 -12.64 -4.66 -18.33
N ASP E 116 -11.57 -3.87 -18.17
CA ASP E 116 -11.14 -2.93 -19.21
C ASP E 116 -9.72 -3.18 -19.68
N LEU E 117 -9.25 -4.42 -19.65
CA LEU E 117 -7.95 -4.75 -20.22
C LEU E 117 -8.10 -5.14 -21.68
N ALA E 118 -7.25 -4.55 -22.53
CA ALA E 118 -7.41 -4.69 -23.97
C ALA E 118 -7.23 -6.13 -24.41
N GLU E 119 -7.98 -6.51 -25.44
CA GLU E 119 -7.86 -7.86 -25.99
C GLU E 119 -6.45 -8.14 -26.49
N GLU E 120 -5.86 -7.20 -27.23
CA GLU E 120 -4.55 -7.45 -27.80
C GLU E 120 -3.48 -7.52 -26.72
N GLY E 121 -3.61 -6.70 -25.67
CA GLY E 121 -2.55 -6.60 -24.68
C GLY E 121 -2.20 -7.94 -24.10
N VAL E 122 -3.21 -8.76 -23.79
CA VAL E 122 -2.93 -10.12 -23.32
C VAL E 122 -2.23 -10.90 -24.42
N LEU E 123 -2.71 -10.77 -25.66
CA LEU E 123 -2.02 -11.41 -26.78
C LEU E 123 -0.57 -10.95 -26.85
N GLU E 124 -0.35 -9.64 -26.85
CA GLU E 124 1.01 -9.12 -26.94
C GLU E 124 1.84 -9.57 -25.74
N GLU E 125 1.30 -9.43 -24.53
CA GLU E 125 2.05 -9.84 -23.35
C GLU E 125 2.39 -11.32 -23.41
N ALA E 126 1.37 -12.17 -23.62
CA ALA E 126 1.60 -13.61 -23.64
C ALA E 126 2.70 -13.97 -24.63
N GLU E 127 2.70 -13.31 -25.80
CA GLU E 127 3.73 -13.58 -26.79
C GLU E 127 5.12 -13.43 -26.19
N PHE E 128 5.31 -12.48 -25.28
CA PHE E 128 6.61 -12.29 -24.67
C PHE E 128 6.99 -13.47 -23.79
N TYR E 129 6.02 -14.04 -23.08
CA TYR E 129 6.30 -15.11 -22.14
C TYR E 129 6.39 -16.47 -22.80
N ASN E 130 5.78 -16.63 -23.98
CA ASN E 130 5.87 -17.87 -24.75
C ASN E 130 5.28 -19.06 -23.99
N ILE E 131 4.02 -18.93 -23.62
CA ILE E 131 3.23 -20.06 -23.13
C ILE E 131 2.23 -20.38 -24.24
N THR E 132 2.62 -21.29 -25.13
CA THR E 132 2.01 -21.37 -26.45
C THR E 132 0.48 -21.45 -26.36
N SER E 133 -0.04 -22.25 -25.42
CA SER E 133 -1.49 -22.43 -25.37
C SER E 133 -2.21 -21.12 -25.13
N LEU E 134 -1.71 -20.29 -24.22
CA LEU E 134 -2.38 -19.03 -23.95
C LEU E 134 -2.51 -18.20 -25.22
N ILE E 135 -1.40 -17.96 -25.90
CA ILE E 135 -1.44 -17.18 -27.14
C ILE E 135 -2.44 -17.79 -28.12
N LYS E 136 -2.61 -19.11 -28.07
CA LYS E 136 -3.62 -19.75 -28.91
C LYS E 136 -5.01 -19.26 -28.51
N LEU E 137 -5.40 -19.49 -27.27
CA LEU E 137 -6.79 -19.27 -26.88
C LEU E 137 -7.21 -17.81 -27.03
N VAL E 138 -6.28 -16.87 -26.84
CA VAL E 138 -6.64 -15.47 -27.04
C VAL E 138 -7.06 -15.22 -28.48
N LYS E 139 -6.29 -15.73 -29.44
CA LYS E 139 -6.62 -15.50 -30.85
C LYS E 139 -8.06 -15.88 -31.10
N ASP E 140 -8.51 -16.98 -30.51
CA ASP E 140 -9.92 -17.35 -30.60
C ASP E 140 -10.80 -16.29 -29.96
N LYS E 141 -10.37 -15.79 -28.79
CA LYS E 141 -11.19 -14.81 -28.08
C LYS E 141 -11.40 -13.55 -28.91
N ILE E 142 -10.34 -13.04 -29.54
CA ILE E 142 -10.47 -11.84 -30.36
C ILE E 142 -11.38 -12.12 -31.55
N ARG E 143 -11.12 -13.22 -32.27
CA ARG E 143 -12.04 -13.64 -33.32
C ARG E 143 -13.44 -13.83 -32.77
N GLU E 144 -13.55 -14.52 -31.63
CA GLU E 144 -14.84 -14.67 -30.97
C GLU E 144 -15.45 -13.29 -30.70
N ARG E 145 -14.66 -12.37 -30.18
CA ARG E 145 -15.15 -11.01 -29.95
C ARG E 145 -15.65 -10.39 -31.25
N ASP E 146 -14.82 -10.42 -32.30
CA ASP E 146 -15.25 -9.88 -33.58
C ASP E 146 -16.48 -10.58 -34.11
N SER E 147 -16.74 -11.82 -33.67
CA SER E 147 -17.98 -12.49 -34.04
C SER E 147 -19.18 -11.62 -33.68
N LYS E 148 -19.09 -10.86 -32.59
CA LYS E 148 -20.14 -9.90 -32.23
C LYS E 148 -19.72 -8.48 -32.58
N THR E 149 -18.48 -8.11 -32.29
CA THR E 149 -18.00 -6.77 -32.57
C THR E 149 -17.91 -6.48 -34.06
N SER E 150 -17.69 -7.49 -34.89
CA SER E 150 -17.73 -7.35 -36.35
C SER E 150 -19.03 -7.89 -36.94
N GLN E 151 -20.01 -8.18 -36.08
CA GLN E 151 -21.27 -8.75 -36.54
C GLN E 151 -22.06 -7.74 -37.36
N VAL E 152 -22.86 -8.26 -38.27
CA VAL E 152 -23.78 -7.47 -39.10
C VAL E 152 -25.20 -7.76 -38.60
N PRO E 153 -26.06 -6.74 -38.46
CA PRO E 153 -27.43 -7.01 -38.02
C PRO E 153 -28.16 -8.02 -38.91
N THR F 24 -6.36 37.74 -9.64
CA THR F 24 -5.11 37.33 -10.32
C THR F 24 -4.01 37.05 -9.30
N MET F 25 -2.79 36.81 -9.79
CA MET F 25 -1.66 36.49 -8.92
C MET F 25 -0.97 37.80 -8.52
N ASP F 26 -1.53 38.43 -7.49
CA ASP F 26 -0.95 39.63 -6.91
C ASP F 26 0.01 39.33 -5.76
N GLU F 27 0.28 38.05 -5.50
CA GLU F 27 1.08 37.65 -4.37
C GLU F 27 2.54 38.06 -4.55
N LYS F 28 3.27 38.08 -3.44
CA LYS F 28 4.69 38.42 -3.42
C LYS F 28 5.59 37.20 -3.27
N TYR F 29 5.03 35.98 -3.29
CA TYR F 29 5.85 34.80 -3.04
C TYR F 29 6.90 34.63 -4.12
N VAL F 30 6.53 34.94 -5.36
CA VAL F 30 7.48 34.95 -6.47
C VAL F 30 8.71 35.74 -6.02
N ASN F 31 8.49 36.93 -5.46
CA ASN F 31 9.60 37.71 -4.94
C ASN F 31 10.33 36.96 -3.84
N SER F 32 9.58 36.31 -2.94
CA SER F 32 10.20 35.45 -1.94
C SER F 32 11.11 34.42 -2.61
N ILE F 33 10.66 33.84 -3.71
CA ILE F 33 11.49 32.87 -4.42
C ILE F 33 12.69 33.56 -5.06
N TRP F 34 12.50 34.80 -5.56
CA TRP F 34 13.65 35.59 -6.02
C TRP F 34 14.76 35.57 -4.99
N ASP F 35 14.43 35.90 -3.74
CA ASP F 35 15.46 36.09 -2.72
C ASP F 35 16.27 34.82 -2.52
N LEU F 36 15.59 33.68 -2.43
CA LEU F 36 16.31 32.42 -2.23
C LEU F 36 17.23 32.14 -3.41
N LEU F 37 16.69 32.18 -4.62
CA LEU F 37 17.50 31.87 -5.80
C LEU F 37 18.65 32.85 -5.95
N LYS F 38 18.37 34.14 -5.80
CA LYS F 38 19.43 35.13 -5.91
C LYS F 38 20.49 34.92 -4.84
N ASN F 39 20.07 34.66 -3.60
CA ASN F 39 21.04 34.51 -2.51
C ASN F 39 22.02 33.38 -2.84
N ALA F 40 21.51 32.24 -3.31
CA ALA F 40 22.39 31.15 -3.67
C ALA F 40 23.34 31.54 -4.79
N ILE F 41 22.81 32.18 -5.84
CA ILE F 41 23.66 32.59 -6.95
C ILE F 41 24.77 33.50 -6.44
N GLN F 42 24.42 34.47 -5.59
CA GLN F 42 25.44 35.31 -5.00
C GLN F 42 26.52 34.47 -4.34
N GLU F 43 26.13 33.53 -3.49
CA GLU F 43 27.11 32.69 -2.83
C GLU F 43 27.85 31.82 -3.85
N ILE F 44 27.14 31.30 -4.84
CA ILE F 44 27.79 30.55 -5.91
C ILE F 44 28.96 31.35 -6.46
N GLN F 45 28.76 32.65 -6.64
CA GLN F 45 29.84 33.52 -7.08
C GLN F 45 30.84 33.79 -5.96
N ARG F 46 30.52 33.42 -4.73
CA ARG F 46 31.39 33.68 -3.59
C ARG F 46 32.22 32.46 -3.20
N LYS F 47 32.07 31.34 -3.92
CA LYS F 47 33.04 30.25 -3.84
C LYS F 47 32.97 29.51 -2.50
N ASN F 48 31.82 29.58 -1.82
CA ASN F 48 31.55 28.75 -0.64
C ASN F 48 30.19 28.08 -0.86
N ASN F 49 30.20 26.96 -1.58
CA ASN F 49 28.96 26.27 -1.92
C ASN F 49 28.54 25.26 -0.87
N SER F 50 29.15 25.29 0.31
CA SER F 50 28.80 24.34 1.37
C SER F 50 27.38 24.52 1.89
N GLY F 51 26.72 25.63 1.57
CA GLY F 51 25.42 25.95 2.14
C GLY F 51 24.23 25.72 1.24
N LEU F 52 24.43 25.33 -0.02
CA LEU F 52 23.34 25.27 -0.98
C LEU F 52 22.95 23.81 -1.23
N SER F 53 22.00 23.62 -2.14
CA SER F 53 21.51 22.28 -2.47
C SER F 53 20.87 22.35 -3.85
N PHE F 54 21.42 21.60 -4.80
CA PHE F 54 20.99 21.73 -6.19
C PHE F 54 19.49 21.52 -6.35
N GLU F 55 18.90 20.73 -5.45
CA GLU F 55 17.49 20.39 -5.56
C GLU F 55 16.62 21.60 -5.24
N GLU F 56 16.75 22.13 -4.03
CA GLU F 56 15.97 23.30 -3.63
C GLU F 56 16.12 24.40 -4.67
N LEU F 57 17.37 24.80 -4.93
CA LEU F 57 17.61 25.90 -5.86
C LEU F 57 16.94 25.65 -7.19
N TYR F 58 17.01 24.42 -7.71
CA TYR F 58 16.33 24.12 -8.96
C TYR F 58 14.83 24.22 -8.79
N ARG F 59 14.29 23.61 -7.74
CA ARG F 59 12.84 23.58 -7.56
C ARG F 59 12.28 25.00 -7.66
N ASN F 60 12.92 25.94 -6.98
CA ASN F 60 12.49 27.33 -7.01
C ASN F 60 12.52 27.86 -8.44
N ALA F 61 13.63 27.61 -9.15
CA ALA F 61 13.71 28.00 -10.55
C ALA F 61 12.62 27.34 -11.37
N TYR F 62 12.23 26.12 -10.99
CA TYR F 62 11.18 25.42 -11.75
C TYR F 62 9.85 26.13 -11.57
N THR F 63 9.35 26.17 -10.33
CA THR F 63 8.04 26.75 -10.08
C THR F 63 7.90 28.13 -10.69
N MET F 64 8.96 28.93 -10.62
CA MET F 64 8.91 30.26 -11.22
C MET F 64 8.47 30.18 -12.67
N VAL F 65 9.12 29.31 -13.45
CA VAL F 65 8.80 29.20 -14.87
C VAL F 65 7.48 28.44 -15.08
N LEU F 66 7.01 27.72 -14.06
CA LEU F 66 5.80 26.92 -14.24
C LEU F 66 4.59 27.78 -14.53
N HIS F 67 4.48 28.92 -13.87
CA HIS F 67 3.38 29.87 -14.09
C HIS F 67 3.84 31.06 -14.92
N LYS F 68 4.65 30.78 -15.95
CA LYS F 68 5.11 31.77 -16.94
C LYS F 68 5.55 33.07 -16.27
N HIS F 69 6.60 32.94 -15.45
CA HIS F 69 7.34 34.08 -14.93
C HIS F 69 8.81 34.00 -15.31
N GLY F 70 9.18 33.10 -16.21
CA GLY F 70 10.57 32.98 -16.61
C GLY F 70 11.11 34.26 -17.22
N GLU F 71 10.24 35.03 -17.87
CA GLU F 71 10.68 36.26 -18.52
C GLU F 71 11.38 37.16 -17.51
N LYS F 72 10.74 37.43 -16.38
CA LYS F 72 11.37 38.25 -15.36
C LYS F 72 12.59 37.55 -14.78
N LEU F 73 12.51 36.23 -14.58
CA LEU F 73 13.65 35.51 -14.05
C LEU F 73 14.86 35.60 -14.97
N TYR F 74 14.63 35.49 -16.28
CA TYR F 74 15.75 35.65 -17.22
C TYR F 74 16.44 36.99 -17.02
N THR F 75 15.65 38.07 -16.95
CA THR F 75 16.23 39.38 -16.66
C THR F 75 16.90 39.38 -15.29
N GLY F 76 16.21 38.85 -14.28
CA GLY F 76 16.82 38.76 -12.97
C GLY F 76 18.13 38.01 -13.01
N LEU F 77 18.17 36.89 -13.75
CA LEU F 77 19.43 36.21 -14.02
C LEU F 77 20.45 37.18 -14.59
N ARG F 78 20.05 37.93 -15.63
CA ARG F 78 20.97 38.84 -16.28
C ARG F 78 21.57 39.82 -15.27
N GLU F 79 20.73 40.34 -14.37
CA GLU F 79 21.20 41.35 -13.43
C GLU F 79 22.18 40.75 -12.42
N VAL F 80 21.83 39.62 -11.82
CA VAL F 80 22.65 39.09 -10.74
C VAL F 80 24.06 38.81 -11.23
N VAL F 81 24.18 38.19 -12.40
CA VAL F 81 25.49 38.01 -13.00
C VAL F 81 26.11 39.37 -13.32
N THR F 82 25.33 40.27 -13.92
CA THR F 82 25.84 41.58 -14.25
C THR F 82 26.45 42.26 -13.05
N GLU F 83 25.73 42.25 -11.92
CA GLU F 83 26.21 42.95 -10.74
C GLU F 83 27.59 42.46 -10.32
N HIS F 84 27.75 41.14 -10.17
CA HIS F 84 28.93 40.61 -9.49
C HIS F 84 30.19 40.85 -10.31
N LEU F 85 30.15 40.54 -11.61
CA LEU F 85 31.37 40.66 -12.41
C LEU F 85 31.86 42.09 -12.47
N ILE F 86 30.97 43.03 -12.78
CA ILE F 86 31.37 44.44 -12.86
C ILE F 86 31.74 44.96 -11.48
N ASN F 87 30.96 44.61 -10.46
CA ASN F 87 31.21 45.11 -9.12
C ASN F 87 32.38 44.43 -8.42
N LYS F 88 32.70 43.17 -8.76
CA LYS F 88 33.84 42.51 -8.13
C LYS F 88 34.93 42.16 -9.13
N VAL F 89 34.60 41.39 -10.16
CA VAL F 89 35.62 40.81 -11.03
C VAL F 89 36.47 41.90 -11.66
N ARG F 90 35.83 42.96 -12.17
CA ARG F 90 36.58 44.03 -12.81
C ARG F 90 37.62 44.62 -11.87
N GLU F 91 37.20 44.99 -10.66
CA GLU F 91 38.11 45.67 -9.75
C GLU F 91 39.29 44.78 -9.38
N ASP F 92 39.05 43.48 -9.20
CA ASP F 92 40.17 42.56 -9.05
C ASP F 92 41.05 42.59 -10.29
N VAL F 93 40.43 42.56 -11.47
CA VAL F 93 41.20 42.61 -12.71
C VAL F 93 41.91 43.94 -12.85
N LEU F 94 41.17 45.04 -12.66
CA LEU F 94 41.78 46.36 -12.72
C LEU F 94 42.89 46.49 -11.68
N ASN F 95 42.68 45.92 -10.49
CA ASN F 95 43.72 45.96 -9.47
C ASN F 95 44.98 45.25 -9.95
N SER F 96 44.83 44.10 -10.59
CA SER F 96 45.95 43.28 -11.02
C SER F 96 46.56 43.74 -12.33
N LEU F 97 46.29 44.97 -12.76
CA LEU F 97 46.67 45.41 -14.09
C LEU F 97 48.17 45.32 -14.35
N ASN F 98 48.98 45.71 -13.36
CA ASN F 98 50.44 45.76 -13.50
C ASN F 98 51.14 44.78 -12.57
N ASN F 99 50.50 43.65 -12.30
CA ASN F 99 51.13 42.60 -11.49
C ASN F 99 50.41 41.29 -11.77
N ASN F 100 51.10 40.36 -12.45
CA ASN F 100 50.56 39.05 -12.77
C ASN F 100 49.15 39.17 -13.34
N PHE F 101 48.98 40.14 -14.24
CA PHE F 101 47.68 40.47 -14.79
C PHE F 101 47.05 39.26 -15.46
N LEU F 102 47.78 38.61 -16.37
CA LEU F 102 47.26 37.41 -17.01
C LEU F 102 46.87 36.37 -15.95
N GLN F 103 47.74 36.15 -14.98
CA GLN F 103 47.44 35.18 -13.93
C GLN F 103 46.12 35.51 -13.25
N THR F 104 45.86 36.81 -13.03
CA THR F 104 44.60 37.21 -12.42
C THR F 104 43.44 37.01 -13.37
N LEU F 105 43.46 37.67 -14.53
CA LEU F 105 42.35 37.58 -15.47
C LEU F 105 42.07 36.14 -15.86
N ASN F 106 43.13 35.38 -16.15
CA ASN F 106 42.95 33.96 -16.42
C ASN F 106 42.23 33.28 -15.25
N GLN F 107 42.65 33.58 -14.03
CA GLN F 107 42.00 33.01 -12.86
C GLN F 107 40.51 33.32 -12.87
N ALA F 108 40.15 34.60 -13.02
CA ALA F 108 38.76 35.01 -12.91
C ALA F 108 37.89 34.29 -13.94
N TRP F 109 38.35 34.23 -15.19
CA TRP F 109 37.58 33.55 -16.23
C TRP F 109 37.21 32.14 -15.80
N ASN F 110 38.19 31.37 -15.31
CA ASN F 110 37.89 30.01 -14.88
C ASN F 110 36.90 30.01 -13.73
N ASP F 111 37.09 30.91 -12.76
CA ASP F 111 36.11 31.00 -11.68
C ASP F 111 34.74 31.41 -12.21
N HIS F 112 34.70 32.36 -13.14
CA HIS F 112 33.44 32.69 -13.80
C HIS F 112 32.88 31.47 -14.52
N GLN F 113 33.74 30.76 -15.25
CA GLN F 113 33.32 29.50 -15.84
C GLN F 113 32.92 28.52 -14.76
N THR F 114 33.68 28.46 -13.66
CA THR F 114 33.32 27.59 -12.55
C THR F 114 31.97 28.00 -11.97
N ALA F 115 31.77 29.30 -11.78
CA ALA F 115 30.48 29.76 -11.27
C ALA F 115 29.36 29.49 -12.26
N MET F 116 29.60 29.77 -13.55
CA MET F 116 28.55 29.64 -14.54
C MET F 116 28.08 28.20 -14.69
N VAL F 117 28.86 27.22 -14.24
CA VAL F 117 28.38 25.85 -14.28
C VAL F 117 27.10 25.71 -13.47
N MET F 118 27.13 26.15 -12.21
CA MET F 118 25.97 26.01 -11.34
C MET F 118 24.78 26.76 -11.91
N ILE F 119 24.99 28.01 -12.34
CA ILE F 119 23.88 28.81 -12.85
C ILE F 119 23.23 28.10 -14.02
N ARG F 120 24.03 27.47 -14.87
CA ARG F 120 23.48 26.78 -16.03
C ARG F 120 22.62 25.59 -15.59
N ASP F 121 23.10 24.80 -14.63
CA ASP F 121 22.34 23.64 -14.19
C ASP F 121 21.13 24.07 -13.37
N ILE F 122 21.32 25.00 -12.44
CA ILE F 122 20.25 25.35 -11.51
C ILE F 122 19.03 25.84 -12.26
N LEU F 123 19.25 26.63 -13.31
CA LEU F 123 18.19 27.18 -14.13
C LEU F 123 17.77 26.28 -15.27
N MET F 124 18.09 24.99 -15.20
CA MET F 124 17.94 24.10 -16.35
C MET F 124 16.54 24.19 -16.95
N TYR F 125 15.50 24.07 -16.12
CA TYR F 125 14.14 24.03 -16.66
C TYR F 125 13.89 25.24 -17.56
N MET F 126 14.26 26.43 -17.10
CA MET F 126 14.14 27.61 -17.95
C MET F 126 14.98 27.45 -19.20
N ASP F 127 16.13 26.77 -19.07
CA ASP F 127 17.00 26.54 -20.21
C ASP F 127 16.31 25.76 -21.31
N ARG F 128 15.25 25.02 -20.97
CA ARG F 128 14.57 24.15 -21.93
C ARG F 128 13.25 24.70 -22.43
N VAL F 129 12.47 25.37 -21.58
CA VAL F 129 11.11 25.77 -21.91
C VAL F 129 11.05 27.24 -22.27
N TYR F 130 11.62 28.10 -21.42
CA TYR F 130 11.52 29.54 -21.65
C TYR F 130 12.37 29.97 -22.84
N VAL F 131 13.68 29.72 -22.76
CA VAL F 131 14.58 30.20 -23.80
C VAL F 131 14.17 29.65 -25.16
N GLN F 132 13.82 28.37 -25.20
CA GLN F 132 13.47 27.73 -26.48
C GLN F 132 12.24 28.39 -27.08
N GLN F 133 11.21 28.63 -26.26
CA GLN F 133 9.98 29.25 -26.76
C GLN F 133 10.08 30.75 -26.87
N ASN F 134 10.85 31.40 -25.99
CA ASN F 134 10.96 32.85 -25.98
C ASN F 134 12.09 33.37 -26.86
N ASN F 135 13.00 32.50 -27.30
CA ASN F 135 14.01 32.84 -28.30
C ASN F 135 15.07 33.80 -27.79
N VAL F 136 15.49 33.67 -26.52
CA VAL F 136 16.59 34.46 -25.99
C VAL F 136 17.82 33.57 -25.89
N GLU F 137 18.98 34.20 -25.67
CA GLU F 137 20.22 33.45 -25.56
C GLU F 137 20.16 32.50 -24.38
N ASN F 138 20.62 31.27 -24.57
CA ASN F 138 20.60 30.29 -23.49
C ASN F 138 21.39 30.81 -22.30
N VAL F 139 21.21 30.15 -21.16
CA VAL F 139 21.81 30.62 -19.92
C VAL F 139 23.33 30.72 -20.08
N TYR F 140 23.95 29.73 -20.71
CA TYR F 140 25.40 29.79 -20.90
C TYR F 140 25.77 30.94 -21.82
N ASN F 141 24.99 31.16 -22.87
CA ASN F 141 25.27 32.28 -23.77
C ASN F 141 25.20 33.60 -23.03
N LEU F 142 24.15 33.78 -22.20
CA LEU F 142 24.05 35.00 -21.42
C LEU F 142 25.21 35.13 -20.44
N GLY F 143 25.59 34.02 -19.81
CA GLY F 143 26.68 34.08 -18.85
C GLY F 143 27.99 34.51 -19.48
N LEU F 144 28.30 33.96 -20.66
CA LEU F 144 29.52 34.35 -21.34
C LEU F 144 29.38 35.71 -22.00
N ILE F 145 28.20 35.99 -22.56
CA ILE F 145 27.98 37.25 -23.27
C ILE F 145 28.27 38.43 -22.35
N ILE F 146 27.72 38.41 -21.15
CA ILE F 146 27.91 39.53 -20.23
C ILE F 146 29.37 39.68 -19.86
N PHE F 147 30.03 38.57 -19.51
CA PHE F 147 31.45 38.63 -19.17
C PHE F 147 32.26 39.18 -20.33
N ARG F 148 32.00 38.68 -21.54
CA ARG F 148 32.67 39.20 -22.73
C ARG F 148 32.42 40.70 -22.86
N ASP F 149 31.17 41.12 -22.81
CA ASP F 149 30.86 42.53 -22.98
C ASP F 149 31.48 43.37 -21.86
N GLN F 150 31.29 42.95 -20.61
CA GLN F 150 31.52 43.82 -19.46
C GLN F 150 32.82 43.53 -18.71
N VAL F 151 33.62 42.57 -19.16
CA VAL F 151 34.88 42.29 -18.48
C VAL F 151 36.05 42.33 -19.45
N VAL F 152 35.97 41.52 -20.51
CA VAL F 152 37.10 41.43 -21.45
C VAL F 152 37.10 42.61 -22.40
N ARG F 153 35.96 42.90 -23.01
CA ARG F 153 35.85 43.94 -24.02
C ARG F 153 35.67 45.33 -23.43
N TYR F 154 35.95 45.52 -22.15
CA TYR F 154 36.00 46.86 -21.59
C TYR F 154 37.25 47.57 -22.08
N GLY F 155 37.13 48.88 -22.31
CA GLY F 155 38.21 49.64 -22.90
C GLY F 155 39.57 49.42 -22.29
N CYS F 156 39.75 49.81 -21.03
CA CYS F 156 41.08 49.81 -20.43
C CYS F 156 41.67 48.40 -20.40
N ILE F 157 40.89 47.41 -20.00
CA ILE F 157 41.40 46.04 -19.94
C ILE F 157 41.60 45.49 -21.34
N ARG F 158 40.65 45.74 -22.24
CA ARG F 158 40.67 45.09 -23.56
C ARG F 158 41.97 45.40 -24.29
N ASP F 159 42.31 46.67 -24.43
CA ASP F 159 43.57 47.02 -25.09
C ASP F 159 44.76 46.63 -24.23
N HIS F 160 44.68 46.90 -22.93
CA HIS F 160 45.74 46.45 -22.02
C HIS F 160 45.95 44.96 -22.14
N LEU F 161 44.86 44.19 -22.27
CA LEU F 161 44.99 42.75 -22.47
C LEU F 161 45.72 42.46 -23.77
N ARG F 162 45.35 43.15 -24.85
CA ARG F 162 46.03 42.96 -26.12
C ARG F 162 47.51 43.35 -26.01
N GLN F 163 47.78 44.49 -25.39
CA GLN F 163 49.16 44.98 -25.30
C GLN F 163 50.03 44.03 -24.50
N THR F 164 49.53 43.57 -23.35
CA THR F 164 50.35 42.73 -22.47
C THR F 164 50.73 41.43 -23.15
N LEU F 165 49.80 40.81 -23.88
CA LEU F 165 50.13 39.59 -24.61
C LEU F 165 51.14 39.88 -25.70
N LEU F 166 50.87 40.89 -26.53
CA LEU F 166 51.84 41.28 -27.55
C LEU F 166 53.17 41.69 -26.93
N ASP F 167 53.12 42.35 -25.76
CA ASP F 167 54.35 42.64 -25.04
C ASP F 167 55.15 41.37 -24.78
N MET F 168 54.47 40.33 -24.30
CA MET F 168 55.14 39.04 -24.10
C MET F 168 55.58 38.44 -25.43
N ILE F 169 54.75 38.58 -26.46
CA ILE F 169 55.10 38.00 -27.76
C ILE F 169 56.42 38.58 -28.26
N ALA F 170 56.45 39.89 -28.49
CA ALA F 170 57.66 40.52 -29.00
C ALA F 170 58.87 40.16 -28.15
N ARG F 171 58.69 40.13 -26.83
CA ARG F 171 59.78 39.72 -25.95
C ARG F 171 60.14 38.26 -26.16
N GLU F 172 59.16 37.41 -26.49
CA GLU F 172 59.48 36.05 -26.89
C GLU F 172 60.30 36.04 -28.17
N ARG F 173 59.93 36.88 -29.13
CA ARG F 173 60.69 36.97 -30.37
C ARG F 173 62.04 37.62 -30.16
N LYS F 174 62.29 38.15 -28.95
CA LYS F 174 63.60 38.68 -28.58
C LYS F 174 64.42 37.70 -27.75
N GLY F 175 63.82 36.66 -27.21
CA GLY F 175 64.55 35.62 -26.51
C GLY F 175 64.44 35.63 -25.00
N GLU F 176 63.25 35.87 -24.44
CA GLU F 176 63.06 35.85 -23.00
C GLU F 176 62.37 34.55 -22.56
N VAL F 177 62.61 34.18 -21.31
CA VAL F 177 61.96 33.01 -20.72
C VAL F 177 60.60 33.44 -20.19
N VAL F 178 59.53 32.94 -20.81
CA VAL F 178 58.17 33.37 -20.52
C VAL F 178 57.26 32.15 -20.37
N ASP F 179 56.07 32.40 -19.85
CA ASP F 179 55.05 31.37 -19.66
C ASP F 179 54.12 31.38 -20.86
N ARG F 180 54.59 30.78 -21.95
CA ARG F 180 53.80 30.68 -23.17
C ARG F 180 52.35 30.33 -22.86
N GLY F 181 52.14 29.41 -21.92
CA GLY F 181 50.78 28.98 -21.61
C GLY F 181 49.88 30.14 -21.25
N ALA F 182 50.37 31.06 -20.43
CA ALA F 182 49.54 32.19 -20.01
C ALA F 182 48.90 32.86 -21.21
N ILE F 183 49.67 33.08 -22.27
CA ILE F 183 49.08 33.53 -23.53
C ILE F 183 48.09 32.49 -24.03
N ARG F 184 48.52 31.21 -24.04
CA ARG F 184 47.67 30.17 -24.63
C ARG F 184 46.34 30.07 -23.91
N ASN F 185 46.34 30.06 -22.59
CA ASN F 185 45.07 30.02 -21.85
C ASN F 185 44.21 31.22 -22.22
N ALA F 186 44.82 32.40 -22.27
CA ALA F 186 44.07 33.59 -22.65
C ALA F 186 43.48 33.43 -24.05
N CYS F 187 44.27 32.92 -24.99
CA CYS F 187 43.76 32.70 -26.34
C CYS F 187 42.49 31.86 -26.30
N GLN F 188 42.59 30.63 -25.79
CA GLN F 188 41.42 29.76 -25.72
C GLN F 188 40.26 30.47 -25.03
N MET F 189 40.55 31.26 -24.00
CA MET F 189 39.50 32.00 -23.31
C MET F 189 38.70 32.84 -24.29
N LEU F 190 39.39 33.60 -25.16
CA LEU F 190 38.67 34.34 -26.19
C LEU F 190 37.94 33.40 -27.14
N MET F 191 38.56 32.29 -27.52
CA MET F 191 37.87 31.31 -28.36
C MET F 191 36.54 30.91 -27.75
N ILE F 192 36.57 30.54 -26.46
CA ILE F 192 35.33 30.20 -25.78
C ILE F 192 34.42 31.43 -25.72
N LEU F 193 35.00 32.60 -25.43
CA LEU F 193 34.19 33.81 -25.32
C LEU F 193 33.38 34.07 -26.57
N GLY F 194 33.93 33.73 -27.74
CA GLY F 194 33.18 33.88 -28.96
C GLY F 194 32.03 32.92 -29.12
N LEU F 195 31.92 31.95 -28.22
CA LEU F 195 30.88 30.92 -28.31
C LEU F 195 31.18 30.12 -29.57
N GLU F 196 30.23 29.96 -30.49
CA GLU F 196 30.51 29.23 -31.72
C GLU F 196 31.60 29.91 -32.54
N GLY F 197 31.52 31.25 -32.66
CA GLY F 197 32.44 31.97 -33.50
C GLY F 197 33.78 32.27 -32.84
N ARG F 198 34.73 32.70 -33.67
CA ARG F 198 36.05 33.10 -33.22
C ARG F 198 36.26 34.62 -33.28
N SER F 199 35.24 35.37 -33.69
CA SER F 199 35.42 36.80 -33.95
C SER F 199 36.01 37.51 -32.74
N VAL F 200 35.65 37.08 -31.53
CA VAL F 200 36.21 37.68 -30.33
C VAL F 200 37.73 37.55 -30.35
N TYR F 201 38.21 36.36 -30.69
CA TYR F 201 39.66 36.15 -30.79
C TYR F 201 40.25 36.92 -31.96
N GLU F 202 39.53 36.97 -33.08
CA GLU F 202 40.08 37.65 -34.26
C GLU F 202 40.01 39.16 -34.10
N GLU F 203 38.91 39.68 -33.56
CA GLU F 203 38.77 41.12 -33.42
C GLU F 203 39.65 41.69 -32.31
N ASP F 204 39.99 40.86 -31.32
CA ASP F 204 40.73 41.34 -30.15
C ASP F 204 42.22 41.03 -30.21
N PHE F 205 42.61 39.84 -30.65
CA PHE F 205 44.01 39.44 -30.64
C PHE F 205 44.56 39.17 -32.04
N GLU F 206 43.88 38.33 -32.83
CA GLU F 206 44.46 37.86 -34.08
C GLU F 206 44.75 39.01 -35.04
N ALA F 207 43.71 39.71 -35.48
CA ALA F 207 43.90 40.76 -36.47
C ALA F 207 44.95 41.78 -36.00
N PRO F 208 44.92 42.30 -34.78
CA PRO F 208 46.04 43.13 -34.33
C PRO F 208 47.37 42.41 -34.37
N PHE F 209 47.40 41.13 -34.00
CA PHE F 209 48.67 40.40 -34.01
C PHE F 209 49.18 40.17 -35.42
N LEU F 210 48.29 39.75 -36.33
CA LEU F 210 48.71 39.44 -37.69
C LEU F 210 49.37 40.65 -38.33
N GLU F 211 48.76 41.83 -38.17
CA GLU F 211 49.36 43.05 -38.70
C GLU F 211 50.61 43.44 -37.94
N MET F 212 50.63 43.28 -36.62
CA MET F 212 51.82 43.59 -35.85
C MET F 212 52.99 42.71 -36.28
N SER F 213 52.73 41.42 -36.52
CA SER F 213 53.79 40.52 -36.93
C SER F 213 54.39 40.94 -38.27
N ALA F 214 53.53 41.39 -39.20
CA ALA F 214 54.03 41.83 -40.50
C ALA F 214 55.15 42.84 -40.33
N GLU F 215 54.96 43.82 -39.45
CA GLU F 215 56.02 44.79 -39.19
C GLU F 215 57.26 44.09 -38.63
N PHE F 216 57.06 43.12 -37.74
CA PHE F 216 58.18 42.33 -37.28
C PHE F 216 58.82 41.54 -38.40
N PHE F 217 58.06 41.23 -39.46
CA PHE F 217 58.58 40.48 -40.59
C PHE F 217 59.32 41.34 -41.60
N GLN F 218 58.77 42.49 -41.97
CA GLN F 218 59.41 43.35 -42.96
C GLN F 218 60.76 43.86 -42.45
N MET F 219 60.83 44.26 -41.18
CA MET F 219 62.10 44.72 -40.62
C MET F 219 63.13 43.60 -40.61
N GLU F 220 62.72 42.40 -40.19
CA GLU F 220 63.64 41.28 -40.11
C GLU F 220 63.98 40.73 -41.49
N SER F 221 62.98 40.64 -42.37
CA SER F 221 63.24 40.18 -43.74
C SER F 221 64.25 41.08 -44.42
N GLN F 222 64.07 42.40 -44.29
CA GLN F 222 65.05 43.34 -44.82
C GLN F 222 66.34 43.31 -44.02
N LYS F 223 66.25 43.13 -42.70
CA LYS F 223 67.44 43.06 -41.86
C LYS F 223 68.32 41.89 -42.27
N PHE F 224 67.70 40.73 -42.50
CA PHE F 224 68.48 39.54 -42.87
C PHE F 224 68.99 39.63 -44.30
N LEU F 225 68.26 40.29 -45.19
CA LEU F 225 68.72 40.43 -46.57
C LEU F 225 70.06 41.15 -46.62
N ALA F 226 70.34 42.01 -45.65
CA ALA F 226 71.58 42.78 -45.59
C ALA F 226 72.66 42.11 -44.76
N GLU F 227 72.42 40.89 -44.28
CA GLU F 227 73.37 40.18 -43.43
C GLU F 227 73.94 38.91 -44.04
N ASN F 228 73.22 38.25 -44.93
CA ASN F 228 73.70 37.01 -45.51
C ASN F 228 73.08 36.80 -46.88
N SER F 229 73.53 35.74 -47.55
CA SER F 229 73.18 35.48 -48.94
C SER F 229 71.84 34.74 -49.02
N ALA F 230 71.52 34.24 -50.22
CA ALA F 230 70.21 33.63 -50.47
C ALA F 230 70.00 32.39 -49.62
N SER F 231 70.96 31.45 -49.67
CA SER F 231 70.74 30.16 -49.04
C SER F 231 70.51 30.30 -47.53
N VAL F 232 71.35 31.09 -46.86
CA VAL F 232 71.15 31.31 -45.43
C VAL F 232 69.84 32.04 -45.19
N TYR F 233 69.54 33.05 -46.01
CA TYR F 233 68.28 33.77 -45.88
C TYR F 233 67.10 32.81 -46.06
N ILE F 234 67.19 31.93 -47.05
CA ILE F 234 66.15 30.92 -47.23
C ILE F 234 66.11 30.00 -46.01
N LYS F 235 67.27 29.59 -45.51
CA LYS F 235 67.32 28.74 -44.32
C LYS F 235 66.63 29.42 -43.14
N LYS F 236 67.01 30.66 -42.84
CA LYS F 236 66.45 31.35 -41.69
C LYS F 236 64.95 31.59 -41.88
N VAL F 237 64.54 31.92 -43.11
CA VAL F 237 63.12 32.12 -43.38
C VAL F 237 62.34 30.85 -43.09
N GLU F 238 62.83 29.70 -43.57
CA GLU F 238 62.15 28.44 -43.30
C GLU F 238 62.09 28.15 -41.81
N ALA F 239 63.20 28.37 -41.10
CA ALA F 239 63.19 28.19 -39.66
C ALA F 239 62.23 29.18 -39.00
N ARG F 240 62.27 30.44 -39.43
CA ARG F 240 61.34 31.43 -38.89
C ARG F 240 59.90 31.02 -39.17
N ILE F 241 59.59 30.63 -40.41
CA ILE F 241 58.23 30.20 -40.74
C ILE F 241 57.77 29.14 -39.75
N ASN F 242 58.53 28.05 -39.63
CA ASN F 242 58.18 27.00 -38.69
C ASN F 242 58.04 27.57 -37.28
N GLU F 243 58.91 28.50 -36.91
CA GLU F 243 58.82 29.09 -35.58
C GLU F 243 57.49 29.80 -35.37
N GLU F 244 57.02 30.52 -36.39
CA GLU F 244 55.71 31.16 -36.27
C GLU F 244 54.61 30.12 -36.10
N ILE F 245 54.70 29.01 -36.85
CA ILE F 245 53.71 27.94 -36.70
C ILE F 245 53.75 27.36 -35.30
N GLU F 246 54.93 26.88 -34.89
CA GLU F 246 55.05 26.24 -33.58
C GLU F 246 54.49 27.14 -32.48
N ARG F 247 54.74 28.45 -32.57
CA ARG F 247 54.12 29.38 -31.64
C ARG F 247 52.60 29.27 -31.73
N VAL F 248 52.07 29.20 -32.95
CA VAL F 248 50.62 29.11 -33.11
C VAL F 248 50.09 27.84 -32.46
N MET F 249 50.76 26.71 -32.69
CA MET F 249 50.39 25.48 -31.99
C MET F 249 50.58 25.64 -30.48
N HIS F 250 51.77 26.06 -30.06
CA HIS F 250 52.17 25.97 -28.66
C HIS F 250 51.93 27.23 -27.85
N CYS F 251 51.48 28.32 -28.48
CA CYS F 251 51.28 29.57 -27.74
C CYS F 251 49.94 30.22 -28.07
N LEU F 252 49.37 29.89 -29.22
CA LEU F 252 48.18 30.56 -29.71
C LEU F 252 47.13 29.53 -30.15
N ASP F 253 46.01 30.02 -30.67
CA ASP F 253 45.00 29.15 -31.24
C ASP F 253 45.58 28.41 -32.43
N LYS F 254 45.31 27.09 -32.49
CA LYS F 254 45.91 26.28 -33.53
C LYS F 254 45.39 26.65 -34.91
N SER F 255 44.18 27.20 -35.00
CA SER F 255 43.63 27.59 -36.29
C SER F 255 44.28 28.85 -36.85
N THR F 256 45.15 29.52 -36.08
CA THR F 256 45.83 30.70 -36.58
C THR F 256 46.93 30.38 -37.58
N GLU F 257 47.13 29.10 -37.90
CA GLU F 257 48.22 28.69 -38.78
C GLU F 257 48.08 29.30 -40.18
N GLU F 258 46.93 29.13 -40.81
CA GLU F 258 46.78 29.59 -42.19
C GLU F 258 46.95 31.10 -42.32
N PRO F 259 46.29 31.94 -41.52
CA PRO F 259 46.48 33.39 -41.68
C PRO F 259 47.94 33.82 -41.52
N ILE F 260 48.56 33.45 -40.40
CA ILE F 260 49.96 33.83 -40.18
C ILE F 260 50.83 33.28 -41.31
N VAL F 261 50.51 32.07 -41.79
CA VAL F 261 51.22 31.53 -42.94
C VAL F 261 51.06 32.45 -44.14
N LYS F 262 49.83 32.94 -44.36
CA LYS F 262 49.57 33.81 -45.49
C LYS F 262 50.41 35.08 -45.40
N VAL F 263 50.46 35.69 -44.21
CA VAL F 263 51.24 36.91 -44.03
C VAL F 263 52.74 36.61 -44.04
N VAL F 264 53.16 35.61 -43.28
CA VAL F 264 54.59 35.31 -43.17
C VAL F 264 55.18 35.06 -44.56
N GLU F 265 54.53 34.20 -45.34
CA GLU F 265 55.04 33.90 -46.67
C GLU F 265 55.15 35.18 -47.50
N ARG F 266 54.13 36.03 -47.42
CA ARG F 266 54.13 37.25 -48.23
C ARG F 266 55.31 38.15 -47.86
N GLU F 267 55.45 38.47 -46.57
CA GLU F 267 56.47 39.42 -46.15
C GLU F 267 57.87 38.91 -46.45
N LEU F 268 58.12 37.63 -46.16
CA LEU F 268 59.46 37.09 -46.35
C LEU F 268 59.72 36.69 -47.80
N ILE F 269 58.74 36.05 -48.44
CA ILE F 269 58.92 35.47 -49.76
C ILE F 269 58.38 36.38 -50.86
N SER F 270 57.07 36.65 -50.84
CA SER F 270 56.46 37.37 -51.96
C SER F 270 57.06 38.77 -52.11
N LYS F 271 57.48 39.37 -51.01
CA LYS F 271 57.98 40.75 -51.08
C LYS F 271 59.39 40.80 -51.66
N HIS F 272 60.20 39.78 -51.39
CA HIS F 272 61.61 39.76 -51.78
C HIS F 272 61.91 38.60 -52.72
N MET F 273 61.00 38.34 -53.67
CA MET F 273 61.25 37.28 -54.64
C MET F 273 62.38 37.66 -55.59
N LYS F 274 62.31 38.87 -56.15
CA LYS F 274 63.32 39.29 -57.11
C LYS F 274 64.68 39.44 -56.45
N THR F 275 64.71 39.90 -55.20
CA THR F 275 65.98 40.01 -54.48
C THR F 275 66.62 38.65 -54.29
N ILE F 276 65.82 37.67 -53.85
CA ILE F 276 66.35 36.32 -53.68
C ILE F 276 66.82 35.77 -55.02
N VAL F 277 66.03 35.98 -56.07
CA VAL F 277 66.43 35.57 -57.41
C VAL F 277 67.68 36.32 -57.86
N GLU F 278 67.93 37.51 -57.32
CA GLU F 278 69.04 38.34 -57.76
C GLU F 278 69.83 38.94 -56.60
N MET F 279 70.21 38.11 -55.61
CA MET F 279 71.01 38.60 -54.50
C MET F 279 72.40 39.01 -54.95
N GLU F 280 73.09 39.80 -54.12
CA GLU F 280 74.43 40.26 -54.47
C GLU F 280 75.35 39.06 -54.70
N ASN F 281 76.01 39.05 -55.85
CA ASN F 281 76.95 38.00 -56.27
C ASN F 281 76.42 36.63 -55.87
N SER F 282 75.10 36.48 -55.87
CA SER F 282 74.44 35.27 -55.39
C SER F 282 73.05 35.24 -55.99
N GLY F 283 72.19 34.37 -55.46
CA GLY F 283 70.82 34.28 -55.92
C GLY F 283 70.60 33.18 -56.93
N LEU F 284 69.36 33.14 -57.42
CA LEU F 284 68.94 32.09 -58.34
C LEU F 284 69.88 32.00 -59.54
N VAL F 285 70.24 33.14 -60.12
CA VAL F 285 71.17 33.14 -61.25
C VAL F 285 72.50 32.53 -60.83
N HIS F 286 73.01 32.94 -59.66
CA HIS F 286 74.28 32.41 -59.18
C HIS F 286 74.19 30.90 -58.95
N MET F 287 73.13 30.45 -58.31
CA MET F 287 72.97 29.01 -58.06
C MET F 287 72.83 28.26 -59.38
N LEU F 288 72.03 28.81 -60.31
CA LEU F 288 71.84 28.14 -61.59
C LEU F 288 73.14 27.94 -62.33
N LYS F 289 73.98 28.99 -62.39
CA LYS F 289 75.29 28.84 -63.00
C LYS F 289 76.19 27.92 -62.17
N ASN F 290 76.12 28.04 -60.84
CA ASN F 290 76.89 27.17 -59.96
C ASN F 290 76.43 25.72 -60.00
N GLY F 291 75.21 25.47 -60.48
CA GLY F 291 74.68 24.12 -60.46
C GLY F 291 74.48 23.58 -59.07
N LYS F 292 74.10 24.43 -58.12
CA LYS F 292 73.86 24.03 -56.74
C LYS F 292 72.41 23.57 -56.60
N THR F 293 72.20 22.30 -56.97
CA THR F 293 70.84 21.78 -57.08
C THR F 293 70.13 21.79 -55.72
N GLU F 294 70.82 21.39 -54.66
CA GLU F 294 70.18 21.28 -53.36
C GLU F 294 69.62 22.63 -52.92
N ASP F 295 70.41 23.69 -53.02
CA ASP F 295 69.90 25.02 -52.73
C ASP F 295 68.81 25.42 -53.71
N LEU F 296 68.99 25.08 -54.99
CA LEU F 296 67.94 25.33 -55.98
C LEU F 296 66.67 24.57 -55.64
N GLY F 297 66.81 23.30 -55.24
CA GLY F 297 65.65 22.55 -54.80
C GLY F 297 65.07 23.09 -53.51
N CYS F 298 65.94 23.45 -52.55
CA CYS F 298 65.46 24.06 -51.32
C CYS F 298 64.73 25.36 -51.61
N MET F 299 65.25 26.16 -52.55
CA MET F 299 64.57 27.38 -52.93
C MET F 299 63.21 27.09 -53.55
N TYR F 300 63.12 26.02 -54.34
CA TYR F 300 61.86 25.68 -54.99
C TYR F 300 60.70 25.60 -53.99
N LYS F 301 60.88 24.85 -52.91
CA LYS F 301 59.77 24.63 -51.99
C LYS F 301 59.32 25.93 -51.33
N LEU F 302 60.26 26.83 -51.07
CA LEU F 302 59.91 28.11 -50.46
C LEU F 302 59.00 28.93 -51.40
N PHE F 303 59.37 29.01 -52.67
CA PHE F 303 58.60 29.81 -53.62
C PHE F 303 57.39 29.08 -54.16
N SER F 304 57.34 27.75 -54.05
CA SER F 304 56.15 27.02 -54.46
C SER F 304 54.94 27.42 -53.63
N ARG F 305 55.16 28.05 -52.48
CA ARG F 305 54.09 28.40 -51.57
C ARG F 305 53.18 29.50 -52.12
N VAL F 306 53.72 30.45 -52.87
CA VAL F 306 52.98 31.66 -53.26
C VAL F 306 52.49 31.55 -54.69
N PRO F 307 51.38 32.20 -55.05
CA PRO F 307 50.92 32.15 -56.45
C PRO F 307 51.95 32.74 -57.40
N ASN F 308 52.22 32.03 -58.48
CA ASN F 308 53.11 32.49 -59.55
C ASN F 308 54.54 32.66 -59.06
N GLY F 309 54.83 32.27 -57.81
CA GLY F 309 56.20 32.35 -57.33
C GLY F 309 57.13 31.46 -58.14
N LEU F 310 56.67 30.27 -58.48
CA LEU F 310 57.42 29.42 -59.41
C LEU F 310 57.43 30.03 -60.81
N LYS F 311 56.35 30.72 -61.20
CA LYS F 311 56.37 31.45 -62.46
C LYS F 311 57.42 32.54 -62.43
N THR F 312 57.55 33.24 -61.29
CA THR F 312 58.65 34.18 -61.14
C THR F 312 59.99 33.53 -61.41
N MET F 313 60.13 32.26 -61.01
CA MET F 313 61.34 31.50 -61.35
C MET F 313 61.41 31.26 -62.85
N CYS F 314 60.28 30.90 -63.48
CA CYS F 314 60.29 30.67 -64.91
C CYS F 314 60.89 31.84 -65.67
N GLU F 315 60.64 33.06 -65.19
CA GLU F 315 61.24 34.23 -65.81
C GLU F 315 62.76 34.19 -65.72
N CYS F 316 63.29 33.77 -64.57
CA CYS F 316 64.74 33.77 -64.39
C CYS F 316 65.39 32.67 -65.21
N MET F 317 64.85 31.45 -65.15
CA MET F 317 65.35 30.39 -66.03
C MET F 317 65.10 30.73 -67.50
N SER F 318 63.95 31.35 -67.79
CA SER F 318 63.72 31.81 -69.16
C SER F 318 64.84 32.75 -69.61
N SER F 319 65.14 33.76 -68.79
CA SER F 319 66.26 34.64 -69.11
C SER F 319 67.58 33.90 -69.07
N TYR F 320 67.78 33.06 -68.04
CA TYR F 320 69.01 32.29 -67.96
C TYR F 320 69.14 31.34 -69.15
N LEU F 321 68.03 30.72 -69.56
CA LEU F 321 68.05 29.89 -70.76
C LEU F 321 68.36 30.73 -72.00
N ARG F 322 67.74 31.90 -72.12
CA ARG F 322 68.00 32.77 -73.27
C ARG F 322 69.45 33.23 -73.27
N GLU F 323 69.99 33.61 -72.11
CA GLU F 323 71.37 34.04 -72.04
C GLU F 323 72.32 32.93 -72.49
N GLN F 324 72.08 31.71 -72.02
CA GLN F 324 72.90 30.59 -72.45
C GLN F 324 72.73 30.30 -73.93
N GLY F 325 71.49 30.37 -74.42
CA GLY F 325 71.23 30.02 -75.80
C GLY F 325 71.90 30.97 -76.80
N LYS F 326 71.77 32.27 -76.56
CA LYS F 326 72.27 33.24 -77.53
C LYS F 326 73.79 33.17 -77.66
N ALA F 327 74.49 32.97 -76.54
CA ALA F 327 75.94 32.92 -76.58
C ALA F 327 76.44 31.75 -77.41
N LEU F 328 75.66 30.68 -77.52
CA LEU F 328 76.08 29.49 -78.24
C LEU F 328 75.68 29.52 -79.71
N VAL F 329 74.41 29.86 -80.00
CA VAL F 329 73.93 29.86 -81.37
C VAL F 329 74.62 30.91 -82.21
N SER F 330 75.20 31.93 -81.59
CA SER F 330 75.88 33.01 -82.32
C SER F 330 77.28 32.52 -82.72
N GLU F 331 77.40 32.04 -83.95
CA GLU F 331 78.68 31.57 -84.46
C GLU F 331 79.66 32.74 -84.60
N GLU F 332 80.89 32.53 -84.15
CA GLU F 332 81.91 33.57 -84.18
C GLU F 332 83.27 32.95 -84.46
N GLY F 333 84.16 33.76 -85.02
CA GLY F 333 85.52 33.31 -85.26
C GLY F 333 85.57 32.07 -86.13
N GLU F 334 86.43 31.13 -85.74
CA GLU F 334 86.63 29.89 -86.48
C GLU F 334 85.68 28.79 -86.05
N GLY F 335 84.55 29.13 -85.42
CA GLY F 335 83.62 28.15 -84.92
C GLY F 335 83.76 27.97 -83.42
N LYS F 336 82.93 27.07 -82.89
CA LYS F 336 82.89 26.78 -81.48
C LYS F 336 82.89 25.27 -81.26
N ASN F 337 83.34 24.86 -80.07
CA ASN F 337 83.53 23.44 -79.79
C ASN F 337 82.19 22.70 -79.89
N PRO F 338 82.20 21.47 -80.40
CA PRO F 338 80.94 20.71 -80.48
C PRO F 338 80.25 20.55 -79.13
N VAL F 339 81.02 20.32 -78.06
CA VAL F 339 80.44 20.17 -76.74
C VAL F 339 79.71 21.43 -76.30
N ASP F 340 80.05 22.58 -76.91
CA ASP F 340 79.41 23.83 -76.53
C ASP F 340 78.21 24.15 -77.42
N TYR F 341 78.42 24.13 -78.74
CA TYR F 341 77.40 24.61 -79.68
C TYR F 341 76.86 23.52 -80.58
N ILE F 342 77.73 22.79 -81.30
CA ILE F 342 77.24 21.92 -82.37
C ILE F 342 76.30 20.86 -81.81
N GLN F 343 76.69 20.19 -80.72
CA GLN F 343 75.79 19.28 -80.02
C GLN F 343 75.53 19.71 -78.58
N GLY F 344 76.27 20.68 -78.06
CA GLY F 344 75.95 21.20 -76.74
C GLY F 344 74.69 22.05 -76.73
N LEU F 345 74.29 22.58 -77.88
CA LEU F 345 73.04 23.33 -77.97
C LEU F 345 71.87 22.45 -77.59
N LEU F 346 71.82 21.22 -78.11
CA LEU F 346 70.81 20.27 -77.68
C LEU F 346 71.01 19.89 -76.20
N ASP F 347 72.26 19.85 -75.75
CA ASP F 347 72.53 19.56 -74.34
C ASP F 347 72.14 20.73 -73.43
N LEU F 348 71.99 21.93 -73.98
CA LEU F 348 71.57 23.06 -73.16
C LEU F 348 70.20 22.81 -72.54
N LYS F 349 69.26 22.30 -73.34
CA LYS F 349 67.98 21.90 -72.78
C LYS F 349 68.14 20.78 -71.77
N SER F 350 68.99 19.79 -72.08
CA SER F 350 69.24 18.69 -71.14
C SER F 350 69.85 19.21 -69.85
N ARG F 351 70.81 20.13 -69.95
CA ARG F 351 71.39 20.73 -68.75
C ARG F 351 70.33 21.47 -67.95
N PHE F 352 69.44 22.20 -68.63
CA PHE F 352 68.34 22.84 -67.95
C PHE F 352 67.30 21.82 -67.48
N ASP F 353 67.19 20.70 -68.19
CA ASP F 353 66.33 19.62 -67.71
C ASP F 353 66.89 18.99 -66.45
N ARG F 354 68.22 18.94 -66.32
CA ARG F 354 68.81 18.44 -65.07
C ARG F 354 68.44 19.33 -63.90
N PHE F 355 68.49 20.65 -64.09
CA PHE F 355 68.02 21.56 -63.06
C PHE F 355 66.53 21.35 -62.82
N LEU F 356 65.77 21.08 -63.88
CA LEU F 356 64.36 20.78 -63.73
C LEU F 356 64.16 19.53 -62.88
N LEU F 357 65.00 18.52 -63.07
CA LEU F 357 64.86 17.26 -62.34
C LEU F 357 65.46 17.35 -60.95
N GLU F 358 66.77 17.61 -60.88
CA GLU F 358 67.49 17.57 -59.62
C GLU F 358 67.03 18.63 -58.63
N SER F 359 66.37 19.68 -59.08
CA SER F 359 65.97 20.76 -58.19
C SER F 359 64.50 21.11 -58.28
N PHE F 360 63.88 21.01 -59.45
CA PHE F 360 62.55 21.54 -59.69
C PHE F 360 61.51 20.45 -59.95
N ASN F 361 61.68 19.29 -59.32
CA ASN F 361 60.63 18.29 -59.18
C ASN F 361 59.93 18.00 -60.51
N ASN F 362 60.67 18.06 -61.62
CA ASN F 362 60.11 17.82 -62.94
C ASN F 362 58.79 18.57 -63.12
N ASP F 363 58.75 19.79 -62.62
CA ASP F 363 57.52 20.56 -62.57
C ASP F 363 56.97 20.84 -63.96
N ARG F 364 55.64 20.87 -64.07
CA ARG F 364 55.00 21.17 -65.35
C ARG F 364 55.34 22.58 -65.81
N LEU F 365 55.24 23.56 -64.91
CA LEU F 365 55.33 24.95 -65.33
C LEU F 365 56.69 25.25 -65.94
N PHE F 366 57.75 24.61 -65.44
CA PHE F 366 59.09 24.86 -65.98
C PHE F 366 59.34 24.07 -67.26
N LYS F 367 59.14 22.75 -67.21
CA LYS F 367 59.41 21.95 -68.40
C LYS F 367 58.45 22.29 -69.54
N GLN F 368 57.39 23.04 -69.26
CA GLN F 368 56.48 23.52 -70.30
C GLN F 368 56.80 24.93 -70.78
N THR F 369 57.36 25.78 -69.91
CA THR F 369 57.57 27.18 -70.27
C THR F 369 58.94 27.42 -70.87
N ILE F 370 60.00 26.92 -70.22
CA ILE F 370 61.35 27.23 -70.67
C ILE F 370 61.60 26.70 -72.08
N ALA F 371 60.88 25.67 -72.50
CA ALA F 371 61.08 25.10 -73.82
C ALA F 371 60.86 26.15 -74.91
N GLY F 372 59.95 27.09 -74.69
CA GLY F 372 59.72 28.13 -75.68
C GLY F 372 60.96 28.95 -75.95
N ASP F 373 61.71 29.28 -74.89
CA ASP F 373 62.97 29.99 -75.07
C ASP F 373 63.96 29.15 -75.88
N PHE F 374 64.03 27.85 -75.59
CA PHE F 374 64.98 27.00 -76.31
C PHE F 374 64.67 26.98 -77.80
N GLU F 375 63.40 26.84 -78.16
CA GLU F 375 63.02 26.88 -79.57
C GLU F 375 63.17 28.29 -80.13
N TYR F 376 63.06 29.30 -79.28
CA TYR F 376 63.15 30.68 -79.76
C TYR F 376 64.52 30.97 -80.35
N PHE F 377 65.58 30.68 -79.60
CA PHE F 377 66.93 30.89 -80.11
C PHE F 377 67.50 29.68 -80.84
N LEU F 378 66.83 28.54 -80.79
CA LEU F 378 67.22 27.42 -81.65
C LEU F 378 66.87 27.68 -83.10
N ASN F 379 65.78 28.40 -83.35
CA ASN F 379 65.39 28.75 -84.71
C ASN F 379 66.37 29.72 -85.37
N LEU F 380 67.27 30.34 -84.60
CA LEU F 380 68.27 31.23 -85.16
C LEU F 380 69.43 30.50 -85.82
N ASN F 381 69.49 29.17 -85.68
CA ASN F 381 70.56 28.38 -86.28
C ASN F 381 70.67 28.63 -87.78
N THR G 24 -34.33 14.87 9.67
CA THR G 24 -33.35 15.77 10.34
C THR G 24 -33.14 15.37 11.80
N MET G 25 -32.01 15.75 12.36
CA MET G 25 -31.67 15.39 13.73
C MET G 25 -30.66 16.39 14.28
N ASP G 26 -30.52 16.37 15.60
CA ASP G 26 -29.55 17.22 16.29
C ASP G 26 -28.88 16.39 17.38
N GLU G 27 -27.69 16.82 17.78
CA GLU G 27 -26.88 16.08 18.74
C GLU G 27 -26.34 17.01 19.81
N LYS G 28 -26.29 16.50 21.04
CA LYS G 28 -25.51 17.16 22.08
C LYS G 28 -24.02 17.09 21.79
N TYR G 29 -23.62 16.25 20.83
CA TYR G 29 -22.21 16.09 20.51
C TYR G 29 -21.57 17.41 20.09
N VAL G 30 -22.35 18.30 19.49
CA VAL G 30 -21.81 19.60 19.08
C VAL G 30 -21.18 20.31 20.26
N ASN G 31 -21.87 20.31 21.40
CA ASN G 31 -21.33 20.99 22.57
C ASN G 31 -20.01 20.37 23.01
N SER G 32 -19.87 19.05 22.90
CA SER G 32 -18.66 18.39 23.39
C SER G 32 -17.41 18.95 22.71
N ILE G 33 -17.44 19.08 21.39
CA ILE G 33 -16.32 19.71 20.68
C ILE G 33 -16.27 21.19 21.00
N TRP G 34 -17.43 21.85 21.00
CA TRP G 34 -17.48 23.27 21.33
C TRP G 34 -16.77 23.57 22.64
N ASP G 35 -16.97 22.72 23.66
CA ASP G 35 -16.30 22.94 24.92
C ASP G 35 -14.79 22.85 24.78
N LEU G 36 -14.31 21.85 24.04
CA LEU G 36 -12.87 21.75 23.82
C LEU G 36 -12.36 22.94 23.03
N LEU G 37 -13.09 23.32 21.98
CA LEU G 37 -12.73 24.54 21.25
C LEU G 37 -12.79 25.75 22.17
N LYS G 38 -13.85 25.86 22.96
CA LYS G 38 -13.92 26.92 23.96
C LYS G 38 -12.79 26.78 24.98
N ASN G 39 -12.59 25.57 25.50
CA ASN G 39 -11.55 25.36 26.50
C ASN G 39 -10.20 25.81 25.94
N ALA G 40 -9.93 25.52 24.68
CA ALA G 40 -8.68 25.95 24.07
C ALA G 40 -8.56 27.48 24.10
N ILE G 41 -9.59 28.17 23.64
CA ILE G 41 -9.50 29.62 23.48
C ILE G 41 -9.10 30.28 24.78
N GLN G 42 -9.70 29.85 25.90
CA GLN G 42 -9.32 30.40 27.19
C GLN G 42 -7.84 30.19 27.46
N GLU G 43 -7.33 28.98 27.17
CA GLU G 43 -5.95 28.68 27.50
C GLU G 43 -4.97 29.55 26.72
N ILE G 44 -5.24 29.79 25.44
CA ILE G 44 -4.40 30.73 24.69
C ILE G 44 -4.38 32.07 25.40
N GLN G 45 -5.56 32.53 25.80
CA GLN G 45 -5.69 33.79 26.53
C GLN G 45 -5.07 33.71 27.91
N ARG G 46 -4.88 32.50 28.44
CA ARG G 46 -4.17 32.29 29.69
C ARG G 46 -2.65 32.29 29.51
N LYS G 47 -2.18 32.23 28.26
CA LYS G 47 -0.76 32.37 27.95
C LYS G 47 0.04 31.15 28.39
N ASN G 48 -0.54 29.96 28.26
CA ASN G 48 0.18 28.69 28.42
C ASN G 48 -0.31 27.75 27.31
N ASN G 49 0.34 27.81 26.16
CA ASN G 49 -0.10 27.03 25.02
C ASN G 49 0.30 25.56 25.11
N SER G 50 1.26 25.23 25.98
CA SER G 50 1.74 23.87 26.08
C SER G 50 0.58 22.90 26.27
N GLY G 51 0.49 21.92 25.37
CA GLY G 51 -0.57 20.94 25.41
C GLY G 51 -1.58 21.15 24.30
N LEU G 52 -1.93 22.41 24.05
CA LEU G 52 -2.83 22.72 22.95
C LEU G 52 -2.14 22.43 21.63
N SER G 53 -2.92 21.94 20.67
CA SER G 53 -2.40 21.60 19.34
C SER G 53 -3.27 22.23 18.27
N PHE G 54 -2.62 22.89 17.31
CA PHE G 54 -3.37 23.52 16.22
C PHE G 54 -4.11 22.48 15.38
N GLU G 55 -3.43 21.38 15.05
CA GLU G 55 -4.05 20.37 14.19
C GLU G 55 -5.40 19.95 14.74
N GLU G 56 -5.46 19.64 16.03
CA GLU G 56 -6.71 19.25 16.66
C GLU G 56 -7.76 20.34 16.50
N LEU G 57 -7.40 21.56 16.87
CA LEU G 57 -8.39 22.64 16.93
C LEU G 57 -8.97 22.95 15.58
N TYR G 58 -8.14 23.03 14.54
CA TYR G 58 -8.65 23.43 13.24
C TYR G 58 -9.72 22.46 12.76
N ARG G 59 -9.45 21.15 12.91
CA ARG G 59 -10.44 20.15 12.55
C ARG G 59 -11.70 20.32 13.38
N ASN G 60 -11.54 20.50 14.69
CA ASN G 60 -12.71 20.76 15.54
C ASN G 60 -13.54 21.90 14.98
N ALA G 61 -12.91 23.08 14.79
CA ALA G 61 -13.60 24.19 14.18
C ALA G 61 -14.18 23.78 12.82
N TYR G 62 -13.42 23.03 12.03
CA TYR G 62 -13.92 22.54 10.76
C TYR G 62 -15.22 21.75 10.95
N THR G 63 -15.24 20.84 11.91
CA THR G 63 -16.43 20.04 12.14
C THR G 63 -17.62 20.93 12.47
N MET G 64 -17.41 21.94 13.33
CA MET G 64 -18.48 22.85 13.69
C MET G 64 -19.10 23.50 12.45
N VAL G 65 -18.26 24.10 11.61
CA VAL G 65 -18.79 24.81 10.45
C VAL G 65 -19.37 23.84 9.44
N LEU G 66 -18.82 22.62 9.38
CA LEU G 66 -19.27 21.65 8.40
C LEU G 66 -20.68 21.13 8.68
N HIS G 67 -21.04 20.99 9.96
CA HIS G 67 -22.34 20.45 10.34
C HIS G 67 -23.44 21.51 10.34
N LYS G 68 -23.24 22.61 9.60
CA LYS G 68 -24.22 23.69 9.53
C LYS G 68 -24.43 24.32 10.90
N HIS G 69 -23.33 24.67 11.56
CA HIS G 69 -23.36 25.34 12.86
C HIS G 69 -22.48 26.58 12.84
N GLY G 70 -22.32 27.20 11.67
CA GLY G 70 -21.50 28.38 11.58
C GLY G 70 -22.01 29.50 12.47
N GLU G 71 -23.32 29.77 12.42
CA GLU G 71 -23.89 30.81 13.27
C GLU G 71 -23.62 30.51 14.74
N LYS G 72 -23.83 29.25 15.14
CA LYS G 72 -23.52 28.87 16.52
C LYS G 72 -22.04 29.08 16.82
N LEU G 73 -21.17 28.64 15.91
CA LEU G 73 -19.75 28.85 16.10
C LEU G 73 -19.42 30.33 16.06
N TYR G 74 -20.03 31.09 15.15
CA TYR G 74 -19.73 32.50 15.04
C TYR G 74 -20.10 33.24 16.32
N THR G 75 -21.29 32.96 16.86
CA THR G 75 -21.68 33.59 18.12
C THR G 75 -20.74 33.19 19.25
N GLY G 76 -20.53 31.88 19.42
CA GLY G 76 -19.68 31.44 20.52
C GLY G 76 -18.33 32.12 20.52
N LEU G 77 -17.76 32.35 19.34
CA LEU G 77 -16.55 33.15 19.24
C LEU G 77 -16.75 34.49 19.92
N ARG G 78 -17.75 35.25 19.47
CA ARG G 78 -17.93 36.61 19.96
C ARG G 78 -17.96 36.64 21.49
N GLU G 79 -18.76 35.76 22.09
CA GLU G 79 -18.80 35.71 23.54
C GLU G 79 -17.43 35.37 24.12
N VAL G 80 -16.86 34.23 23.73
CA VAL G 80 -15.73 33.69 24.48
C VAL G 80 -14.60 34.72 24.55
N VAL G 81 -14.38 35.47 23.46
CA VAL G 81 -13.39 36.55 23.54
C VAL G 81 -13.92 37.68 24.42
N THR G 82 -15.20 38.05 24.23
CA THR G 82 -15.75 39.22 24.91
C THR G 82 -15.62 39.10 26.42
N GLU G 83 -16.00 37.94 26.97
CA GLU G 83 -15.92 37.76 28.41
C GLU G 83 -14.52 38.06 28.94
N HIS G 84 -13.48 37.55 28.28
CA HIS G 84 -12.14 37.75 28.79
C HIS G 84 -11.77 39.23 28.81
N LEU G 85 -12.09 39.96 27.74
CA LEU G 85 -11.71 41.36 27.70
C LEU G 85 -12.36 42.14 28.84
N ILE G 86 -13.65 41.91 29.09
CA ILE G 86 -14.37 42.68 30.09
C ILE G 86 -14.10 42.14 31.49
N ASN G 87 -13.99 40.81 31.64
CA ASN G 87 -13.70 40.24 32.94
C ASN G 87 -12.23 40.36 33.34
N LYS G 88 -11.29 40.27 32.40
CA LYS G 88 -9.89 40.33 32.76
C LYS G 88 -9.22 41.57 32.20
N VAL G 89 -9.21 41.72 30.87
CA VAL G 89 -8.40 42.75 30.24
C VAL G 89 -8.79 44.13 30.76
N ARG G 90 -10.08 44.43 30.76
CA ARG G 90 -10.53 45.74 31.23
C ARG G 90 -10.12 45.96 32.68
N GLU G 91 -10.21 44.91 33.50
CA GLU G 91 -9.94 45.07 34.93
C GLU G 91 -8.53 45.57 35.17
N ASP G 92 -7.54 45.00 34.49
CA ASP G 92 -6.17 45.48 34.64
C ASP G 92 -6.06 46.93 34.17
N VAL G 93 -6.64 47.23 33.00
CA VAL G 93 -6.55 48.59 32.47
C VAL G 93 -7.12 49.58 33.47
N LEU G 94 -8.25 49.24 34.09
CA LEU G 94 -8.77 50.06 35.17
C LEU G 94 -7.79 50.10 36.34
N ASN G 95 -7.20 48.96 36.67
CA ASN G 95 -6.22 48.91 37.75
C ASN G 95 -4.94 49.66 37.42
N SER G 96 -4.65 49.89 36.14
CA SER G 96 -3.45 50.60 35.73
C SER G 96 -3.68 52.07 35.47
N LEU G 97 -4.87 52.59 35.79
CA LEU G 97 -5.21 53.96 35.45
C LEU G 97 -4.16 54.94 35.96
N ASN G 98 -3.59 54.68 37.14
CA ASN G 98 -2.59 55.55 37.74
C ASN G 98 -1.36 54.76 38.14
N ASN G 99 -1.00 53.75 37.34
CA ASN G 99 0.26 53.05 37.54
C ASN G 99 0.66 52.43 36.21
N ASN G 100 1.57 53.10 35.49
CA ASN G 100 2.07 52.60 34.21
C ASN G 100 0.93 52.29 33.26
N PHE G 101 -0.05 53.20 33.22
CA PHE G 101 -1.24 53.01 32.40
C PHE G 101 -0.88 52.68 30.95
N LEU G 102 -0.18 53.61 30.28
CA LEU G 102 0.13 53.41 28.88
C LEU G 102 0.83 52.07 28.66
N GLN G 103 1.71 51.69 29.58
CA GLN G 103 2.39 50.40 29.47
C GLN G 103 1.38 49.27 29.50
N THR G 104 0.38 49.36 30.39
CA THR G 104 -0.60 48.29 30.50
C THR G 104 -1.48 48.20 29.26
N LEU G 105 -2.04 49.34 28.83
CA LEU G 105 -2.96 49.29 27.70
C LEU G 105 -2.27 48.77 26.45
N ASN G 106 -1.04 49.21 26.20
CA ASN G 106 -0.25 48.62 25.12
C ASN G 106 -0.09 47.12 25.34
N GLN G 107 0.37 46.73 26.53
CA GLN G 107 0.58 45.32 26.81
C GLN G 107 -0.67 44.50 26.55
N ALA G 108 -1.82 45.02 26.94
CA ALA G 108 -3.07 44.30 26.71
C ALA G 108 -3.29 44.06 25.22
N TRP G 109 -3.08 45.09 24.41
CA TRP G 109 -3.34 44.97 22.98
C TRP G 109 -2.25 44.16 22.28
N ASN G 110 -1.02 44.19 22.79
CA ASN G 110 -0.01 43.26 22.28
C ASN G 110 -0.45 41.82 22.48
N ASP G 111 -0.81 41.46 23.71
CA ASP G 111 -1.24 40.09 23.97
C ASP G 111 -2.53 39.77 23.23
N HIS G 112 -3.47 40.71 23.18
CA HIS G 112 -4.72 40.47 22.47
C HIS G 112 -4.44 40.17 21.00
N GLN G 113 -3.49 40.89 20.41
CA GLN G 113 -3.07 40.56 19.04
C GLN G 113 -2.58 39.13 18.96
N THR G 114 -1.73 38.72 19.90
CA THR G 114 -1.21 37.36 19.87
C THR G 114 -2.36 36.36 19.90
N ALA G 115 -3.29 36.55 20.82
CA ALA G 115 -4.39 35.60 20.95
C ALA G 115 -5.24 35.56 19.68
N MET G 116 -5.56 36.73 19.11
CA MET G 116 -6.52 36.77 18.03
C MET G 116 -6.00 36.18 16.74
N VAL G 117 -4.69 36.26 16.48
CA VAL G 117 -4.15 35.57 15.32
C VAL G 117 -4.38 34.08 15.43
N MET G 118 -4.12 33.50 16.61
CA MET G 118 -4.48 32.11 16.84
C MET G 118 -5.96 31.86 16.56
N ILE G 119 -6.82 32.71 17.12
CA ILE G 119 -8.24 32.56 16.88
C ILE G 119 -8.53 32.60 15.39
N ARG G 120 -7.89 33.52 14.67
CA ARG G 120 -8.02 33.57 13.23
C ARG G 120 -7.50 32.29 12.59
N ASP G 121 -6.39 31.76 13.13
CA ASP G 121 -5.78 30.57 12.54
C ASP G 121 -6.59 29.32 12.83
N ILE G 122 -7.31 29.29 13.96
CA ILE G 122 -8.10 28.12 14.31
C ILE G 122 -9.44 28.12 13.59
N LEU G 123 -9.92 29.31 13.20
CA LEU G 123 -11.24 29.46 12.60
C LEU G 123 -11.17 29.74 11.10
N MET G 124 -10.02 29.46 10.47
CA MET G 124 -9.82 29.89 9.10
C MET G 124 -10.95 29.46 8.19
N TYR G 125 -11.39 28.20 8.31
CA TYR G 125 -12.47 27.73 7.45
C TYR G 125 -13.72 28.58 7.67
N MET G 126 -14.15 28.70 8.93
CA MET G 126 -15.30 29.57 9.23
C MET G 126 -15.02 30.97 8.69
N ASP G 127 -13.77 31.40 8.73
CA ASP G 127 -13.39 32.69 8.17
C ASP G 127 -13.63 32.75 6.67
N ARG G 128 -13.80 31.60 6.01
CA ARG G 128 -13.98 31.58 4.57
C ARG G 128 -15.44 31.34 4.16
N VAL G 129 -16.05 30.31 4.72
CA VAL G 129 -17.36 29.88 4.21
C VAL G 129 -18.48 30.72 4.80
N TYR G 130 -18.55 30.81 6.13
CA TYR G 130 -19.68 31.48 6.77
C TYR G 130 -19.57 32.99 6.60
N VAL G 131 -18.36 33.54 6.79
CA VAL G 131 -18.19 34.99 6.74
C VAL G 131 -18.57 35.52 5.38
N GLN G 132 -18.06 34.90 4.32
CA GLN G 132 -18.32 35.40 2.97
C GLN G 132 -19.73 35.09 2.49
N GLN G 133 -20.40 34.13 3.11
CA GLN G 133 -21.77 33.77 2.73
C GLN G 133 -22.81 34.63 3.45
N ASN G 134 -22.55 35.01 4.70
CA ASN G 134 -23.53 35.69 5.53
C ASN G 134 -23.22 37.16 5.73
N ASN G 135 -22.06 37.64 5.29
CA ASN G 135 -21.72 39.06 5.28
C ASN G 135 -21.45 39.61 6.67
N VAL G 136 -21.13 38.76 7.64
CA VAL G 136 -20.70 39.22 8.96
C VAL G 136 -19.22 39.56 8.87
N GLU G 137 -18.71 40.26 9.87
CA GLU G 137 -17.31 40.66 9.86
C GLU G 137 -16.41 39.47 10.15
N ASN G 138 -15.22 39.49 9.55
CA ASN G 138 -14.32 38.36 9.64
C ASN G 138 -13.71 38.26 11.04
N VAL G 139 -13.03 37.14 11.29
CA VAL G 139 -12.63 36.80 12.65
C VAL G 139 -11.77 37.91 13.24
N TYR G 140 -10.74 38.34 12.52
CA TYR G 140 -9.84 39.33 13.08
C TYR G 140 -10.50 40.69 13.19
N ASN G 141 -11.48 40.98 12.33
CA ASN G 141 -12.27 42.19 12.52
C ASN G 141 -13.03 42.13 13.84
N LEU G 142 -13.62 40.98 14.14
CA LEU G 142 -14.31 40.82 15.42
C LEU G 142 -13.33 40.91 16.58
N GLY G 143 -12.16 40.30 16.43
CA GLY G 143 -11.19 40.32 17.53
C GLY G 143 -10.82 41.73 17.93
N LEU G 144 -10.54 42.59 16.93
CA LEU G 144 -10.18 43.96 17.24
C LEU G 144 -11.41 44.78 17.62
N ILE G 145 -12.54 44.54 16.94
CA ILE G 145 -13.74 45.31 17.21
C ILE G 145 -14.14 45.20 18.68
N ILE G 146 -14.19 43.98 19.20
CA ILE G 146 -14.58 43.81 20.60
C ILE G 146 -13.57 44.46 21.51
N PHE G 147 -12.28 44.34 21.17
CA PHE G 147 -11.25 45.10 21.88
C PHE G 147 -11.47 46.60 21.72
N ARG G 148 -12.11 47.01 20.63
CA ARG G 148 -12.36 48.43 20.42
C ARG G 148 -13.58 48.89 21.20
N ASP G 149 -14.70 48.16 21.09
CA ASP G 149 -15.94 48.60 21.74
C ASP G 149 -15.88 48.42 23.26
N GLN G 150 -15.27 47.35 23.74
CA GLN G 150 -15.45 46.92 25.12
C GLN G 150 -14.36 47.36 26.07
N VAL G 151 -13.16 47.68 25.59
CA VAL G 151 -12.08 48.09 26.48
C VAL G 151 -11.52 49.43 26.05
N VAL G 152 -11.19 49.59 24.77
CA VAL G 152 -10.53 50.80 24.32
C VAL G 152 -11.48 51.99 24.38
N ARG G 153 -12.60 51.92 23.68
CA ARG G 153 -13.54 53.03 23.62
C ARG G 153 -14.47 53.08 24.82
N TYR G 154 -14.22 52.27 25.84
CA TYR G 154 -14.99 52.35 27.07
C TYR G 154 -14.73 53.69 27.75
N GLY G 155 -15.80 54.35 28.18
CA GLY G 155 -15.72 55.73 28.61
C GLY G 155 -14.55 56.08 29.50
N CYS G 156 -14.49 55.51 30.70
CA CYS G 156 -13.46 55.90 31.66
C CYS G 156 -12.07 55.61 31.11
N ILE G 157 -11.86 54.43 30.53
CA ILE G 157 -10.59 54.12 29.90
C ILE G 157 -10.36 55.04 28.70
N ARG G 158 -11.38 55.19 27.86
CA ARG G 158 -11.24 55.98 26.64
C ARG G 158 -10.81 57.42 26.95
N ASP G 159 -11.54 58.07 27.85
CA ASP G 159 -11.20 59.45 28.19
C ASP G 159 -9.88 59.52 28.95
N HIS G 160 -9.73 58.66 29.98
CA HIS G 160 -8.47 58.62 30.70
C HIS G 160 -7.31 58.35 29.77
N LEU G 161 -7.52 57.49 28.78
CA LEU G 161 -6.50 57.27 27.76
C LEU G 161 -6.19 58.56 27.02
N ARG G 162 -7.23 59.23 26.52
CA ARG G 162 -7.02 60.48 25.78
C ARG G 162 -6.33 61.51 26.65
N GLN G 163 -6.80 61.68 27.88
CA GLN G 163 -6.21 62.66 28.79
C GLN G 163 -4.76 62.31 29.09
N THR G 164 -4.49 61.04 29.36
CA THR G 164 -3.14 60.64 29.73
C THR G 164 -2.14 60.98 28.62
N LEU G 165 -2.47 60.63 27.38
CA LEU G 165 -1.59 60.96 26.27
C LEU G 165 -1.41 62.46 26.14
N LEU G 166 -2.51 63.21 26.21
CA LEU G 166 -2.42 64.66 26.08
C LEU G 166 -1.63 65.26 27.24
N ASP G 167 -1.67 64.62 28.41
CA ASP G 167 -0.84 65.07 29.52
C ASP G 167 0.63 64.89 29.21
N MET G 168 0.97 63.79 28.55
CA MET G 168 2.38 63.50 28.29
C MET G 168 2.92 64.37 27.16
N ILE G 169 2.12 64.60 26.11
CA ILE G 169 2.59 65.36 24.96
C ILE G 169 2.89 66.80 25.34
N ALA G 170 1.96 67.44 26.06
CA ALA G 170 2.16 68.83 26.44
C ALA G 170 3.41 68.98 27.31
N ARG G 171 3.59 68.08 28.27
CA ARG G 171 4.81 68.09 29.06
C ARG G 171 6.04 67.89 28.19
N GLU G 172 5.94 67.05 27.15
CA GLU G 172 7.01 66.97 26.17
C GLU G 172 7.24 68.34 25.52
N ARG G 173 6.15 69.02 25.14
CA ARG G 173 6.29 70.38 24.64
C ARG G 173 6.91 71.30 25.68
N LYS G 174 6.81 70.93 26.96
CA LYS G 174 7.42 71.69 28.04
C LYS G 174 8.81 71.18 28.41
N GLY G 175 9.51 70.57 27.46
CA GLY G 175 10.88 70.17 27.67
C GLY G 175 11.09 68.92 28.48
N GLU G 176 10.02 68.21 28.82
CA GLU G 176 10.16 67.00 29.63
C GLU G 176 10.57 65.81 28.77
N VAL G 177 11.58 65.09 29.23
CA VAL G 177 11.97 63.85 28.56
C VAL G 177 10.86 62.82 28.75
N VAL G 178 10.32 62.33 27.63
CA VAL G 178 9.13 61.50 27.64
C VAL G 178 9.33 60.31 26.70
N ASP G 179 8.72 59.19 27.06
CA ASP G 179 8.83 57.98 26.27
C ASP G 179 7.96 58.12 25.02
N ARG G 180 8.50 58.79 24.00
CA ARG G 180 7.75 59.01 22.78
C ARG G 180 7.21 57.70 22.22
N GLY G 181 8.02 56.63 22.31
CA GLY G 181 7.57 55.34 21.81
C GLY G 181 6.28 54.89 22.47
N ALA G 182 6.18 55.07 23.78
CA ALA G 182 4.94 54.72 24.49
C ALA G 182 3.75 55.42 23.83
N ILE G 183 3.86 56.73 23.63
CA ILE G 183 2.78 57.45 22.95
C ILE G 183 2.59 56.90 21.54
N ARG G 184 3.68 56.77 20.79
CA ARG G 184 3.58 56.28 19.42
C ARG G 184 2.87 54.94 19.39
N ASN G 185 3.33 53.98 20.19
CA ASN G 185 2.73 52.66 20.18
C ASN G 185 1.21 52.75 20.36
N ALA G 186 0.76 53.51 21.36
CA ALA G 186 -0.66 53.72 21.53
C ALA G 186 -1.27 54.31 20.28
N CYS G 187 -0.58 55.24 19.63
CA CYS G 187 -1.09 55.81 18.39
C CYS G 187 -1.24 54.75 17.32
N GLN G 188 -0.23 53.89 17.16
CA GLN G 188 -0.39 52.76 16.24
C GLN G 188 -1.53 51.88 16.69
N MET G 189 -1.59 51.57 17.98
CA MET G 189 -2.67 50.75 18.52
C MET G 189 -4.02 51.27 18.05
N LEU G 190 -4.24 52.56 18.22
CA LEU G 190 -5.52 53.14 17.82
C LEU G 190 -5.70 53.04 16.30
N MET G 191 -4.63 53.29 15.55
CA MET G 191 -4.74 53.28 14.09
C MET G 191 -5.24 51.93 13.58
N ILE G 192 -4.63 50.84 14.05
CA ILE G 192 -5.08 49.52 13.60
C ILE G 192 -6.47 49.23 14.12
N LEU G 193 -6.81 49.72 15.31
CA LEU G 193 -8.14 49.54 15.84
C LEU G 193 -9.20 50.13 14.92
N GLY G 194 -8.82 51.06 14.06
CA GLY G 194 -9.75 51.64 13.11
C GLY G 194 -9.99 50.81 11.86
N LEU G 195 -9.48 49.57 11.81
CA LEU G 195 -9.66 48.72 10.65
C LEU G 195 -9.06 49.37 9.40
N GLU G 196 -9.88 49.66 8.39
CA GLU G 196 -9.39 50.21 7.15
C GLU G 196 -9.43 51.73 7.10
N GLY G 197 -9.99 52.38 8.12
CA GLY G 197 -10.12 53.82 8.14
C GLY G 197 -9.39 54.45 9.32
N ARG G 198 -9.05 55.72 9.15
CA ARG G 198 -8.43 56.50 10.23
C ARG G 198 -9.42 56.92 11.30
N SER G 199 -10.72 56.70 11.08
CA SER G 199 -11.74 57.33 11.91
C SER G 199 -11.49 57.07 13.39
N VAL G 200 -11.34 55.80 13.77
CA VAL G 200 -11.17 55.47 15.19
C VAL G 200 -9.99 56.22 15.77
N TYR G 201 -8.95 56.43 14.95
CA TYR G 201 -7.87 57.31 15.37
C TYR G 201 -8.31 58.77 15.38
N GLU G 202 -9.10 59.17 14.39
CA GLU G 202 -9.53 60.56 14.32
C GLU G 202 -10.50 60.90 15.44
N GLU G 203 -11.47 60.01 15.71
CA GLU G 203 -12.49 60.31 16.70
C GLU G 203 -11.88 60.50 18.09
N ASP G 204 -10.93 59.65 18.46
CA ASP G 204 -10.47 59.58 19.84
C ASP G 204 -9.26 60.44 20.14
N PHE G 205 -8.29 60.53 19.23
CA PHE G 205 -7.05 61.26 19.51
C PHE G 205 -6.84 62.44 18.58
N GLU G 206 -6.89 62.22 17.26
CA GLU G 206 -6.43 63.26 16.33
C GLU G 206 -7.22 64.56 16.51
N ALA G 207 -8.52 64.52 16.26
CA ALA G 207 -9.33 65.74 16.36
C ALA G 207 -9.19 66.43 17.70
N PRO G 208 -9.28 65.74 18.84
CA PRO G 208 -8.95 66.41 20.11
C PRO G 208 -7.54 66.97 20.12
N PHE G 209 -6.58 66.27 19.51
CA PHE G 209 -5.21 66.76 19.48
C PHE G 209 -5.09 68.03 18.65
N LEU G 210 -5.63 68.02 17.43
CA LEU G 210 -5.47 69.15 16.52
C LEU G 210 -6.00 70.43 17.15
N GLU G 211 -7.24 70.40 17.65
CA GLU G 211 -7.82 71.58 18.27
C GLU G 211 -7.11 71.96 19.56
N MET G 212 -6.63 70.96 20.31
CA MET G 212 -5.86 71.27 21.51
C MET G 212 -4.60 72.05 21.17
N SER G 213 -3.89 71.60 20.12
CA SER G 213 -2.66 72.29 19.71
C SER G 213 -2.97 73.70 19.24
N ALA G 214 -4.14 73.92 18.64
CA ALA G 214 -4.50 75.25 18.19
C ALA G 214 -4.52 76.24 19.36
N GLU G 215 -5.11 75.84 20.48
CA GLU G 215 -5.04 76.67 21.68
C GLU G 215 -3.61 76.83 22.15
N PHE G 216 -2.85 75.73 22.14
CA PHE G 216 -1.43 75.83 22.46
C PHE G 216 -0.69 76.72 21.47
N PHE G 217 -0.91 76.49 20.17
CA PHE G 217 -0.31 77.36 19.16
C PHE G 217 -0.79 78.80 19.32
N GLN G 218 -2.10 78.97 19.55
CA GLN G 218 -2.63 80.32 19.67
C GLN G 218 -1.98 81.06 20.84
N MET G 219 -1.84 80.38 21.98
CA MET G 219 -1.23 81.03 23.14
C MET G 219 0.23 81.38 22.86
N GLU G 220 0.98 80.44 22.30
CA GLU G 220 2.40 80.70 22.03
C GLU G 220 2.57 81.82 21.02
N SER G 221 1.72 81.87 19.99
CA SER G 221 1.89 82.85 18.94
C SER G 221 1.94 84.26 19.51
N GLN G 222 0.94 84.62 20.33
CA GLN G 222 0.94 85.95 20.94
C GLN G 222 2.02 86.08 22.00
N LYS G 223 2.47 84.96 22.58
CA LYS G 223 3.57 85.04 23.55
C LYS G 223 4.84 85.56 22.89
N PHE G 224 5.25 84.94 21.79
CA PHE G 224 6.51 85.32 21.16
C PHE G 224 6.38 86.61 20.36
N LEU G 225 5.16 86.98 19.96
CA LEU G 225 4.98 88.28 19.32
C LEU G 225 5.34 89.43 20.25
N ALA G 226 5.16 89.23 21.56
CA ALA G 226 5.50 90.22 22.56
C ALA G 226 6.91 90.05 23.10
N GLU G 227 7.66 89.07 22.60
CA GLU G 227 9.01 88.81 23.07
C GLU G 227 10.09 89.17 22.05
N ASN G 228 9.77 89.18 20.76
CA ASN G 228 10.76 89.49 19.74
C ASN G 228 10.06 89.98 18.48
N SER G 229 10.87 90.37 17.50
CA SER G 229 10.38 90.99 16.28
C SER G 229 10.01 89.92 15.25
N ALA G 230 9.77 90.34 14.01
CA ALA G 230 9.27 89.44 12.97
C ALA G 230 10.26 88.31 12.69
N SER G 231 11.52 88.65 12.47
CA SER G 231 12.49 87.65 12.04
C SER G 231 12.62 86.52 13.05
N VAL G 232 12.77 86.87 14.33
CA VAL G 232 12.85 85.84 15.36
C VAL G 232 11.52 85.11 15.48
N TYR G 233 10.41 85.84 15.36
CA TYR G 233 9.10 85.20 15.35
C TYR G 233 8.99 84.19 14.21
N ILE G 234 9.46 84.57 13.02
CA ILE G 234 9.48 83.64 11.89
C ILE G 234 10.39 82.47 12.19
N LYS G 235 11.59 82.74 12.73
CA LYS G 235 12.54 81.66 13.00
C LYS G 235 11.92 80.60 13.90
N LYS G 236 11.25 81.04 14.97
CA LYS G 236 10.56 80.09 15.85
C LYS G 236 9.47 79.34 15.09
N VAL G 237 8.70 80.05 14.28
CA VAL G 237 7.57 79.44 13.59
C VAL G 237 8.06 78.31 12.68
N GLU G 238 9.09 78.58 11.88
CA GLU G 238 9.64 77.56 11.01
C GLU G 238 10.19 76.39 11.81
N ALA G 239 10.94 76.69 12.88
CA ALA G 239 11.46 75.62 13.73
C ALA G 239 10.32 74.84 14.37
N ARG G 240 9.31 75.54 14.89
CA ARG G 240 8.15 74.86 15.44
C ARG G 240 7.46 74.01 14.38
N ILE G 241 7.31 74.55 13.16
CA ILE G 241 6.73 73.79 12.08
C ILE G 241 7.51 72.50 11.86
N ASN G 242 8.84 72.61 11.80
CA ASN G 242 9.67 71.42 11.70
C ASN G 242 9.57 70.56 12.97
N GLU G 243 9.59 71.20 14.13
CA GLU G 243 9.55 70.45 15.38
C GLU G 243 8.28 69.61 15.49
N GLU G 244 7.12 70.23 15.28
CA GLU G 244 5.87 69.48 15.38
C GLU G 244 5.82 68.36 14.37
N ILE G 245 6.25 68.64 13.13
CA ILE G 245 6.24 67.60 12.10
C ILE G 245 7.15 66.44 12.51
N GLU G 246 8.32 66.75 13.06
CA GLU G 246 9.22 65.70 13.53
C GLU G 246 8.54 64.83 14.57
N ARG G 247 7.84 65.45 15.52
CA ARG G 247 7.10 64.67 16.52
C ARG G 247 6.05 63.80 15.85
N VAL G 248 5.37 64.34 14.82
CA VAL G 248 4.40 63.53 14.09
C VAL G 248 5.10 62.31 13.48
N MET G 249 6.33 62.49 13.02
CA MET G 249 7.06 61.38 12.42
C MET G 249 7.48 60.36 13.47
N HIS G 250 7.96 60.83 14.63
CA HIS G 250 8.61 59.97 15.60
C HIS G 250 7.77 59.69 16.85
N CYS G 251 6.68 60.42 17.06
CA CYS G 251 5.85 60.23 18.26
C CYS G 251 4.37 60.04 17.95
N LEU G 252 3.89 60.42 16.77
CA LEU G 252 2.52 60.25 16.35
C LEU G 252 2.52 59.49 15.04
N ASP G 253 1.32 59.16 14.54
CA ASP G 253 1.24 58.53 13.23
C ASP G 253 1.74 59.50 12.18
N LYS G 254 2.32 58.96 11.10
CA LYS G 254 2.82 59.84 10.05
C LYS G 254 1.69 60.46 9.25
N SER G 255 0.49 59.90 9.36
CA SER G 255 -0.66 60.44 8.63
C SER G 255 -1.22 61.71 9.27
N THR G 256 -0.75 62.08 10.46
CA THR G 256 -1.23 63.27 11.13
C THR G 256 -0.59 64.56 10.59
N GLU G 257 0.49 64.45 9.84
CA GLU G 257 1.30 65.61 9.46
C GLU G 257 0.46 66.73 8.85
N GLU G 258 -0.18 66.44 7.71
CA GLU G 258 -0.93 67.49 7.03
C GLU G 258 -1.99 68.13 7.91
N PRO G 259 -2.81 67.38 8.65
CA PRO G 259 -3.73 68.04 9.60
C PRO G 259 -3.06 69.05 10.51
N ILE G 260 -1.97 68.68 11.18
CA ILE G 260 -1.34 69.61 12.12
C ILE G 260 -0.77 70.81 11.39
N VAL G 261 -0.22 70.60 10.19
CA VAL G 261 0.41 71.70 9.47
C VAL G 261 -0.63 72.77 9.15
N LYS G 262 -1.81 72.35 8.69
CA LYS G 262 -2.87 73.32 8.41
C LYS G 262 -3.25 74.08 9.66
N VAL G 263 -3.34 73.38 10.79
CA VAL G 263 -3.59 74.06 12.06
C VAL G 263 -2.41 74.96 12.42
N VAL G 264 -1.19 74.43 12.28
CA VAL G 264 0.00 75.23 12.59
C VAL G 264 0.02 76.49 11.76
N GLU G 265 -0.16 76.34 10.44
CA GLU G 265 -0.14 77.51 9.56
C GLU G 265 -1.26 78.48 9.91
N ARG G 266 -2.44 77.97 10.23
CA ARG G 266 -3.59 78.85 10.46
C ARG G 266 -3.41 79.68 11.73
N GLU G 267 -2.89 79.07 12.79
CA GLU G 267 -2.79 79.76 14.07
C GLU G 267 -1.58 80.69 14.11
N LEU G 268 -0.38 80.13 13.92
CA LEU G 268 0.82 80.96 14.03
C LEU G 268 0.94 81.97 12.90
N ILE G 269 0.65 81.56 11.66
CA ILE G 269 0.89 82.43 10.51
C ILE G 269 -0.38 83.16 10.09
N SER G 270 -1.40 82.40 9.69
CA SER G 270 -2.56 83.01 9.05
C SER G 270 -3.23 84.02 9.96
N LYS G 271 -3.29 83.73 11.26
CA LYS G 271 -3.92 84.64 12.21
C LYS G 271 -3.08 85.90 12.39
N HIS G 272 -1.76 85.82 12.16
CA HIS G 272 -0.84 86.90 12.48
C HIS G 272 -0.18 87.49 11.24
N MET G 273 -0.82 87.37 10.07
CA MET G 273 -0.22 87.89 8.84
C MET G 273 0.03 89.38 8.94
N LYS G 274 -1.04 90.16 9.08
CA LYS G 274 -0.92 91.61 9.01
C LYS G 274 0.05 92.14 10.06
N THR G 275 0.14 91.45 11.20
CA THR G 275 1.12 91.85 12.21
C THR G 275 2.54 91.69 11.68
N ILE G 276 2.84 90.51 11.15
CA ILE G 276 4.21 90.23 10.71
C ILE G 276 4.65 91.23 9.66
N VAL G 277 3.71 91.69 8.83
CA VAL G 277 4.04 92.71 7.83
C VAL G 277 4.42 94.03 8.49
N GLU G 278 3.99 94.25 9.73
CA GLU G 278 4.06 95.59 10.34
C GLU G 278 4.49 95.55 11.80
N MET G 279 5.37 94.62 12.17
CA MET G 279 5.88 94.60 13.55
C MET G 279 6.44 95.95 14.00
N GLU G 280 6.56 96.10 15.31
CA GLU G 280 7.00 97.36 15.92
C GLU G 280 8.41 97.71 15.46
N ASN G 281 8.53 98.82 14.73
CA ASN G 281 9.82 99.24 14.18
C ASN G 281 10.40 98.16 13.28
N SER G 282 9.54 97.28 12.76
CA SER G 282 9.96 96.13 11.97
C SER G 282 8.80 95.73 11.08
N GLY G 283 8.88 94.54 10.51
CA GLY G 283 7.86 94.05 9.61
C GLY G 283 8.27 94.17 8.16
N LEU G 284 7.41 93.63 7.29
CA LEU G 284 7.70 93.65 5.86
C LEU G 284 7.92 95.07 5.37
N VAL G 285 7.24 96.04 5.99
CA VAL G 285 7.44 97.44 5.63
C VAL G 285 8.88 97.85 5.94
N HIS G 286 9.34 97.58 7.16
CA HIS G 286 10.69 97.94 7.56
C HIS G 286 11.71 97.11 6.80
N MET G 287 11.47 95.80 6.70
CA MET G 287 12.41 94.94 5.99
C MET G 287 12.56 95.38 4.54
N LEU G 288 11.45 95.77 3.91
CA LEU G 288 11.52 96.26 2.53
C LEU G 288 12.40 97.49 2.44
N LYS G 289 12.26 98.43 3.37
CA LYS G 289 13.09 99.62 3.35
C LYS G 289 14.53 99.30 3.71
N ASN G 290 14.76 98.33 4.58
CA ASN G 290 16.11 97.96 4.99
C ASN G 290 16.85 97.14 3.95
N GLY G 291 16.15 96.60 2.96
CA GLY G 291 16.81 95.77 1.96
C GLY G 291 17.42 94.51 2.53
N LYS G 292 16.80 93.94 3.57
CA LYS G 292 17.29 92.70 4.18
C LYS G 292 16.69 91.51 3.46
N THR G 293 17.32 91.17 2.34
CA THR G 293 16.73 90.21 1.40
C THR G 293 16.59 88.83 2.04
N GLU G 294 17.59 88.39 2.80
CA GLU G 294 17.56 87.03 3.35
C GLU G 294 16.31 86.81 4.18
N ASP G 295 16.05 87.71 5.13
CA ASP G 295 14.82 87.60 5.92
C ASP G 295 13.59 87.75 5.03
N LEU G 296 13.64 88.67 4.07
CA LEU G 296 12.55 88.79 3.11
C LEU G 296 12.37 87.49 2.33
N GLY G 297 13.47 86.88 1.90
CA GLY G 297 13.38 85.59 1.25
C GLY G 297 12.86 84.52 2.18
N CYS G 298 13.40 84.47 3.41
CA CYS G 298 12.89 83.53 4.40
C CYS G 298 11.42 83.79 4.70
N MET G 299 11.04 85.06 4.91
CA MET G 299 9.65 85.39 5.20
C MET G 299 8.73 84.86 4.12
N TYR G 300 9.08 85.08 2.85
CA TYR G 300 8.26 84.60 1.74
C TYR G 300 7.93 83.12 1.90
N LYS G 301 8.94 82.31 2.22
CA LYS G 301 8.72 80.87 2.30
C LYS G 301 7.57 80.52 3.24
N LEU G 302 7.45 81.24 4.35
CA LEU G 302 6.40 80.94 5.32
C LEU G 302 5.03 81.32 4.78
N PHE G 303 4.89 82.55 4.25
CA PHE G 303 3.60 83.02 3.78
C PHE G 303 3.13 82.25 2.54
N SER G 304 4.05 81.67 1.77
CA SER G 304 3.63 80.87 0.63
C SER G 304 2.85 79.64 1.06
N ARG G 305 2.89 79.29 2.35
CA ARG G 305 2.24 78.08 2.84
C ARG G 305 0.72 78.22 2.91
N VAL G 306 0.18 79.41 2.74
CA VAL G 306 -1.23 79.65 3.03
C VAL G 306 -1.93 80.35 1.86
N PRO G 307 -3.23 80.15 1.67
CA PRO G 307 -3.93 80.89 0.61
C PRO G 307 -3.86 82.39 0.84
N ASN G 308 -3.65 83.13 -0.24
CA ASN G 308 -3.64 84.60 -0.22
C ASN G 308 -2.58 85.15 0.74
N GLY G 309 -1.71 84.30 1.26
CA GLY G 309 -0.64 84.80 2.11
C GLY G 309 0.32 85.68 1.33
N LEU G 310 0.69 85.25 0.12
CA LEU G 310 1.51 86.07 -0.74
C LEU G 310 0.76 87.30 -1.22
N LYS G 311 -0.55 87.19 -1.43
CA LYS G 311 -1.35 88.34 -1.82
C LYS G 311 -1.29 89.43 -0.75
N THR G 312 -1.31 89.03 0.52
CA THR G 312 -1.21 90.01 1.60
C THR G 312 0.08 90.80 1.50
N MET G 313 1.20 90.12 1.22
CA MET G 313 2.45 90.83 1.02
C MET G 313 2.35 91.80 -0.16
N CYS G 314 1.76 91.34 -1.27
CA CYS G 314 1.60 92.21 -2.43
C CYS G 314 0.84 93.48 -2.07
N GLU G 315 -0.08 93.40 -1.11
CA GLU G 315 -0.76 94.60 -0.64
C GLU G 315 0.22 95.56 0.01
N CYS G 316 1.15 95.03 0.82
CA CYS G 316 2.15 95.87 1.47
C CYS G 316 3.12 96.43 0.44
N MET G 317 3.65 95.58 -0.44
CA MET G 317 4.54 96.05 -1.49
C MET G 317 3.81 97.03 -2.40
N SER G 318 2.51 96.84 -2.62
CA SER G 318 1.73 97.78 -3.41
C SER G 318 1.74 99.16 -2.77
N SER G 319 1.38 99.24 -1.48
CA SER G 319 1.39 100.51 -0.78
C SER G 319 2.80 101.08 -0.67
N TYR G 320 3.77 100.22 -0.36
CA TYR G 320 5.16 100.68 -0.25
C TYR G 320 5.64 101.24 -1.60
N LEU G 321 5.29 100.55 -2.69
CA LEU G 321 5.59 101.10 -4.02
C LEU G 321 4.86 102.42 -4.23
N ARG G 322 3.59 102.48 -3.82
CA ARG G 322 2.84 103.73 -3.92
C ARG G 322 3.48 104.81 -3.05
N GLU G 323 3.93 104.44 -1.84
CA GLU G 323 4.59 105.41 -0.98
C GLU G 323 5.86 105.94 -1.62
N GLN G 324 6.68 105.04 -2.20
CA GLN G 324 7.91 105.47 -2.84
C GLN G 324 7.63 106.19 -4.15
N GLY G 325 6.75 105.63 -4.97
CA GLY G 325 6.51 106.19 -6.29
C GLY G 325 5.95 107.60 -6.24
N LYS G 326 4.95 107.81 -5.38
CA LYS G 326 4.31 109.13 -5.30
C LYS G 326 5.31 110.20 -4.88
N ALA G 327 6.20 109.87 -3.94
CA ALA G 327 7.20 110.83 -3.52
C ALA G 327 8.12 111.24 -4.67
N LEU G 328 8.33 110.35 -5.65
CA LEU G 328 9.19 110.69 -6.78
C LEU G 328 8.44 111.50 -7.83
N VAL G 329 7.30 111.00 -8.30
CA VAL G 329 6.58 111.65 -9.38
C VAL G 329 6.09 113.04 -8.97
N SER G 330 6.04 113.34 -7.68
CA SER G 330 5.58 114.64 -7.20
C SER G 330 6.78 115.58 -7.16
N GLU G 331 6.86 116.48 -8.14
CA GLU G 331 7.93 117.46 -8.18
C GLU G 331 7.70 118.54 -7.13
N GLU G 332 8.78 118.95 -6.46
CA GLU G 332 8.68 119.97 -5.41
C GLU G 332 9.94 120.82 -5.43
N GLY G 333 9.80 122.04 -4.95
CA GLY G 333 10.96 122.93 -4.81
C GLY G 333 11.64 123.16 -6.14
N GLU G 334 12.98 123.17 -6.10
CA GLU G 334 13.80 123.41 -7.28
C GLU G 334 14.09 122.13 -8.06
N GLY G 335 13.29 121.09 -7.88
CA GLY G 335 13.52 119.81 -8.52
C GLY G 335 14.12 118.79 -7.56
N LYS G 336 14.32 117.59 -8.09
CA LYS G 336 14.86 116.48 -7.32
C LYS G 336 15.99 115.83 -8.10
N ASN G 337 16.87 115.14 -7.37
CA ASN G 337 18.07 114.58 -7.98
C ASN G 337 17.69 113.56 -9.05
N PRO G 338 18.43 113.52 -10.16
CA PRO G 338 18.12 112.50 -11.19
C PRO G 338 18.16 111.09 -10.64
N VAL G 339 19.12 110.77 -9.78
CA VAL G 339 19.18 109.45 -9.18
C VAL G 339 17.93 109.16 -8.36
N ASP G 340 17.22 110.20 -7.92
CA ASP G 340 16.03 110.00 -7.11
C ASP G 340 14.77 109.93 -7.97
N TYR G 341 14.55 110.93 -8.82
CA TYR G 341 13.28 111.08 -9.53
C TYR G 341 13.44 110.99 -11.05
N ILE G 342 14.34 111.76 -11.65
CA ILE G 342 14.33 111.88 -13.12
C ILE G 342 14.58 110.53 -13.77
N GLN G 343 15.57 109.77 -13.29
CA GLN G 343 15.81 108.41 -13.74
C GLN G 343 15.72 107.39 -12.63
N GLY G 344 15.66 107.82 -11.36
CA GLY G 344 15.43 106.88 -10.28
C GLY G 344 14.00 106.34 -10.26
N LEU G 345 13.06 107.09 -10.85
CA LEU G 345 11.69 106.61 -10.94
C LEU G 345 11.63 105.32 -11.74
N LEU G 346 12.33 105.27 -12.88
CA LEU G 346 12.45 104.01 -13.60
C LEU G 346 13.22 102.99 -12.78
N ASP G 347 14.30 103.42 -12.12
CA ASP G 347 15.03 102.52 -11.24
C ASP G 347 14.19 102.06 -10.06
N LEU G 348 13.17 102.83 -9.67
CA LEU G 348 12.27 102.39 -8.61
C LEU G 348 11.67 101.03 -8.94
N LYS G 349 11.19 100.87 -10.18
CA LYS G 349 10.74 99.56 -10.61
C LYS G 349 11.90 98.56 -10.63
N SER G 350 13.09 99.04 -11.02
CA SER G 350 14.27 98.17 -10.97
C SER G 350 14.62 97.79 -9.54
N ARG G 351 14.56 98.74 -8.61
CA ARG G 351 14.87 98.43 -7.22
C ARG G 351 13.90 97.42 -6.65
N PHE G 352 12.59 97.63 -6.86
CA PHE G 352 11.61 96.66 -6.41
C PHE G 352 11.80 95.32 -7.12
N ASP G 353 12.23 95.34 -8.38
CA ASP G 353 12.57 94.10 -9.06
C ASP G 353 13.70 93.36 -8.36
N ARG G 354 14.63 94.10 -7.74
CA ARG G 354 15.69 93.45 -6.96
C ARG G 354 15.10 92.68 -5.78
N PHE G 355 14.14 93.29 -5.08
CA PHE G 355 13.44 92.56 -4.03
C PHE G 355 12.65 91.40 -4.64
N LEU G 356 12.05 91.62 -5.81
CA LEU G 356 11.32 90.56 -6.48
C LEU G 356 12.23 89.38 -6.79
N LEU G 357 13.52 89.65 -7.04
CA LEU G 357 14.46 88.59 -7.40
C LEU G 357 15.14 88.00 -6.17
N GLU G 358 15.86 88.83 -5.41
CA GLU G 358 16.69 88.32 -4.33
C GLU G 358 15.88 87.65 -3.22
N SER G 359 14.62 88.02 -3.05
CA SER G 359 13.83 87.49 -1.95
C SER G 359 12.51 86.88 -2.40
N PHE G 360 11.85 87.45 -3.41
CA PHE G 360 10.48 87.12 -3.73
C PHE G 360 10.37 86.25 -4.98
N ASN G 361 11.41 85.49 -5.29
CA ASN G 361 11.32 84.34 -6.19
C ASN G 361 11.03 84.73 -7.65
N ASN G 362 10.85 86.01 -7.93
CA ASN G 362 10.39 86.45 -9.26
C ASN G 362 9.01 85.86 -9.55
N ASP G 363 8.21 85.72 -8.51
CA ASP G 363 6.93 85.03 -8.64
C ASP G 363 5.97 85.83 -9.52
N ARG G 364 5.09 85.12 -10.20
CA ARG G 364 4.15 85.76 -11.12
C ARG G 364 3.29 86.80 -10.41
N LEU G 365 2.78 86.45 -9.22
CA LEU G 365 1.86 87.36 -8.54
C LEU G 365 2.53 88.70 -8.24
N PHE G 366 3.77 88.67 -7.76
CA PHE G 366 4.44 89.91 -7.40
C PHE G 366 4.83 90.71 -8.65
N LYS G 367 5.47 90.07 -9.61
CA LYS G 367 5.95 90.81 -10.78
C LYS G 367 4.80 91.26 -11.68
N GLN G 368 3.60 90.73 -11.49
CA GLN G 368 2.46 91.12 -12.31
C GLN G 368 1.57 92.15 -11.62
N THR G 369 1.27 91.94 -10.33
CA THR G 369 0.34 92.82 -9.64
C THR G 369 0.95 94.21 -9.41
N ILE G 370 2.20 94.26 -8.93
CA ILE G 370 2.78 95.52 -8.51
C ILE G 370 2.94 96.49 -9.66
N ALA G 371 3.06 96.00 -10.90
CA ALA G 371 3.23 96.90 -12.03
C ALA G 371 2.06 97.87 -12.16
N GLY G 372 0.87 97.46 -11.72
CA GLY G 372 -0.27 98.34 -11.77
C GLY G 372 -0.05 99.62 -10.97
N ASP G 373 0.47 99.48 -9.75
CA ASP G 373 0.84 100.67 -8.98
C ASP G 373 1.91 101.48 -9.70
N PHE G 374 2.91 100.79 -10.25
CA PHE G 374 3.98 101.48 -10.96
C PHE G 374 3.41 102.37 -12.06
N GLU G 375 2.57 101.80 -12.92
CA GLU G 375 1.91 102.60 -13.94
C GLU G 375 0.96 103.63 -13.32
N TYR G 376 0.30 103.25 -12.22
CA TYR G 376 -0.74 104.10 -11.65
C TYR G 376 -0.19 105.47 -11.26
N PHE G 377 0.93 105.50 -10.53
CA PHE G 377 1.53 106.78 -10.15
C PHE G 377 2.51 107.31 -11.17
N LEU G 378 3.12 106.45 -11.99
CA LEU G 378 4.01 106.94 -13.02
C LEU G 378 3.27 107.83 -14.01
N ASN G 379 1.96 107.63 -14.16
CA ASN G 379 1.15 108.48 -15.01
C ASN G 379 1.03 109.90 -14.48
N LEU G 380 1.44 110.14 -13.24
CA LEU G 380 1.36 111.46 -12.62
C LEU G 380 2.52 112.36 -12.98
N ASN G 381 3.48 111.87 -13.75
CA ASN G 381 4.63 112.68 -14.16
C ASN G 381 4.18 113.97 -14.83
N THR H 24 -27.50 -26.13 2.38
CA THR H 24 -28.38 -27.20 2.93
C THR H 24 -28.67 -26.97 4.41
N MET H 25 -27.67 -26.46 5.14
CA MET H 25 -27.82 -26.21 6.56
C MET H 25 -26.69 -25.30 7.01
N ASP H 26 -26.92 -24.60 8.12
CA ASP H 26 -25.94 -23.71 8.71
C ASP H 26 -25.89 -23.82 10.23
N GLU H 27 -26.58 -24.79 10.83
CA GLU H 27 -26.68 -24.86 12.28
C GLU H 27 -25.35 -25.25 12.92
N LYS H 28 -24.56 -26.09 12.26
CA LYS H 28 -23.37 -26.66 12.89
C LYS H 28 -22.47 -25.57 13.46
N TYR H 29 -22.11 -24.58 12.64
CA TYR H 29 -21.25 -23.51 13.13
C TYR H 29 -21.98 -22.57 14.07
N VAL H 30 -23.29 -22.36 13.89
CA VAL H 30 -24.02 -21.43 14.73
C VAL H 30 -23.85 -21.79 16.21
N ASN H 31 -23.97 -23.08 16.53
CA ASN H 31 -23.76 -23.52 17.90
C ASN H 31 -22.33 -23.22 18.35
N SER H 32 -21.35 -23.45 17.47
CA SER H 32 -19.95 -23.22 17.84
C SER H 32 -19.74 -21.78 18.30
N ILE H 33 -20.27 -20.82 17.53
CA ILE H 33 -20.13 -19.43 17.91
C ILE H 33 -20.89 -19.16 19.20
N TRP H 34 -22.08 -19.75 19.33
CA TRP H 34 -22.91 -19.53 20.52
C TRP H 34 -22.12 -19.77 21.79
N ASP H 35 -21.35 -20.86 21.85
CA ASP H 35 -20.62 -21.18 23.07
C ASP H 35 -19.68 -20.05 23.46
N LEU H 36 -18.87 -19.58 22.51
CA LEU H 36 -17.95 -18.49 22.81
C LEU H 36 -18.70 -17.24 23.22
N LEU H 37 -19.75 -16.88 22.47
CA LEU H 37 -20.53 -15.70 22.81
C LEU H 37 -21.14 -15.84 24.21
N LYS H 38 -21.75 -16.99 24.49
CA LYS H 38 -22.22 -17.23 25.85
C LYS H 38 -21.05 -17.24 26.83
N ASN H 39 -19.96 -17.93 26.47
CA ASN H 39 -18.83 -18.04 27.38
C ASN H 39 -18.36 -16.66 27.84
N ALA H 40 -18.22 -15.73 26.90
CA ALA H 40 -17.85 -14.37 27.27
C ALA H 40 -18.89 -13.76 28.21
N ILE H 41 -20.17 -13.94 27.89
CA ILE H 41 -21.22 -13.32 28.70
C ILE H 41 -21.09 -13.75 30.16
N GLN H 42 -20.90 -15.04 30.38
CA GLN H 42 -20.80 -15.53 31.76
C GLN H 42 -19.54 -15.01 32.43
N GLU H 43 -18.40 -15.09 31.75
CA GLU H 43 -17.16 -14.58 32.32
C GLU H 43 -17.28 -13.10 32.66
N ILE H 44 -18.08 -12.36 31.91
CA ILE H 44 -18.36 -10.97 32.25
C ILE H 44 -18.98 -10.89 33.63
N GLN H 45 -20.10 -11.57 33.82
CA GLN H 45 -20.80 -11.54 35.10
C GLN H 45 -19.94 -12.10 36.23
N ARG H 46 -19.00 -12.98 35.91
CA ARG H 46 -18.05 -13.47 36.92
C ARG H 46 -16.93 -12.47 37.19
N LYS H 47 -16.93 -11.32 36.54
CA LYS H 47 -15.89 -10.31 36.71
C LYS H 47 -14.53 -10.86 36.31
N ASN H 48 -14.44 -11.35 35.07
CA ASN H 48 -13.19 -11.88 34.51
C ASN H 48 -12.73 -10.96 33.38
N ASN H 49 -11.57 -10.35 33.58
CA ASN H 49 -11.03 -9.37 32.64
C ASN H 49 -9.99 -9.95 31.70
N SER H 50 -9.63 -11.22 31.85
CA SER H 50 -8.44 -11.77 31.21
C SER H 50 -8.61 -12.02 29.72
N GLY H 51 -9.68 -11.54 29.10
CA GLY H 51 -9.84 -11.76 27.67
C GLY H 51 -11.12 -11.19 27.09
N LEU H 52 -11.78 -11.96 26.24
CA LEU H 52 -13.05 -11.60 25.63
C LEU H 52 -13.03 -10.16 25.11
N SER H 53 -12.17 -9.93 24.12
CA SER H 53 -12.07 -8.60 23.52
C SER H 53 -13.37 -8.22 22.83
N PHE H 54 -13.67 -6.92 22.84
CA PHE H 54 -14.99 -6.45 22.40
C PHE H 54 -15.24 -6.78 20.93
N GLU H 55 -14.29 -6.46 20.05
CA GLU H 55 -14.58 -6.51 18.62
C GLU H 55 -14.96 -7.92 18.20
N GLU H 56 -14.30 -8.94 18.77
CA GLU H 56 -14.70 -10.32 18.51
C GLU H 56 -16.17 -10.51 18.88
N LEU H 57 -16.47 -10.47 20.17
CA LEU H 57 -17.83 -10.73 20.63
C LEU H 57 -18.83 -9.98 19.77
N TYR H 58 -18.52 -8.74 19.41
CA TYR H 58 -19.37 -8.01 18.48
C TYR H 58 -19.42 -8.72 17.13
N ARG H 59 -18.28 -9.21 16.64
CA ARG H 59 -18.25 -9.87 15.35
C ARG H 59 -19.02 -11.19 15.38
N ASN H 60 -18.72 -12.03 16.37
CA ASN H 60 -19.55 -13.21 16.57
C ASN H 60 -21.01 -12.82 16.74
N ALA H 61 -21.28 -11.83 17.58
CA ALA H 61 -22.63 -11.27 17.64
C ALA H 61 -23.07 -10.78 16.27
N TYR H 62 -22.16 -10.10 15.56
CA TYR H 62 -22.48 -9.58 14.24
C TYR H 62 -22.93 -10.70 13.30
N THR H 63 -22.12 -11.75 13.19
CA THR H 63 -22.38 -12.80 12.21
C THR H 63 -23.75 -13.42 12.44
N MET H 64 -24.12 -13.62 13.70
CA MET H 64 -25.36 -14.31 14.04
C MET H 64 -26.55 -13.63 13.37
N VAL H 65 -26.65 -12.31 13.52
CA VAL H 65 -27.82 -11.60 13.00
C VAL H 65 -27.88 -11.69 11.48
N LEU H 66 -26.72 -11.77 10.82
CA LEU H 66 -26.72 -11.83 9.36
C LEU H 66 -27.40 -13.08 8.82
N HIS H 67 -27.18 -14.23 9.47
CA HIS H 67 -27.69 -15.49 8.96
C HIS H 67 -29.08 -15.81 9.47
N LYS H 68 -29.80 -14.82 9.97
CA LYS H 68 -31.20 -15.01 10.37
C LYS H 68 -31.31 -15.91 11.61
N HIS H 69 -30.37 -15.77 12.56
CA HIS H 69 -30.42 -16.52 13.81
C HIS H 69 -30.57 -15.60 15.01
N GLY H 70 -30.95 -14.34 14.78
CA GLY H 70 -31.13 -13.41 15.88
C GLY H 70 -32.19 -13.85 16.88
N GLU H 71 -33.30 -14.41 16.40
CA GLU H 71 -34.36 -14.85 17.30
C GLU H 71 -33.81 -15.77 18.39
N LYS H 72 -33.21 -16.89 17.98
CA LYS H 72 -32.61 -17.77 18.96
C LYS H 72 -31.59 -17.04 19.82
N LEU H 73 -30.90 -16.06 19.22
CA LEU H 73 -29.96 -15.25 19.99
C LEU H 73 -30.69 -14.36 20.98
N TYR H 74 -31.89 -13.89 20.62
CA TYR H 74 -32.73 -13.18 21.57
C TYR H 74 -33.05 -14.07 22.77
N THR H 75 -33.50 -15.30 22.50
CA THR H 75 -33.78 -16.23 23.59
C THR H 75 -32.51 -16.59 24.34
N GLY H 76 -31.41 -16.78 23.62
CA GLY H 76 -30.16 -17.11 24.29
C GLY H 76 -29.78 -16.10 25.35
N LEU H 77 -29.95 -14.82 25.04
CA LEU H 77 -29.72 -13.79 26.05
C LEU H 77 -30.63 -13.98 27.24
N ARG H 78 -31.94 -14.09 27.00
CA ARG H 78 -32.88 -14.20 28.09
C ARG H 78 -32.52 -15.38 28.99
N GLU H 79 -32.29 -16.54 28.40
CA GLU H 79 -31.96 -17.72 29.20
C GLU H 79 -30.67 -17.52 29.98
N VAL H 80 -29.61 -17.08 29.31
CA VAL H 80 -28.33 -16.93 30.00
C VAL H 80 -28.42 -15.86 31.07
N VAL H 81 -29.09 -14.74 30.76
CA VAL H 81 -29.32 -13.72 31.79
C VAL H 81 -30.26 -14.26 32.86
N THR H 82 -31.38 -14.86 32.44
CA THR H 82 -32.32 -15.42 33.41
C THR H 82 -31.61 -16.40 34.34
N GLU H 83 -30.71 -17.20 33.78
CA GLU H 83 -29.99 -18.17 34.60
C GLU H 83 -29.17 -17.47 35.69
N HIS H 84 -28.43 -16.44 35.31
CA HIS H 84 -27.44 -15.87 36.23
C HIS H 84 -28.11 -15.21 37.43
N LEU H 85 -29.11 -14.36 37.18
CA LEU H 85 -29.71 -13.62 38.29
C LEU H 85 -30.39 -14.56 39.27
N ILE H 86 -31.12 -15.55 38.75
CA ILE H 86 -31.87 -16.45 39.63
C ILE H 86 -30.91 -17.31 40.45
N ASN H 87 -29.92 -17.91 39.79
CA ASN H 87 -29.06 -18.87 40.48
C ASN H 87 -28.02 -18.20 41.37
N LYS H 88 -27.50 -17.04 41.00
CA LYS H 88 -26.41 -16.41 41.73
C LYS H 88 -26.82 -15.12 42.41
N VAL H 89 -27.32 -14.14 41.66
CA VAL H 89 -27.62 -12.84 42.27
C VAL H 89 -28.68 -13.00 43.33
N ARG H 90 -29.77 -13.72 43.02
CA ARG H 90 -30.86 -13.86 43.96
C ARG H 90 -30.39 -14.54 45.25
N GLU H 91 -29.57 -15.57 45.12
CA GLU H 91 -29.12 -16.31 46.30
C GLU H 91 -28.35 -15.41 47.25
N ASP H 92 -27.44 -14.59 46.70
CA ASP H 92 -26.61 -13.74 47.56
C ASP H 92 -27.48 -12.82 48.40
N VAL H 93 -28.47 -12.18 47.78
CA VAL H 93 -29.37 -11.31 48.54
C VAL H 93 -30.16 -12.14 49.55
N LEU H 94 -30.66 -13.30 49.14
CA LEU H 94 -31.37 -14.16 50.07
C LEU H 94 -30.46 -14.63 51.18
N ASN H 95 -29.15 -14.53 50.99
CA ASN H 95 -28.18 -14.86 52.04
C ASN H 95 -27.78 -13.64 52.87
N SER H 96 -28.41 -12.49 52.63
CA SER H 96 -28.07 -11.26 53.33
C SER H 96 -29.29 -10.53 53.90
N LEU H 97 -30.45 -11.19 53.97
CA LEU H 97 -31.64 -10.51 54.48
C LEU H 97 -31.41 -9.93 55.86
N ASN H 98 -30.53 -10.55 56.65
CA ASN H 98 -30.23 -10.09 57.99
C ASN H 98 -28.83 -9.47 58.09
N ASN H 99 -28.20 -9.17 56.96
CA ASN H 99 -26.85 -8.60 56.94
C ASN H 99 -26.83 -7.53 55.85
N ASN H 100 -27.06 -6.27 56.25
CA ASN H 100 -27.04 -5.13 55.34
C ASN H 100 -27.79 -5.43 54.05
N PHE H 101 -28.94 -6.10 54.18
CA PHE H 101 -29.71 -6.54 53.03
C PHE H 101 -29.75 -5.46 51.96
N LEU H 102 -30.12 -4.24 52.33
CA LEU H 102 -30.25 -3.18 51.34
C LEU H 102 -28.94 -2.93 50.62
N GLN H 103 -27.83 -2.93 51.35
CA GLN H 103 -26.53 -2.73 50.72
C GLN H 103 -26.24 -3.83 49.71
N THR H 104 -26.54 -5.08 50.06
CA THR H 104 -26.31 -6.18 49.13
C THR H 104 -27.06 -5.97 47.82
N LEU H 105 -28.36 -5.68 47.89
CA LEU H 105 -29.12 -5.46 46.68
C LEU H 105 -28.51 -4.34 45.84
N ASN H 106 -27.98 -3.31 46.50
CA ASN H 106 -27.24 -2.29 45.77
C ASN H 106 -26.05 -2.90 45.04
N GLN H 107 -25.27 -3.72 45.74
CA GLN H 107 -24.15 -4.41 45.09
C GLN H 107 -24.63 -5.25 43.92
N ALA H 108 -25.67 -6.07 44.14
CA ALA H 108 -26.17 -6.91 43.07
C ALA H 108 -26.68 -6.06 41.90
N TRP H 109 -27.45 -5.02 42.21
CA TRP H 109 -27.92 -4.12 41.16
C TRP H 109 -26.76 -3.37 40.53
N ASN H 110 -25.79 -2.94 41.34
CA ASN H 110 -24.66 -2.21 40.81
C ASN H 110 -23.89 -3.05 39.81
N ASP H 111 -23.55 -4.29 40.18
CA ASP H 111 -22.78 -5.14 39.27
C ASP H 111 -23.61 -5.58 38.08
N HIS H 112 -24.92 -5.77 38.25
CA HIS H 112 -25.76 -6.11 37.10
C HIS H 112 -25.70 -5.00 36.06
N GLN H 113 -25.81 -3.75 36.50
CA GLN H 113 -25.68 -2.64 35.57
C GLN H 113 -24.31 -2.64 34.91
N THR H 114 -23.25 -2.87 35.70
CA THR H 114 -21.92 -3.03 35.13
C THR H 114 -21.94 -4.07 34.02
N ALA H 115 -22.29 -5.31 34.36
CA ALA H 115 -22.30 -6.38 33.37
C ALA H 115 -23.23 -6.04 32.22
N MET H 116 -24.43 -5.54 32.52
CA MET H 116 -25.43 -5.35 31.48
C MET H 116 -24.95 -4.38 30.41
N VAL H 117 -24.12 -3.40 30.80
CA VAL H 117 -23.64 -2.41 29.84
C VAL H 117 -22.78 -3.07 28.77
N MET H 118 -21.83 -3.93 29.19
CA MET H 118 -21.07 -4.68 28.21
C MET H 118 -21.98 -5.50 27.31
N ILE H 119 -22.94 -6.22 27.89
CA ILE H 119 -23.78 -7.12 27.10
C ILE H 119 -24.54 -6.33 26.03
N ARG H 120 -25.15 -5.22 26.42
CA ARG H 120 -25.84 -4.40 25.43
C ARG H 120 -24.86 -3.76 24.46
N ASP H 121 -23.60 -3.64 24.87
CA ASP H 121 -22.56 -3.20 23.94
C ASP H 121 -22.15 -4.33 23.00
N ILE H 122 -21.75 -5.47 23.56
CA ILE H 122 -21.41 -6.63 22.75
C ILE H 122 -22.52 -6.90 21.74
N LEU H 123 -23.70 -7.21 22.24
CA LEU H 123 -24.75 -7.75 21.39
C LEU H 123 -25.55 -6.62 20.77
N MET H 124 -24.82 -5.66 20.19
CA MET H 124 -25.41 -4.38 19.83
C MET H 124 -26.06 -4.40 18.46
N TYR H 125 -25.62 -5.29 17.57
CA TYR H 125 -26.07 -5.23 16.19
C TYR H 125 -27.56 -5.52 16.07
N MET H 126 -28.09 -6.44 16.88
CA MET H 126 -29.53 -6.67 16.84
C MET H 126 -30.31 -5.44 17.27
N ASP H 127 -29.77 -4.70 18.24
CA ASP H 127 -30.45 -3.51 18.75
C ASP H 127 -30.80 -2.52 17.65
N ARG H 128 -30.29 -2.70 16.45
CA ARG H 128 -30.59 -1.84 15.32
C ARG H 128 -31.46 -2.49 14.26
N VAL H 129 -31.27 -3.78 13.98
CA VAL H 129 -31.97 -4.40 12.86
C VAL H 129 -32.97 -5.45 13.34
N TYR H 130 -32.52 -6.41 14.14
CA TYR H 130 -33.42 -7.50 14.53
C TYR H 130 -34.58 -6.95 15.34
N VAL H 131 -34.24 -6.16 16.37
CA VAL H 131 -35.25 -5.70 17.32
C VAL H 131 -36.33 -4.91 16.60
N GLN H 132 -35.91 -3.99 15.72
CA GLN H 132 -36.88 -3.22 14.96
C GLN H 132 -37.76 -4.13 14.10
N GLN H 133 -37.16 -5.15 13.48
CA GLN H 133 -37.94 -6.06 12.64
C GLN H 133 -38.94 -6.83 13.48
N ASN H 134 -38.48 -7.47 14.56
CA ASN H 134 -39.34 -8.33 15.35
C ASN H 134 -40.22 -7.56 16.33
N ASN H 135 -39.93 -6.29 16.58
CA ASN H 135 -40.83 -5.42 17.34
C ASN H 135 -41.00 -5.92 18.77
N VAL H 136 -39.86 -6.11 19.45
CA VAL H 136 -39.86 -6.60 20.83
C VAL H 136 -38.89 -5.77 21.66
N GLU H 137 -38.74 -6.14 22.94
CA GLU H 137 -37.92 -5.36 23.85
C GLU H 137 -36.47 -5.33 23.37
N ASN H 138 -35.85 -4.15 23.47
CA ASN H 138 -34.45 -4.01 23.14
C ASN H 138 -33.59 -4.58 24.25
N VAL H 139 -32.28 -4.69 23.97
CA VAL H 139 -31.38 -5.40 24.87
C VAL H 139 -31.45 -4.81 26.28
N TYR H 140 -31.40 -3.48 26.39
CA TYR H 140 -31.35 -2.88 27.71
C TYR H 140 -32.70 -3.00 28.42
N ASN H 141 -33.79 -2.88 27.68
CA ASN H 141 -35.11 -3.11 28.27
C ASN H 141 -35.21 -4.54 28.79
N LEU H 142 -34.69 -5.50 28.03
CA LEU H 142 -34.74 -6.89 28.46
C LEU H 142 -33.86 -7.12 29.69
N GLY H 143 -32.63 -6.63 29.66
CA GLY H 143 -31.73 -6.85 30.78
C GLY H 143 -32.24 -6.24 32.07
N LEU H 144 -32.94 -5.11 31.98
CA LEU H 144 -33.54 -4.50 33.16
C LEU H 144 -34.75 -5.28 33.64
N ILE H 145 -35.56 -5.78 32.71
CA ILE H 145 -36.78 -6.50 33.08
C ILE H 145 -36.45 -7.71 33.94
N ILE H 146 -35.43 -8.47 33.56
CA ILE H 146 -35.17 -9.73 34.24
C ILE H 146 -34.78 -9.49 35.70
N PHE H 147 -34.01 -8.42 35.95
CA PHE H 147 -33.71 -8.07 37.33
C PHE H 147 -34.98 -7.70 38.08
N ARG H 148 -35.86 -6.93 37.44
CA ARG H 148 -37.12 -6.54 38.05
C ARG H 148 -38.01 -7.75 38.31
N ASP H 149 -38.20 -8.57 37.28
CA ASP H 149 -39.14 -9.69 37.38
C ASP H 149 -38.61 -10.79 38.30
N GLN H 150 -37.28 -10.90 38.43
CA GLN H 150 -36.69 -12.07 39.07
C GLN H 150 -35.88 -11.77 40.33
N VAL H 151 -35.64 -10.50 40.66
CA VAL H 151 -34.92 -10.19 41.89
C VAL H 151 -35.70 -9.22 42.75
N VAL H 152 -36.01 -8.04 42.20
CA VAL H 152 -36.68 -7.03 43.00
C VAL H 152 -38.10 -7.45 43.33
N ARG H 153 -38.80 -8.06 42.38
CA ARG H 153 -40.19 -8.47 42.56
C ARG H 153 -40.32 -9.90 43.08
N TYR H 154 -39.20 -10.57 43.38
CA TYR H 154 -39.27 -11.87 44.01
C TYR H 154 -39.91 -11.74 45.39
N GLY H 155 -40.83 -12.66 45.70
CA GLY H 155 -41.62 -12.56 46.90
C GLY H 155 -40.82 -12.27 48.16
N CYS H 156 -39.98 -13.22 48.57
CA CYS H 156 -39.24 -13.06 49.82
C CYS H 156 -38.37 -11.82 49.83
N ILE H 157 -37.90 -11.37 48.67
CA ILE H 157 -37.15 -10.13 48.59
C ILE H 157 -38.09 -8.94 48.49
N ARG H 158 -39.14 -9.08 47.67
CA ARG H 158 -40.02 -7.95 47.39
C ARG H 158 -40.65 -7.41 48.67
N ASP H 159 -41.27 -8.29 49.45
CA ASP H 159 -41.87 -7.86 50.71
C ASP H 159 -40.81 -7.45 51.72
N HIS H 160 -39.74 -8.22 51.83
CA HIS H 160 -38.65 -7.86 52.73
C HIS H 160 -38.15 -6.45 52.42
N LEU H 161 -37.94 -6.15 51.14
CA LEU H 161 -37.49 -4.81 50.76
C LEU H 161 -38.54 -3.76 51.12
N ARG H 162 -39.79 -3.99 50.71
CA ARG H 162 -40.84 -3.02 51.01
C ARG H 162 -40.93 -2.74 52.50
N GLN H 163 -40.97 -3.81 53.31
CA GLN H 163 -41.02 -3.63 54.74
C GLN H 163 -39.79 -2.91 55.26
N THR H 164 -38.59 -3.35 54.86
CA THR H 164 -37.37 -2.81 55.43
C THR H 164 -37.27 -1.31 55.21
N LEU H 165 -37.58 -0.86 54.00
CA LEU H 165 -37.53 0.58 53.72
C LEU H 165 -38.45 1.35 54.67
N LEU H 166 -39.69 0.89 54.82
CA LEU H 166 -40.62 1.57 55.71
C LEU H 166 -40.06 1.62 57.13
N ASP H 167 -39.36 0.57 57.56
CA ASP H 167 -38.78 0.56 58.89
C ASP H 167 -37.77 1.69 59.05
N MET H 168 -36.91 1.89 58.05
CA MET H 168 -35.90 2.94 58.17
C MET H 168 -36.53 4.32 58.18
N ILE H 169 -37.43 4.60 57.23
CA ILE H 169 -38.01 5.93 57.15
C ILE H 169 -38.81 6.24 58.40
N ALA H 170 -39.63 5.29 58.87
CA ALA H 170 -40.32 5.48 60.13
C ALA H 170 -39.33 5.64 61.28
N ARG H 171 -38.34 4.76 61.34
CA ARG H 171 -37.32 4.87 62.38
C ARG H 171 -36.51 6.15 62.24
N GLU H 172 -36.20 6.55 61.00
CA GLU H 172 -35.53 7.83 60.81
C GLU H 172 -36.39 8.97 61.34
N ARG H 173 -37.69 8.94 61.06
CA ARG H 173 -38.60 9.92 61.65
C ARG H 173 -38.49 9.89 63.18
N LYS H 174 -38.42 8.69 63.75
CA LYS H 174 -38.22 8.55 65.19
C LYS H 174 -36.89 9.12 65.65
N GLY H 175 -35.95 9.33 64.74
CA GLY H 175 -34.66 9.89 65.07
C GLY H 175 -33.48 8.94 64.92
N GLU H 176 -33.51 8.03 63.96
CA GLU H 176 -32.41 7.09 63.77
C GLU H 176 -31.45 7.60 62.70
N VAL H 177 -30.16 7.60 63.04
CA VAL H 177 -29.13 7.97 62.08
C VAL H 177 -29.01 6.84 61.06
N VAL H 178 -29.53 7.06 59.85
CA VAL H 178 -29.65 6.02 58.85
C VAL H 178 -29.09 6.54 57.52
N ASP H 179 -28.75 5.60 56.64
CA ASP H 179 -28.26 5.91 55.31
C ASP H 179 -29.44 6.33 54.46
N ARG H 180 -29.82 7.61 54.56
CA ARG H 180 -30.89 8.13 53.72
C ARG H 180 -30.62 7.82 52.26
N GLY H 181 -29.37 7.95 51.83
CA GLY H 181 -29.03 7.64 50.45
C GLY H 181 -29.38 6.22 50.07
N ALA H 182 -29.19 5.27 50.99
CA ALA H 182 -29.55 3.88 50.70
C ALA H 182 -30.97 3.79 50.18
N ILE H 183 -31.91 4.45 50.87
CA ILE H 183 -33.28 4.53 50.37
C ILE H 183 -33.29 5.17 49.00
N ARG H 184 -32.59 6.30 48.85
CA ARG H 184 -32.52 6.96 47.55
C ARG H 184 -32.02 5.99 46.48
N ASN H 185 -30.95 5.25 46.78
CA ASN H 185 -30.49 4.25 45.84
C ASN H 185 -31.58 3.24 45.53
N ALA H 186 -32.19 2.67 46.56
CA ALA H 186 -33.29 1.73 46.35
C ALA H 186 -34.41 2.39 45.54
N CYS H 187 -34.82 3.59 45.95
CA CYS H 187 -35.83 4.31 45.19
C CYS H 187 -35.38 4.51 43.76
N GLN H 188 -34.16 5.04 43.58
CA GLN H 188 -33.59 5.10 42.24
C GLN H 188 -33.69 3.73 41.57
N MET H 189 -33.05 2.73 42.17
CA MET H 189 -33.11 1.37 41.66
C MET H 189 -34.51 1.04 41.18
N LEU H 190 -35.51 1.38 42.00
CA LEU H 190 -36.89 1.13 41.61
C LEU H 190 -37.27 1.98 40.39
N MET H 191 -36.78 3.21 40.31
CA MET H 191 -37.16 4.09 39.20
C MET H 191 -36.68 3.53 37.86
N ILE H 192 -35.39 3.23 37.73
CA ILE H 192 -34.87 2.75 36.44
C ILE H 192 -35.58 1.46 36.06
N LEU H 193 -35.77 0.57 37.03
CA LEU H 193 -36.47 -0.68 36.74
C LEU H 193 -37.85 -0.44 36.13
N GLY H 194 -38.37 0.77 36.25
CA GLY H 194 -39.67 1.10 35.70
C GLY H 194 -39.71 1.34 34.22
N LEU H 195 -38.58 1.18 33.52
CA LEU H 195 -38.48 1.47 32.09
C LEU H 195 -38.85 2.93 31.91
N GLU H 196 -39.93 3.27 31.19
CA GLU H 196 -40.30 4.65 30.99
C GLU H 196 -41.26 5.17 32.06
N GLY H 197 -42.02 4.27 32.69
CA GLY H 197 -43.08 4.67 33.59
C GLY H 197 -42.73 4.47 35.06
N ARG H 198 -43.67 4.91 35.91
CA ARG H 198 -43.51 4.82 37.35
C ARG H 198 -44.08 3.53 37.91
N SER H 199 -44.71 2.70 37.08
CA SER H 199 -45.47 1.55 37.59
C SER H 199 -44.65 0.72 38.56
N VAL H 200 -43.39 0.45 38.22
CA VAL H 200 -42.56 -0.35 39.11
C VAL H 200 -42.32 0.36 40.44
N TYR H 201 -42.21 1.69 40.42
CA TYR H 201 -41.96 2.40 41.67
C TYR H 201 -43.20 2.44 42.56
N GLU H 202 -44.35 2.80 42.00
CA GLU H 202 -45.53 3.05 42.83
C GLU H 202 -46.07 1.77 43.44
N GLU H 203 -46.45 0.81 42.59
CA GLU H 203 -47.14 -0.37 43.09
C GLU H 203 -46.31 -1.11 44.13
N ASP H 204 -44.98 -0.96 44.07
CA ASP H 204 -44.13 -1.70 44.99
C ASP H 204 -43.92 -0.92 46.29
N PHE H 205 -43.43 0.32 46.18
CA PHE H 205 -42.99 1.08 47.35
C PHE H 205 -43.79 2.34 47.61
N GLU H 206 -43.93 3.21 46.60
CA GLU H 206 -44.44 4.55 46.87
C GLU H 206 -45.85 4.53 47.46
N ALA H 207 -46.78 3.83 46.80
CA ALA H 207 -48.15 3.83 47.31
C ALA H 207 -48.24 3.20 48.68
N PRO H 208 -47.67 2.01 48.93
CA PRO H 208 -47.67 1.50 50.32
C PRO H 208 -47.02 2.46 51.30
N PHE H 209 -45.94 3.13 50.91
CA PHE H 209 -45.35 4.16 51.77
C PHE H 209 -46.31 5.32 51.95
N LEU H 210 -46.97 5.76 50.87
CA LEU H 210 -47.84 6.92 50.96
C LEU H 210 -48.99 6.67 51.92
N GLU H 211 -49.62 5.50 51.84
CA GLU H 211 -50.70 5.17 52.76
C GLU H 211 -50.15 4.83 54.14
N MET H 212 -48.94 4.25 54.20
CA MET H 212 -48.34 3.97 55.51
C MET H 212 -48.09 5.27 56.26
N SER H 213 -47.59 6.29 55.57
CA SER H 213 -47.36 7.58 56.21
C SER H 213 -48.66 8.20 56.70
N ALA H 214 -49.74 8.04 55.93
CA ALA H 214 -51.02 8.61 56.34
C ALA H 214 -51.40 8.13 57.73
N GLU H 215 -51.28 6.83 57.99
CA GLU H 215 -51.53 6.33 59.34
C GLU H 215 -50.56 6.95 60.34
N PHE H 216 -49.29 7.07 59.96
CA PHE H 216 -48.34 7.79 60.81
C PHE H 216 -48.80 9.23 61.04
N PHE H 217 -49.27 9.90 59.98
CA PHE H 217 -49.75 11.25 60.13
C PHE H 217 -51.00 11.30 61.01
N GLN H 218 -51.93 10.38 60.81
CA GLN H 218 -53.17 10.41 61.58
C GLN H 218 -52.90 10.29 63.07
N MET H 219 -52.09 9.32 63.46
CA MET H 219 -51.79 9.15 64.89
C MET H 219 -51.09 10.39 65.43
N GLU H 220 -50.10 10.90 64.68
CA GLU H 220 -49.34 12.05 65.14
C GLU H 220 -50.23 13.28 65.28
N SER H 221 -51.09 13.53 64.29
CA SER H 221 -52.01 14.68 64.39
C SER H 221 -52.86 14.59 65.64
N GLN H 222 -53.51 13.44 65.85
CA GLN H 222 -54.32 13.27 67.05
C GLN H 222 -53.46 13.38 68.30
N LYS H 223 -52.27 12.77 68.28
CA LYS H 223 -51.38 12.87 69.43
C LYS H 223 -51.05 14.32 69.75
N PHE H 224 -50.64 15.09 68.74
CA PHE H 224 -50.25 16.47 69.00
C PHE H 224 -51.44 17.41 69.04
N LEU H 225 -52.56 17.05 68.42
CA LEU H 225 -53.75 17.89 68.51
C LEU H 225 -54.15 18.14 69.95
N ALA H 226 -54.29 17.07 70.74
CA ALA H 226 -54.67 17.23 72.14
C ALA H 226 -53.55 17.88 72.95
N GLU H 227 -52.31 17.76 72.50
CA GLU H 227 -51.17 18.21 73.28
C GLU H 227 -50.97 19.72 73.23
N ASN H 228 -51.25 20.35 72.09
CA ASN H 228 -50.75 21.70 71.83
C ASN H 228 -51.86 22.60 71.32
N SER H 229 -51.61 23.91 71.43
CA SER H 229 -52.54 24.93 70.99
C SER H 229 -52.45 25.11 69.47
N ALA H 230 -53.43 25.85 68.93
CA ALA H 230 -53.49 26.04 67.48
C ALA H 230 -52.21 26.66 66.94
N SER H 231 -51.77 27.78 67.52
CA SER H 231 -50.57 28.44 67.04
C SER H 231 -49.39 27.48 67.02
N VAL H 232 -49.15 26.81 68.15
CA VAL H 232 -48.09 25.82 68.20
C VAL H 232 -48.44 24.63 67.30
N TYR H 233 -49.73 24.29 67.20
CA TYR H 233 -50.15 23.22 66.29
C TYR H 233 -49.78 23.55 64.86
N ILE H 234 -50.05 24.79 64.44
CA ILE H 234 -49.66 25.21 63.10
C ILE H 234 -48.14 25.15 62.94
N LYS H 235 -47.41 25.32 64.05
CA LYS H 235 -45.95 25.30 63.97
C LYS H 235 -45.44 23.93 63.55
N LYS H 236 -46.03 22.86 64.09
CA LYS H 236 -45.56 21.52 63.76
C LYS H 236 -45.81 21.19 62.29
N VAL H 237 -47.05 21.40 61.83
CA VAL H 237 -47.40 21.00 60.48
C VAL H 237 -46.47 21.68 59.47
N GLU H 238 -46.14 22.94 59.70
CA GLU H 238 -45.12 23.59 58.89
C GLU H 238 -43.77 22.90 59.06
N ALA H 239 -43.42 22.53 60.30
CA ALA H 239 -42.16 21.83 60.53
C ALA H 239 -42.15 20.47 59.86
N ARG H 240 -43.22 19.68 60.04
CA ARG H 240 -43.30 18.39 59.39
C ARG H 240 -43.29 18.53 57.87
N ILE H 241 -44.07 19.48 57.35
CA ILE H 241 -44.07 19.72 55.91
C ILE H 241 -42.66 20.03 55.42
N ASN H 242 -41.96 20.90 56.14
CA ASN H 242 -40.58 21.18 55.82
C ASN H 242 -39.72 19.93 55.99
N GLU H 243 -39.95 19.18 57.06
CA GLU H 243 -39.17 17.98 57.31
C GLU H 243 -39.39 16.94 56.21
N GLU H 244 -40.66 16.68 55.86
CA GLU H 244 -40.94 15.70 54.82
C GLU H 244 -40.38 16.12 53.48
N ILE H 245 -40.53 17.40 53.13
CA ILE H 245 -40.00 17.88 51.85
C ILE H 245 -38.49 17.70 51.82
N GLU H 246 -37.80 18.08 52.90
CA GLU H 246 -36.36 17.94 52.94
C GLU H 246 -35.93 16.48 52.81
N ARG H 247 -36.68 15.57 53.44
CA ARG H 247 -36.34 14.15 53.34
C ARG H 247 -36.32 13.71 51.88
N VAL H 248 -37.32 14.14 51.10
CA VAL H 248 -37.39 13.73 49.71
C VAL H 248 -36.16 14.19 48.94
N MET H 249 -35.75 15.45 49.13
CA MET H 249 -34.57 15.94 48.45
C MET H 249 -33.32 15.19 48.89
N HIS H 250 -33.33 14.64 50.10
CA HIS H 250 -32.19 13.92 50.63
C HIS H 250 -32.39 12.42 50.71
N CYS H 251 -33.64 11.94 50.63
CA CYS H 251 -33.93 10.54 50.92
C CYS H 251 -34.86 9.84 49.94
N LEU H 252 -35.62 10.55 49.12
CA LEU H 252 -36.67 9.92 48.34
C LEU H 252 -36.63 10.45 46.91
N ASP H 253 -37.53 9.94 46.08
CA ASP H 253 -37.59 10.32 44.68
C ASP H 253 -38.17 11.72 44.53
N LYS H 254 -37.83 12.38 43.42
CA LYS H 254 -38.36 13.71 43.16
C LYS H 254 -39.88 13.71 43.09
N SER H 255 -40.46 12.70 42.44
CA SER H 255 -41.90 12.65 42.24
C SER H 255 -42.68 12.50 43.54
N THR H 256 -42.00 12.18 44.65
CA THR H 256 -42.71 11.97 45.91
C THR H 256 -43.05 13.27 46.63
N GLU H 257 -42.52 14.40 46.18
CA GLU H 257 -42.86 15.67 46.82
C GLU H 257 -44.37 15.90 46.79
N GLU H 258 -44.97 15.82 45.60
CA GLU H 258 -46.38 16.16 45.48
C GLU H 258 -47.28 15.23 46.28
N PRO H 259 -47.17 13.91 46.18
CA PRO H 259 -48.09 13.06 46.95
C PRO H 259 -47.94 13.20 48.45
N ILE H 260 -46.72 13.13 48.97
CA ILE H 260 -46.53 13.15 50.42
C ILE H 260 -47.06 14.47 50.99
N VAL H 261 -46.89 15.58 50.27
CA VAL H 261 -47.49 16.83 50.72
C VAL H 261 -49.00 16.71 50.70
N LYS H 262 -49.57 16.13 49.63
CA LYS H 262 -51.01 15.95 49.56
C LYS H 262 -51.51 15.12 50.73
N VAL H 263 -50.85 14.00 51.00
CA VAL H 263 -51.23 13.17 52.14
C VAL H 263 -51.07 13.96 53.44
N VAL H 264 -49.98 14.72 53.55
CA VAL H 264 -49.74 15.51 54.75
C VAL H 264 -50.91 16.47 54.98
N GLU H 265 -51.29 17.22 53.94
CA GLU H 265 -52.33 18.24 54.11
C GLU H 265 -53.67 17.60 54.47
N ARG H 266 -54.09 16.58 53.72
CA ARG H 266 -55.37 15.95 53.97
C ARG H 266 -55.41 15.34 55.37
N GLU H 267 -54.33 14.66 55.77
CA GLU H 267 -54.33 13.95 57.04
C GLU H 267 -54.20 14.90 58.22
N LEU H 268 -53.47 16.00 58.07
CA LEU H 268 -53.27 16.94 59.17
C LEU H 268 -54.33 18.03 59.22
N ILE H 269 -54.77 18.51 58.05
CA ILE H 269 -55.56 19.73 57.99
C ILE H 269 -57.01 19.42 57.61
N SER H 270 -57.20 18.82 56.44
CA SER H 270 -58.53 18.70 55.86
C SER H 270 -59.50 17.89 56.73
N LYS H 271 -59.00 17.12 57.68
CA LYS H 271 -59.84 16.35 58.59
C LYS H 271 -59.93 16.98 59.98
N HIS H 272 -59.32 18.16 60.19
CA HIS H 272 -59.29 18.78 61.51
C HIS H 272 -59.50 20.28 61.49
N MET H 273 -59.91 20.86 60.34
CA MET H 273 -60.12 22.29 60.28
C MET H 273 -61.25 22.74 61.20
N LYS H 274 -62.31 21.94 61.31
CA LYS H 274 -63.42 22.31 62.18
C LYS H 274 -62.96 22.48 63.63
N THR H 275 -62.08 21.59 64.10
CA THR H 275 -61.66 21.62 65.50
C THR H 275 -60.72 22.78 65.80
N ILE H 276 -59.90 23.19 64.81
CA ILE H 276 -58.91 24.23 65.05
C ILE H 276 -59.51 25.62 65.25
N VAL H 277 -60.79 25.80 64.88
CA VAL H 277 -61.40 27.12 65.01
C VAL H 277 -61.40 27.59 66.46
N GLU H 278 -61.49 26.67 67.40
CA GLU H 278 -61.44 26.99 68.83
C GLU H 278 -60.51 26.02 69.53
N MET H 279 -59.73 26.53 70.48
CA MET H 279 -58.73 25.72 71.17
C MET H 279 -58.38 26.43 72.47
N GLU H 280 -57.49 25.81 73.24
CA GLU H 280 -57.06 26.37 74.52
C GLU H 280 -56.36 27.70 74.29
N ASN H 281 -57.02 28.80 74.69
CA ASN H 281 -56.49 30.14 74.47
C ASN H 281 -56.07 30.35 73.02
N SER H 282 -56.64 29.57 72.11
CA SER H 282 -56.23 29.60 70.71
C SER H 282 -57.35 29.01 69.87
N GLY H 283 -57.25 29.24 68.57
CA GLY H 283 -58.32 28.91 67.64
C GLY H 283 -58.85 30.17 66.98
N LEU H 284 -59.32 30.01 65.74
CA LEU H 284 -59.67 31.18 64.93
C LEU H 284 -60.61 32.11 65.69
N VAL H 285 -61.52 31.53 66.48
CA VAL H 285 -62.31 32.36 67.38
C VAL H 285 -61.39 33.12 68.32
N HIS H 286 -60.33 32.47 68.80
CA HIS H 286 -59.41 33.10 69.75
C HIS H 286 -58.38 33.97 69.05
N MET H 287 -57.79 33.49 67.95
CA MET H 287 -56.82 34.32 67.24
C MET H 287 -57.46 35.58 66.68
N LEU H 288 -58.77 35.59 66.52
CA LEU H 288 -59.45 36.79 66.06
C LEU H 288 -59.51 37.87 67.14
N LYS H 289 -59.03 37.58 68.35
CA LYS H 289 -59.07 38.53 69.45
C LYS H 289 -57.75 38.70 70.18
N ASN H 290 -56.79 37.77 70.02
CA ASN H 290 -55.49 37.95 70.64
C ASN H 290 -54.69 39.06 69.97
N GLY H 291 -54.64 39.07 68.64
CA GLY H 291 -54.07 40.17 67.90
C GLY H 291 -52.66 39.95 67.36
N LYS H 292 -52.09 38.76 67.50
CA LYS H 292 -50.76 38.47 66.97
C LYS H 292 -50.93 38.07 65.51
N THR H 293 -50.72 39.04 64.61
CA THR H 293 -51.09 38.86 63.21
C THR H 293 -50.28 37.76 62.54
N GLU H 294 -48.97 37.69 62.79
CA GLU H 294 -48.11 36.75 62.06
C GLU H 294 -48.66 35.34 62.15
N ASP H 295 -49.21 34.96 63.30
CA ASP H 295 -49.77 33.62 63.46
C ASP H 295 -50.93 33.40 62.49
N LEU H 296 -51.80 34.41 62.33
CA LEU H 296 -52.93 34.28 61.42
C LEU H 296 -52.46 34.04 59.99
N GLY H 297 -51.35 34.66 59.60
CA GLY H 297 -50.83 34.45 58.26
C GLY H 297 -50.48 33.00 58.00
N CYS H 298 -49.89 32.34 58.99
CA CYS H 298 -49.54 30.93 58.84
C CYS H 298 -50.80 30.09 58.61
N MET H 299 -51.86 30.35 59.37
CA MET H 299 -53.09 29.59 59.21
C MET H 299 -53.69 29.81 57.83
N TYR H 300 -53.69 31.06 57.35
CA TYR H 300 -54.14 31.32 55.99
C TYR H 300 -53.33 30.50 54.99
N LYS H 301 -52.00 30.62 55.06
CA LYS H 301 -51.15 29.93 54.09
C LYS H 301 -51.38 28.43 54.15
N LEU H 302 -51.51 27.88 55.36
CA LEU H 302 -51.81 26.47 55.50
C LEU H 302 -53.15 26.11 54.89
N PHE H 303 -54.23 26.72 55.40
CA PHE H 303 -55.57 26.39 54.93
C PHE H 303 -55.75 26.66 53.44
N SER H 304 -54.96 27.57 52.87
CA SER H 304 -55.07 27.85 51.44
C SER H 304 -54.71 26.63 50.60
N ARG H 305 -54.07 25.64 51.20
CA ARG H 305 -53.57 24.49 50.45
C ARG H 305 -54.66 23.49 50.09
N VAL H 306 -55.81 23.53 50.76
CA VAL H 306 -56.79 22.45 50.68
C VAL H 306 -58.08 23.02 50.10
N PRO H 307 -58.92 22.17 49.50
CA PRO H 307 -60.21 22.64 49.01
C PRO H 307 -61.06 23.20 50.13
N ASN H 308 -61.74 24.31 49.85
CA ASN H 308 -62.61 24.97 50.82
C ASN H 308 -61.88 25.30 52.12
N GLY H 309 -60.54 25.27 52.10
CA GLY H 309 -59.80 25.59 53.31
C GLY H 309 -60.03 27.01 53.78
N LEU H 310 -59.97 27.96 52.84
CA LEU H 310 -60.29 29.34 53.19
C LEU H 310 -61.79 29.53 53.37
N LYS H 311 -62.60 28.65 52.78
CA LYS H 311 -64.04 28.72 53.00
C LYS H 311 -64.37 28.52 54.46
N THR H 312 -63.67 27.61 55.13
CA THR H 312 -63.91 27.38 56.55
C THR H 312 -63.46 28.58 57.39
N MET H 313 -62.32 29.18 57.05
CA MET H 313 -61.76 30.25 57.87
C MET H 313 -62.69 31.46 57.90
N CYS H 314 -63.17 31.88 56.72
CA CYS H 314 -63.92 33.13 56.63
C CYS H 314 -65.12 33.16 57.57
N GLU H 315 -65.76 32.01 57.81
CA GLU H 315 -66.99 32.00 58.57
C GLU H 315 -66.76 32.23 60.07
N CYS H 316 -65.55 31.97 60.58
CA CYS H 316 -65.28 32.27 61.98
C CYS H 316 -65.12 33.77 62.18
N MET H 317 -64.42 34.44 61.27
CA MET H 317 -64.42 35.90 61.27
C MET H 317 -65.84 36.45 61.11
N SER H 318 -66.58 35.93 60.14
CA SER H 318 -67.92 36.43 59.89
C SER H 318 -68.83 36.23 61.11
N SER H 319 -68.77 35.05 61.73
CA SER H 319 -69.50 34.86 62.99
C SER H 319 -68.99 35.80 64.06
N TYR H 320 -67.66 35.94 64.16
CA TYR H 320 -67.09 36.94 65.06
C TYR H 320 -67.51 38.35 64.64
N LEU H 321 -67.65 38.58 63.33
CA LEU H 321 -68.18 39.85 62.87
C LEU H 321 -69.67 39.97 63.14
N ARG H 322 -70.44 38.94 62.81
CA ARG H 322 -71.86 38.97 63.08
C ARG H 322 -72.13 39.12 64.58
N GLU H 323 -71.36 38.40 65.40
CA GLU H 323 -71.44 38.56 66.84
C GLU H 323 -71.24 40.02 67.23
N GLN H 324 -70.19 40.64 66.70
CA GLN H 324 -69.93 42.05 67.01
C GLN H 324 -70.96 42.96 66.34
N GLY H 325 -71.22 42.73 65.05
CA GLY H 325 -72.12 43.61 64.33
C GLY H 325 -73.54 43.57 64.85
N LYS H 326 -74.07 42.36 65.06
CA LYS H 326 -75.45 42.24 65.54
C LYS H 326 -75.60 42.82 66.94
N ALA H 327 -74.62 42.56 67.82
CA ALA H 327 -74.70 43.09 69.17
C ALA H 327 -74.68 44.60 69.19
N LEU H 328 -74.08 45.23 68.18
CA LEU H 328 -73.97 46.68 68.15
C LEU H 328 -75.23 47.32 67.57
N VAL H 329 -75.73 46.80 66.45
CA VAL H 329 -76.91 47.37 65.81
C VAL H 329 -78.13 47.29 66.71
N SER H 330 -78.17 46.32 67.62
CA SER H 330 -79.29 46.18 68.56
C SER H 330 -79.14 47.23 69.65
N GLU H 331 -79.87 48.35 69.50
CA GLU H 331 -79.81 49.43 70.48
C GLU H 331 -80.56 49.03 71.74
N GLU H 332 -79.94 49.31 72.89
CA GLU H 332 -80.51 48.93 74.17
C GLU H 332 -80.27 50.04 75.19
N GLY H 333 -81.13 50.07 76.21
CA GLY H 333 -80.95 51.02 77.30
C GLY H 333 -80.95 52.45 76.84
N GLU H 334 -80.02 53.24 77.38
CA GLU H 334 -79.90 54.66 77.06
C GLU H 334 -79.03 54.92 75.83
N GLY H 335 -78.68 53.89 75.09
CA GLY H 335 -77.80 54.02 73.94
C GLY H 335 -76.42 53.45 74.19
N LYS H 336 -75.59 53.54 73.16
CA LYS H 336 -74.22 53.02 73.21
C LYS H 336 -73.26 54.08 72.69
N ASN H 337 -72.00 53.95 73.10
CA ASN H 337 -71.01 54.97 72.80
C ASN H 337 -70.83 55.13 71.29
N PRO H 338 -70.67 56.36 70.79
CA PRO H 338 -70.45 56.53 69.34
C PRO H 338 -69.22 55.81 68.84
N VAL H 339 -68.10 55.92 69.54
CA VAL H 339 -66.87 55.24 69.12
C VAL H 339 -67.08 53.74 69.13
N ASP H 340 -68.04 53.25 69.90
CA ASP H 340 -68.29 51.81 69.98
C ASP H 340 -69.29 51.36 68.93
N TYR H 341 -70.46 51.99 68.88
CA TYR H 341 -71.55 51.53 68.02
C TYR H 341 -71.90 52.53 66.93
N ILE H 342 -72.26 53.78 67.29
CA ILE H 342 -72.89 54.67 66.32
C ILE H 342 -71.98 54.87 65.11
N GLN H 343 -70.70 55.13 65.36
CA GLN H 343 -69.69 55.15 64.31
C GLN H 343 -68.61 54.12 64.53
N GLY H 344 -68.63 53.42 65.67
CA GLY H 344 -67.70 52.32 65.87
C GLY H 344 -67.98 51.14 64.96
N LEU H 345 -69.25 50.81 64.77
CA LEU H 345 -69.58 49.71 63.87
C LEU H 345 -69.06 49.97 62.46
N LEU H 346 -69.29 51.18 61.94
CA LEU H 346 -68.70 51.53 60.64
C LEU H 346 -67.19 51.42 60.71
N ASP H 347 -66.59 51.83 61.82
CA ASP H 347 -65.16 51.59 62.02
C ASP H 347 -64.88 50.10 62.16
N LEU H 348 -65.81 49.34 62.73
CA LEU H 348 -65.58 47.90 62.91
C LEU H 348 -65.30 47.22 61.58
N LYS H 349 -65.95 47.65 60.50
CA LYS H 349 -65.62 47.12 59.19
C LYS H 349 -64.13 47.25 58.94
N SER H 350 -63.59 48.46 59.09
CA SER H 350 -62.17 48.67 58.91
C SER H 350 -61.37 47.86 59.93
N ARG H 351 -61.85 47.79 61.17
CA ARG H 351 -61.15 47.03 62.19
C ARG H 351 -61.01 45.57 61.79
N PHE H 352 -62.10 44.97 61.29
CA PHE H 352 -62.01 43.59 60.82
C PHE H 352 -61.13 43.47 59.58
N ASP H 353 -61.24 44.44 58.66
CA ASP H 353 -60.37 44.41 57.49
C ASP H 353 -58.90 44.51 57.87
N ARG H 354 -58.57 45.03 59.05
CA ARG H 354 -57.19 44.95 59.52
C ARG H 354 -56.72 43.49 59.50
N PHE H 355 -57.60 42.56 59.84
CA PHE H 355 -57.28 41.15 59.67
C PHE H 355 -57.02 40.85 58.20
N LEU H 356 -57.86 41.37 57.31
CA LEU H 356 -57.62 41.22 55.88
C LEU H 356 -56.30 41.87 55.47
N LEU H 357 -56.04 43.07 55.99
CA LEU H 357 -54.83 43.79 55.64
C LEU H 357 -53.59 43.09 56.19
N GLU H 358 -53.61 42.78 57.50
CA GLU H 358 -52.38 42.43 58.20
C GLU H 358 -52.03 40.94 58.11
N SER H 359 -53.01 40.07 57.96
CA SER H 359 -52.74 38.63 58.01
C SER H 359 -53.26 37.88 56.78
N PHE H 360 -54.38 38.30 56.21
CA PHE H 360 -55.07 37.53 55.18
C PHE H 360 -54.85 38.10 53.79
N ASN H 361 -53.63 38.61 53.55
CA ASN H 361 -53.08 38.80 52.20
C ASN H 361 -53.95 39.67 51.32
N ASN H 362 -54.90 40.42 51.87
CA ASN H 362 -55.86 41.14 51.05
C ASN H 362 -56.53 40.16 50.09
N ASP H 363 -57.28 39.21 50.64
CA ASP H 363 -57.89 38.16 49.84
C ASP H 363 -59.24 38.60 49.29
N ARG H 364 -59.62 38.04 48.14
CA ARG H 364 -60.89 38.38 47.52
C ARG H 364 -62.05 37.75 48.27
N LEU H 365 -61.91 36.48 48.66
CA LEU H 365 -62.97 35.83 49.42
C LEU H 365 -63.20 36.56 50.75
N PHE H 366 -62.11 36.94 51.42
CA PHE H 366 -62.26 37.56 52.73
C PHE H 366 -62.89 38.95 52.64
N LYS H 367 -62.47 39.78 51.68
CA LYS H 367 -63.07 41.10 51.62
C LYS H 367 -64.50 41.06 51.09
N GLN H 368 -64.76 40.29 50.03
CA GLN H 368 -66.06 40.35 49.38
C GLN H 368 -67.15 39.72 50.25
N THR H 369 -66.86 38.55 50.83
CA THR H 369 -67.88 37.85 51.59
C THR H 369 -68.39 38.70 52.74
N ILE H 370 -67.47 39.29 53.53
CA ILE H 370 -67.90 40.11 54.65
C ILE H 370 -68.57 41.39 54.19
N ALA H 371 -68.32 41.81 52.94
CA ALA H 371 -68.95 43.02 52.45
C ALA H 371 -70.47 42.91 52.51
N GLY H 372 -71.01 41.77 52.10
CA GLY H 372 -72.43 41.51 52.25
C GLY H 372 -72.82 41.37 53.70
N ASP H 373 -72.08 40.54 54.44
CA ASP H 373 -72.44 40.20 55.81
C ASP H 373 -72.64 41.47 56.63
N PHE H 374 -71.81 42.49 56.39
CA PHE H 374 -71.99 43.77 57.06
C PHE H 374 -73.35 44.36 56.75
N GLU H 375 -73.75 44.35 55.47
CA GLU H 375 -74.98 45.01 55.05
C GLU H 375 -76.20 44.33 55.66
N TYR H 376 -76.15 43.00 55.82
CA TYR H 376 -77.32 42.28 56.31
C TYR H 376 -77.73 42.76 57.70
N PHE H 377 -76.77 42.94 58.62
CA PHE H 377 -77.13 43.44 59.94
C PHE H 377 -77.03 44.95 60.05
N LEU H 378 -76.30 45.61 59.16
CA LEU H 378 -76.24 47.07 59.19
C LEU H 378 -77.59 47.68 58.80
N ASN H 379 -78.37 46.97 57.99
CA ASN H 379 -79.69 47.46 57.59
C ASN H 379 -80.68 47.47 58.75
N LEU H 380 -80.34 46.85 59.88
CA LEU H 380 -81.24 46.80 61.02
C LEU H 380 -81.13 48.09 61.84
N ASN H 381 -81.29 49.23 61.18
CA ASN H 381 -81.16 50.53 61.84
C ASN H 381 -82.27 51.47 61.38
N THR I 24 -1.25 -29.46 -27.97
CA THR I 24 -1.98 -30.43 -27.10
C THR I 24 -1.55 -30.29 -25.65
N MET I 25 -2.50 -30.51 -24.73
CA MET I 25 -2.20 -30.44 -23.30
C MET I 25 -1.29 -31.56 -22.83
N ASP I 26 -1.07 -32.59 -23.64
CA ASP I 26 -0.25 -33.71 -23.21
C ASP I 26 1.16 -33.26 -22.88
N GLU I 27 1.70 -33.79 -21.78
CA GLU I 27 3.04 -33.43 -21.34
C GLU I 27 3.45 -34.36 -20.21
N LYS I 28 4.77 -34.41 -19.96
CA LYS I 28 5.31 -35.20 -18.86
C LYS I 28 5.06 -34.56 -17.51
N TYR I 29 4.96 -33.23 -17.46
CA TYR I 29 4.66 -32.52 -16.23
C TYR I 29 3.58 -33.21 -15.41
N VAL I 30 2.60 -33.83 -16.08
CA VAL I 30 1.58 -34.58 -15.37
C VAL I 30 2.23 -35.61 -14.46
N ASN I 31 3.25 -36.30 -14.98
CA ASN I 31 4.04 -37.20 -14.14
C ASN I 31 4.81 -36.42 -13.07
N SER I 32 5.35 -35.25 -13.42
CA SER I 32 6.12 -34.48 -12.46
C SER I 32 5.34 -34.21 -11.19
N ILE I 33 4.12 -33.66 -11.33
CA ILE I 33 3.29 -33.44 -10.15
C ILE I 33 2.94 -34.76 -9.49
N TRP I 34 2.66 -35.78 -10.30
CA TRP I 34 2.43 -37.12 -9.78
C TRP I 34 3.44 -37.45 -8.70
N ASP I 35 4.73 -37.42 -9.05
CA ASP I 35 5.76 -37.76 -8.08
C ASP I 35 5.61 -36.91 -6.82
N LEU I 36 5.71 -35.59 -6.96
CA LEU I 36 5.68 -34.72 -5.79
C LEU I 36 4.48 -35.05 -4.91
N LEU I 37 3.30 -35.20 -5.54
CA LEU I 37 2.14 -35.67 -4.79
C LEU I 37 2.39 -37.08 -4.24
N LYS I 38 3.06 -37.92 -5.02
CA LYS I 38 3.28 -39.30 -4.59
C LYS I 38 4.34 -39.39 -3.49
N ASN I 39 5.47 -38.70 -3.62
CA ASN I 39 6.47 -38.79 -2.57
C ASN I 39 5.91 -38.29 -1.25
N ALA I 40 5.08 -37.26 -1.29
CA ALA I 40 4.42 -36.80 -0.09
C ALA I 40 3.56 -37.90 0.50
N ILE I 41 2.53 -38.33 -0.23
CA ILE I 41 1.61 -39.35 0.26
C ILE I 41 2.38 -40.48 0.93
N GLN I 42 3.41 -40.99 0.26
CA GLN I 42 4.26 -41.99 0.88
C GLN I 42 4.80 -41.48 2.21
N GLU I 43 5.29 -40.24 2.24
CA GLU I 43 5.81 -39.68 3.48
C GLU I 43 4.72 -39.59 4.53
N ILE I 44 3.53 -39.10 4.16
CA ILE I 44 2.44 -39.03 5.13
C ILE I 44 2.18 -40.41 5.71
N GLN I 45 2.16 -41.43 4.85
CA GLN I 45 2.02 -42.80 5.34
C GLN I 45 3.21 -43.21 6.18
N ARG I 46 4.39 -42.65 5.91
CA ARG I 46 5.59 -42.98 6.66
C ARG I 46 5.71 -42.25 7.99
N LYS I 47 4.74 -41.39 8.31
CA LYS I 47 4.62 -40.77 9.64
C LYS I 47 5.88 -39.98 10.02
N ASN I 48 6.31 -39.13 9.09
CA ASN I 48 7.29 -38.08 9.37
C ASN I 48 6.86 -36.81 8.67
N ASN I 49 5.58 -36.47 8.84
CA ASN I 49 4.94 -35.42 8.05
C ASN I 49 5.69 -34.09 8.09
N SER I 50 6.54 -33.87 9.08
CA SER I 50 7.13 -32.57 9.32
C SER I 50 7.75 -31.94 8.07
N GLY I 51 8.08 -32.74 7.06
CA GLY I 51 8.75 -32.24 5.88
C GLY I 51 7.87 -31.83 4.74
N LEU I 52 6.59 -31.57 4.97
CA LEU I 52 5.64 -31.32 3.89
C LEU I 52 4.99 -29.96 4.07
N SER I 53 4.18 -29.57 3.08
CA SER I 53 3.49 -28.28 3.08
C SER I 53 2.10 -28.45 2.49
N PHE I 54 1.09 -28.08 3.27
CA PHE I 54 -0.28 -28.23 2.80
C PHE I 54 -0.55 -27.37 1.57
N GLU I 55 -0.11 -26.11 1.60
CA GLU I 55 -0.38 -25.22 0.47
C GLU I 55 0.15 -25.84 -0.82
N GLU I 56 1.41 -26.27 -0.83
CA GLU I 56 1.96 -26.97 -1.98
C GLU I 56 1.04 -28.10 -2.40
N LEU I 57 0.85 -29.08 -1.50
CA LEU I 57 0.15 -30.30 -1.87
C LEU I 57 -1.23 -30.02 -2.45
N TYR I 58 -2.01 -29.14 -1.81
CA TYR I 58 -3.36 -28.90 -2.31
C TYR I 58 -3.32 -28.37 -3.73
N ARG I 59 -2.40 -27.45 -4.01
CA ARG I 59 -2.33 -26.86 -5.34
C ARG I 59 -2.05 -27.91 -6.40
N ASN I 60 -1.04 -28.76 -6.19
CA ASN I 60 -0.72 -29.76 -7.20
C ASN I 60 -1.93 -30.64 -7.47
N ALA I 61 -2.53 -31.18 -6.41
CA ALA I 61 -3.75 -31.97 -6.59
C ALA I 61 -4.80 -31.16 -7.33
N TYR I 62 -4.90 -29.87 -7.02
CA TYR I 62 -5.91 -29.03 -7.65
C TYR I 62 -5.66 -28.91 -9.15
N THR I 63 -4.43 -28.54 -9.55
CA THR I 63 -4.17 -28.28 -10.95
C THR I 63 -4.41 -29.52 -11.81
N MET I 64 -4.01 -30.70 -11.32
CA MET I 64 -4.19 -31.91 -12.10
C MET I 64 -5.64 -32.09 -12.51
N VAL I 65 -6.56 -32.01 -11.53
CA VAL I 65 -7.96 -32.22 -11.84
C VAL I 65 -8.50 -31.09 -12.70
N LEU I 66 -7.92 -29.88 -12.58
CA LEU I 66 -8.47 -28.74 -13.29
C LEU I 66 -8.44 -28.96 -14.80
N HIS I 67 -7.33 -29.51 -15.31
CA HIS I 67 -7.28 -29.96 -16.70
C HIS I 67 -7.66 -31.42 -16.85
N LYS I 68 -8.51 -31.93 -15.96
CA LYS I 68 -9.18 -33.23 -16.08
C LYS I 68 -8.21 -34.36 -16.43
N HIS I 69 -7.31 -34.65 -15.49
CA HIS I 69 -6.65 -35.94 -15.39
C HIS I 69 -6.91 -36.60 -14.04
N GLY I 70 -8.02 -36.25 -13.38
CA GLY I 70 -8.30 -36.82 -12.08
C GLY I 70 -8.49 -38.32 -12.12
N GLU I 71 -9.22 -38.82 -13.13
CA GLU I 71 -9.51 -40.24 -13.19
C GLU I 71 -8.24 -41.07 -13.13
N LYS I 72 -7.12 -40.52 -13.63
CA LYS I 72 -5.83 -41.13 -13.38
C LYS I 72 -5.35 -40.87 -11.96
N LEU I 73 -5.49 -39.63 -11.48
CA LEU I 73 -4.98 -39.30 -10.16
C LEU I 73 -5.72 -40.10 -9.09
N TYR I 74 -7.05 -40.20 -9.23
CA TYR I 74 -7.81 -41.11 -8.37
C TYR I 74 -7.28 -42.53 -8.47
N THR I 75 -7.07 -43.02 -9.69
CA THR I 75 -6.45 -44.33 -9.86
C THR I 75 -5.08 -44.36 -9.22
N GLY I 76 -4.24 -43.38 -9.54
CA GLY I 76 -2.94 -43.30 -8.89
C GLY I 76 -3.06 -43.26 -7.38
N LEU I 77 -4.04 -42.50 -6.89
CA LEU I 77 -4.32 -42.51 -5.45
C LEU I 77 -4.59 -43.92 -4.96
N ARG I 78 -5.46 -44.65 -5.66
CA ARG I 78 -5.82 -45.99 -5.23
C ARG I 78 -4.59 -46.87 -5.08
N GLU I 79 -3.67 -46.78 -6.04
CA GLU I 79 -2.47 -47.61 -6.00
C GLU I 79 -1.58 -47.26 -4.83
N VAL I 80 -1.31 -45.96 -4.63
CA VAL I 80 -0.29 -45.59 -3.65
C VAL I 80 -0.66 -46.05 -2.26
N VAL I 81 -1.91 -45.81 -1.84
CA VAL I 81 -2.33 -46.30 -0.53
C VAL I 81 -2.35 -47.82 -0.53
N THR I 82 -2.89 -48.43 -1.59
CA THR I 82 -2.89 -49.89 -1.69
C THR I 82 -1.49 -50.44 -1.52
N GLU I 83 -0.50 -49.76 -2.09
CA GLU I 83 0.88 -50.20 -1.97
C GLU I 83 1.29 -50.28 -0.50
N HIS I 84 1.00 -49.24 0.27
CA HIS I 84 1.51 -49.18 1.64
C HIS I 84 0.90 -50.27 2.51
N LEU I 85 -0.42 -50.40 2.50
CA LEU I 85 -1.07 -51.31 3.44
C LEU I 85 -0.61 -52.74 3.20
N ILE I 86 -0.73 -53.21 1.95
CA ILE I 86 -0.38 -54.60 1.64
C ILE I 86 1.10 -54.84 1.90
N ASN I 87 1.94 -53.92 1.45
CA ASN I 87 3.38 -54.14 1.52
C ASN I 87 3.96 -53.91 2.91
N LYS I 88 3.38 -53.05 3.73
CA LYS I 88 3.92 -52.82 5.06
C LYS I 88 2.90 -53.19 6.14
N VAL I 89 1.71 -52.60 6.11
CA VAL I 89 0.75 -52.79 7.19
C VAL I 89 0.39 -54.26 7.32
N ARG I 90 0.07 -54.90 6.18
CA ARG I 90 -0.28 -56.32 6.21
C ARG I 90 0.84 -57.15 6.81
N GLU I 91 2.09 -56.84 6.45
CA GLU I 91 3.21 -57.62 6.93
C GLU I 91 3.28 -57.59 8.46
N ASP I 92 3.26 -56.40 9.05
CA ASP I 92 3.45 -56.29 10.49
C ASP I 92 2.35 -57.01 11.24
N VAL I 93 1.10 -56.84 10.83
CA VAL I 93 0.00 -57.53 11.50
C VAL I 93 0.18 -59.04 11.39
N LEU I 94 0.70 -59.52 10.27
CA LEU I 94 1.09 -60.92 10.19
C LEU I 94 2.18 -61.24 11.20
N ASN I 95 3.18 -60.36 11.33
CA ASN I 95 4.25 -60.59 12.29
C ASN I 95 3.76 -60.50 13.73
N SER I 96 2.57 -59.97 13.96
CA SER I 96 2.01 -59.83 15.30
C SER I 96 0.92 -60.85 15.59
N LEU I 97 0.78 -61.89 14.75
CA LEU I 97 -0.35 -62.79 14.87
C LEU I 97 -0.44 -63.42 16.26
N ASN I 98 0.70 -63.59 16.93
CA ASN I 98 0.74 -64.22 18.25
C ASN I 98 1.61 -63.40 19.20
N ASN I 99 1.59 -62.09 19.06
CA ASN I 99 2.24 -61.21 20.04
C ASN I 99 1.56 -59.85 19.97
N ASN I 100 0.75 -59.53 20.96
CA ASN I 100 0.07 -58.24 21.04
C ASN I 100 -0.72 -57.97 19.76
N PHE I 101 -1.43 -59.00 19.30
CA PHE I 101 -2.14 -58.88 18.02
C PHE I 101 -3.11 -57.71 18.04
N LEU I 102 -4.11 -57.75 18.93
CA LEU I 102 -5.10 -56.68 18.95
C LEU I 102 -4.43 -55.33 19.11
N GLN I 103 -3.36 -55.27 19.90
CA GLN I 103 -2.62 -54.02 20.06
C GLN I 103 -2.21 -53.47 18.70
N THR I 104 -1.58 -54.30 17.87
CA THR I 104 -1.07 -53.83 16.58
C THR I 104 -2.21 -53.45 15.66
N LEU I 105 -3.21 -54.33 15.48
CA LEU I 105 -4.26 -54.04 14.53
C LEU I 105 -4.97 -52.73 14.88
N ASN I 106 -5.16 -52.47 16.17
CA ASN I 106 -5.65 -51.17 16.58
C ASN I 106 -4.67 -50.06 16.19
N GLN I 107 -3.39 -50.27 16.46
CA GLN I 107 -2.38 -49.27 16.11
C GLN I 107 -2.37 -49.02 14.61
N ALA I 108 -2.49 -50.09 13.82
CA ALA I 108 -2.47 -49.94 12.37
C ALA I 108 -3.62 -49.08 11.88
N TRP I 109 -4.85 -49.41 12.27
CA TRP I 109 -6.00 -48.65 11.79
C TRP I 109 -5.92 -47.19 12.24
N ASN I 110 -5.59 -46.96 13.50
CA ASN I 110 -5.47 -45.59 13.98
C ASN I 110 -4.46 -44.81 13.14
N ASP I 111 -3.30 -45.42 12.86
CA ASP I 111 -2.32 -44.75 12.02
C ASP I 111 -2.85 -44.52 10.62
N HIS I 112 -3.53 -45.52 10.04
CA HIS I 112 -4.12 -45.34 8.72
C HIS I 112 -5.16 -44.23 8.74
N GLN I 113 -6.05 -44.25 9.73
CA GLN I 113 -7.01 -43.16 9.87
C GLN I 113 -6.30 -41.83 10.04
N THR I 114 -5.27 -41.80 10.90
CA THR I 114 -4.45 -40.60 11.03
C THR I 114 -3.88 -40.18 9.68
N ALA I 115 -3.26 -41.14 8.99
CA ALA I 115 -2.68 -40.84 7.69
C ALA I 115 -3.74 -40.44 6.68
N MET I 116 -4.86 -41.19 6.65
CA MET I 116 -5.82 -40.99 5.58
C MET I 116 -6.49 -39.61 5.63
N VAL I 117 -6.77 -39.10 6.84
CA VAL I 117 -7.45 -37.81 6.92
C VAL I 117 -6.56 -36.72 6.31
N MET I 118 -5.25 -36.81 6.53
CA MET I 118 -4.33 -35.98 5.73
C MET I 118 -4.60 -36.18 4.25
N ILE I 119 -4.65 -37.44 3.81
CA ILE I 119 -5.01 -37.72 2.41
C ILE I 119 -6.39 -37.18 2.11
N ARG I 120 -7.32 -37.35 3.05
CA ARG I 120 -8.66 -36.80 2.85
C ARG I 120 -8.60 -35.30 2.64
N ASP I 121 -7.68 -34.63 3.33
CA ASP I 121 -7.57 -33.19 3.20
C ASP I 121 -6.81 -32.82 1.95
N ILE I 122 -5.53 -33.19 1.86
CA ILE I 122 -4.66 -32.70 0.79
C ILE I 122 -5.39 -32.70 -0.56
N LEU I 123 -6.31 -33.64 -0.74
CA LEU I 123 -7.03 -33.79 -1.99
C LEU I 123 -8.47 -33.29 -1.91
N MET I 124 -8.74 -32.21 -1.15
CA MET I 124 -10.14 -31.80 -1.02
C MET I 124 -10.80 -31.67 -2.38
N TYR I 125 -10.06 -31.15 -3.36
CA TYR I 125 -10.70 -30.71 -4.59
C TYR I 125 -11.29 -31.87 -5.37
N MET I 126 -10.51 -32.94 -5.59
CA MET I 126 -11.09 -34.09 -6.29
C MET I 126 -12.29 -34.62 -5.53
N ASP I 127 -12.24 -34.58 -4.21
CA ASP I 127 -13.36 -35.08 -3.41
C ASP I 127 -14.66 -34.37 -3.75
N ARG I 128 -14.58 -33.16 -4.31
CA ARG I 128 -15.78 -32.42 -4.69
C ARG I 128 -16.07 -32.50 -6.19
N VAL I 129 -15.13 -32.04 -7.02
CA VAL I 129 -15.43 -31.94 -8.46
C VAL I 129 -15.44 -33.30 -9.11
N TYR I 130 -14.49 -34.17 -8.76
CA TYR I 130 -14.41 -35.48 -9.40
C TYR I 130 -15.40 -36.45 -8.77
N VAL I 131 -15.26 -36.69 -7.46
CA VAL I 131 -16.06 -37.72 -6.80
C VAL I 131 -17.54 -37.48 -7.02
N GLN I 132 -17.99 -36.24 -6.80
CA GLN I 132 -19.40 -35.90 -6.87
C GLN I 132 -19.89 -35.68 -8.30
N GLN I 133 -19.11 -36.10 -9.30
CA GLN I 133 -19.54 -36.07 -10.69
C GLN I 133 -19.44 -37.43 -11.37
N ASN I 134 -18.40 -38.20 -11.08
CA ASN I 134 -18.21 -39.51 -11.68
C ASN I 134 -18.53 -40.65 -10.72
N ASN I 135 -18.97 -40.35 -9.50
CA ASN I 135 -19.60 -41.31 -8.60
C ASN I 135 -18.65 -42.36 -8.04
N VAL I 136 -17.35 -42.19 -8.23
CA VAL I 136 -16.38 -43.10 -7.63
C VAL I 136 -16.46 -42.92 -6.11
N GLU I 137 -15.92 -43.88 -5.36
CA GLU I 137 -15.91 -43.75 -3.92
C GLU I 137 -15.12 -42.52 -3.51
N ASN I 138 -15.67 -41.73 -2.60
CA ASN I 138 -14.97 -40.55 -2.14
C ASN I 138 -13.68 -40.96 -1.42
N VAL I 139 -12.86 -39.97 -1.10
CA VAL I 139 -11.51 -40.26 -0.62
C VAL I 139 -11.55 -41.09 0.66
N TYR I 140 -12.45 -40.75 1.59
CA TYR I 140 -12.52 -41.53 2.81
C TYR I 140 -13.38 -42.77 2.64
N ASN I 141 -14.30 -42.76 1.67
CA ASN I 141 -14.93 -44.02 1.27
C ASN I 141 -13.88 -44.96 0.70
N LEU I 142 -12.96 -44.42 -0.10
CA LEU I 142 -11.84 -45.19 -0.59
C LEU I 142 -10.84 -45.50 0.50
N GLY I 143 -10.67 -44.58 1.46
CA GLY I 143 -9.63 -44.75 2.46
C GLY I 143 -9.80 -46.02 3.26
N LEU I 144 -11.02 -46.29 3.73
CA LEU I 144 -11.25 -47.52 4.48
C LEU I 144 -11.36 -48.73 3.56
N ILE I 145 -11.96 -48.56 2.37
CA ILE I 145 -12.33 -49.73 1.58
C ILE I 145 -11.12 -50.61 1.30
N ILE I 146 -9.97 -50.00 0.99
CA ILE I 146 -8.76 -50.79 0.80
C ILE I 146 -8.34 -51.43 2.11
N PHE I 147 -8.38 -50.67 3.21
CA PHE I 147 -8.03 -51.23 4.51
C PHE I 147 -8.97 -52.37 4.85
N ARG I 148 -10.27 -52.18 4.58
CA ARG I 148 -11.23 -53.25 4.81
C ARG I 148 -10.95 -54.44 3.91
N ASP I 149 -10.82 -54.19 2.60
CA ASP I 149 -10.72 -55.30 1.66
C ASP I 149 -9.33 -55.94 1.66
N GLN I 150 -8.27 -55.13 1.67
CA GLN I 150 -6.91 -55.67 1.54
C GLN I 150 -6.18 -55.86 2.86
N VAL I 151 -6.77 -55.48 4.00
CA VAL I 151 -6.08 -55.70 5.28
C VAL I 151 -6.98 -56.44 6.25
N VAL I 152 -8.15 -55.87 6.57
CA VAL I 152 -8.98 -56.44 7.61
C VAL I 152 -9.65 -57.73 7.13
N ARG I 153 -10.23 -57.70 5.94
CA ARG I 153 -10.94 -58.85 5.41
C ARG I 153 -10.02 -59.82 4.68
N TYR I 154 -8.71 -59.70 4.86
CA TYR I 154 -7.79 -60.69 4.32
C TYR I 154 -7.95 -62.00 5.08
N GLY I 155 -7.89 -63.12 4.36
CA GLY I 155 -8.24 -64.40 4.96
C GLY I 155 -7.57 -64.65 6.30
N CYS I 156 -6.24 -64.78 6.29
CA CYS I 156 -5.55 -65.18 7.51
C CYS I 156 -5.79 -64.19 8.64
N ILE I 157 -5.76 -62.89 8.33
CA ILE I 157 -6.02 -61.88 9.35
C ILE I 157 -7.48 -61.93 9.79
N ARG I 158 -8.40 -61.98 8.83
CA ARG I 158 -9.82 -61.90 9.15
C ARG I 158 -10.21 -63.03 10.11
N ASP I 159 -9.87 -64.26 9.75
CA ASP I 159 -10.18 -65.39 10.62
C ASP I 159 -9.46 -65.28 11.95
N HIS I 160 -8.16 -65.00 11.92
CA HIS I 160 -7.40 -64.93 13.16
C HIS I 160 -7.93 -63.82 14.06
N LEU I 161 -8.23 -62.66 13.49
CA LEU I 161 -8.82 -61.58 14.27
C LEU I 161 -10.10 -62.03 14.94
N ARG I 162 -10.99 -62.66 14.17
CA ARG I 162 -12.25 -63.14 14.72
C ARG I 162 -12.00 -64.13 15.85
N GLN I 163 -11.07 -65.07 15.63
CA GLN I 163 -10.77 -66.05 16.66
C GLN I 163 -10.20 -65.38 17.92
N THR I 164 -9.30 -64.40 17.74
CA THR I 164 -8.66 -63.77 18.89
C THR I 164 -9.69 -63.07 19.77
N LEU I 165 -10.61 -62.33 19.16
CA LEU I 165 -11.61 -61.61 19.93
C LEU I 165 -12.55 -62.58 20.65
N LEU I 166 -13.10 -63.55 19.90
CA LEU I 166 -14.00 -64.52 20.53
C LEU I 166 -13.27 -65.36 21.56
N ASP I 167 -11.99 -65.67 21.31
CA ASP I 167 -11.20 -66.41 22.29
C ASP I 167 -11.19 -65.67 23.63
N MET I 168 -10.91 -64.36 23.60
CA MET I 168 -10.93 -63.57 24.81
C MET I 168 -12.32 -63.54 25.42
N ILE I 169 -13.35 -63.36 24.58
CA ILE I 169 -14.71 -63.23 25.10
C ILE I 169 -15.12 -64.49 25.85
N ALA I 170 -14.72 -65.65 25.35
CA ALA I 170 -14.97 -66.89 26.10
C ALA I 170 -14.29 -66.83 27.46
N ARG I 171 -12.99 -66.53 27.48
CA ARG I 171 -12.29 -66.38 28.75
C ARG I 171 -12.94 -65.31 29.61
N GLU I 172 -13.49 -64.26 28.99
CA GLU I 172 -14.29 -63.31 29.74
C GLU I 172 -15.50 -63.98 30.37
N ARG I 173 -16.23 -64.77 29.58
CA ARG I 173 -17.34 -65.54 30.13
C ARG I 173 -16.87 -66.59 31.11
N LYS I 174 -15.57 -66.93 31.10
CA LYS I 174 -14.98 -67.73 32.16
C LYS I 174 -14.56 -66.89 33.36
N GLY I 175 -14.58 -65.57 33.24
CA GLY I 175 -14.23 -64.70 34.33
C GLY I 175 -12.78 -64.30 34.43
N GLU I 176 -12.03 -64.37 33.32
CA GLU I 176 -10.63 -64.02 33.36
C GLU I 176 -10.44 -62.50 33.30
N VAL I 177 -9.33 -62.04 33.85
CA VAL I 177 -8.96 -60.63 33.81
C VAL I 177 -8.47 -60.31 32.40
N VAL I 178 -9.07 -59.30 31.78
CA VAL I 178 -8.81 -59.00 30.37
C VAL I 178 -8.89 -57.49 30.17
N ASP I 179 -8.11 -57.00 29.22
CA ASP I 179 -8.17 -55.62 28.76
C ASP I 179 -9.43 -55.39 27.91
N ARG I 180 -10.57 -55.36 28.59
CA ARG I 180 -11.87 -55.29 27.91
C ARG I 180 -11.88 -54.19 26.87
N GLY I 181 -11.13 -53.12 27.09
CA GLY I 181 -11.09 -52.04 26.12
C GLY I 181 -10.68 -52.50 24.74
N ALA I 182 -9.62 -53.32 24.68
CA ALA I 182 -9.02 -53.65 23.38
C ALA I 182 -10.05 -54.24 22.42
N ILE I 183 -11.06 -54.94 22.95
CA ILE I 183 -12.12 -55.43 22.08
C ILE I 183 -12.98 -54.27 21.59
N ARG I 184 -13.36 -53.37 22.49
CA ARG I 184 -14.28 -52.30 22.13
C ARG I 184 -13.77 -51.52 20.92
N ASN I 185 -12.54 -51.04 20.97
CA ASN I 185 -11.97 -50.35 19.81
C ASN I 185 -11.99 -51.27 18.59
N ALA I 186 -11.59 -52.53 18.77
CA ALA I 186 -11.63 -53.48 17.66
C ALA I 186 -13.04 -53.57 17.08
N CYS I 187 -14.06 -53.69 17.94
CA CYS I 187 -15.43 -53.57 17.44
C CYS I 187 -15.66 -52.21 16.81
N GLN I 188 -15.33 -51.14 17.54
CA GLN I 188 -15.45 -49.80 16.96
C GLN I 188 -14.73 -49.73 15.62
N MET I 189 -13.57 -50.38 15.52
CA MET I 189 -12.81 -50.40 14.28
C MET I 189 -13.67 -50.90 13.13
N LEU I 190 -14.34 -52.04 13.32
CA LEU I 190 -15.11 -52.63 12.22
C LEU I 190 -16.28 -51.74 11.82
N MET I 191 -16.99 -51.16 12.80
CA MET I 191 -18.13 -50.32 12.47
C MET I 191 -17.73 -49.22 11.50
N ILE I 192 -16.67 -48.48 11.82
CA ILE I 192 -16.22 -47.44 10.91
C ILE I 192 -15.77 -48.06 9.59
N LEU I 193 -15.09 -49.20 9.63
CA LEU I 193 -14.74 -49.89 8.40
C LEU I 193 -16.00 -50.32 7.64
N GLY I 194 -17.14 -50.39 8.30
CA GLY I 194 -18.40 -50.66 7.64
C GLY I 194 -19.04 -49.47 6.99
N LEU I 195 -18.40 -48.30 7.08
CA LEU I 195 -18.93 -47.05 6.53
C LEU I 195 -20.26 -46.77 7.22
N GLU I 196 -21.38 -46.71 6.50
CA GLU I 196 -22.64 -46.28 7.08
C GLU I 196 -23.48 -47.43 7.63
N GLY I 197 -23.07 -48.68 7.43
CA GLY I 197 -23.88 -49.83 7.77
C GLY I 197 -23.20 -50.74 8.79
N ARG I 198 -24.01 -51.64 9.36
CA ARG I 198 -23.52 -52.63 10.31
C ARG I 198 -23.05 -53.91 9.65
N SER I 199 -23.19 -54.02 8.32
CA SER I 199 -22.94 -55.31 7.66
C SER I 199 -21.52 -55.81 7.90
N VAL I 200 -20.54 -54.92 7.79
CA VAL I 200 -19.14 -55.35 7.93
C VAL I 200 -18.90 -55.92 9.32
N TYR I 201 -19.31 -55.19 10.35
CA TYR I 201 -19.18 -55.71 11.71
C TYR I 201 -19.99 -56.98 11.89
N GLU I 202 -21.22 -56.99 11.38
CA GLU I 202 -22.10 -58.13 11.58
C GLU I 202 -21.51 -59.39 10.99
N GLU I 203 -21.00 -59.32 9.76
CA GLU I 203 -20.52 -60.51 9.08
C GLU I 203 -19.34 -61.13 9.81
N ASP I 204 -18.43 -60.31 10.32
CA ASP I 204 -17.20 -60.81 10.91
C ASP I 204 -17.32 -61.10 12.41
N PHE I 205 -18.08 -60.29 13.16
CA PHE I 205 -18.16 -60.44 14.61
C PHE I 205 -19.55 -60.88 15.07
N GLU I 206 -20.59 -60.11 14.74
CA GLU I 206 -21.89 -60.32 15.37
C GLU I 206 -22.43 -61.73 15.09
N ALA I 207 -22.65 -62.06 13.82
CA ALA I 207 -23.24 -63.36 13.50
C ALA I 207 -22.47 -64.52 14.11
N PRO I 208 -21.16 -64.63 13.95
CA PRO I 208 -20.43 -65.68 14.70
C PRO I 208 -20.58 -65.54 16.20
N PHE I 209 -20.63 -64.30 16.70
CA PHE I 209 -20.81 -64.09 18.13
C PHE I 209 -22.17 -64.57 18.60
N LEU I 210 -23.23 -64.24 17.87
CA LEU I 210 -24.57 -64.52 18.35
C LEU I 210 -24.82 -66.02 18.46
N GLU I 211 -24.48 -66.77 17.41
CA GLU I 211 -24.71 -68.22 17.46
C GLU I 211 -23.74 -68.92 18.40
N MET I 212 -22.48 -68.49 18.43
CA MET I 212 -21.54 -69.10 19.36
C MET I 212 -22.04 -69.00 20.80
N SER I 213 -22.54 -67.82 21.17
CA SER I 213 -23.11 -67.66 22.50
C SER I 213 -24.30 -68.59 22.70
N ALA I 214 -25.14 -68.74 21.67
CA ALA I 214 -26.28 -69.65 21.78
C ALA I 214 -25.84 -71.04 22.17
N GLU I 215 -24.75 -71.53 21.57
CA GLU I 215 -24.18 -72.80 22.03
C GLU I 215 -23.70 -72.67 23.46
N PHE I 216 -23.04 -71.55 23.78
CA PHE I 216 -22.60 -71.32 25.14
C PHE I 216 -23.79 -71.22 26.09
N PHE I 217 -24.82 -70.46 25.70
CA PHE I 217 -26.00 -70.33 26.54
C PHE I 217 -26.73 -71.67 26.68
N GLN I 218 -26.84 -72.42 25.59
CA GLN I 218 -27.54 -73.70 25.65
C GLN I 218 -26.88 -74.63 26.66
N MET I 219 -25.54 -74.70 26.65
CA MET I 219 -24.85 -75.54 27.61
C MET I 219 -25.04 -75.01 29.03
N GLU I 220 -24.83 -73.71 29.23
CA GLU I 220 -24.99 -73.14 30.57
C GLU I 220 -26.42 -73.26 31.05
N SER I 221 -27.40 -73.00 30.16
CA SER I 221 -28.80 -73.11 30.55
C SER I 221 -29.12 -74.51 31.05
N GLN I 222 -28.64 -75.53 30.34
CA GLN I 222 -28.83 -76.90 30.78
C GLN I 222 -27.94 -77.22 31.97
N LYS I 223 -26.79 -76.54 32.10
CA LYS I 223 -25.92 -76.76 33.25
C LYS I 223 -26.60 -76.33 34.54
N PHE I 224 -27.15 -75.12 34.56
CA PHE I 224 -27.72 -74.58 35.79
C PHE I 224 -29.05 -75.25 36.15
N LEU I 225 -29.75 -75.79 35.15
CA LEU I 225 -30.98 -76.53 35.46
C LEU I 225 -30.70 -77.71 36.37
N ALA I 226 -29.49 -78.25 36.34
CA ALA I 226 -29.12 -79.42 37.12
C ALA I 226 -28.39 -79.07 38.41
N GLU I 227 -28.34 -77.80 38.79
CA GLU I 227 -27.61 -77.38 39.99
C GLU I 227 -28.46 -76.66 41.01
N ASN I 228 -29.45 -75.87 40.59
CA ASN I 228 -30.31 -75.16 41.52
C ASN I 228 -31.68 -74.99 40.90
N SER I 229 -32.66 -74.69 41.75
CA SER I 229 -34.07 -74.72 41.36
C SER I 229 -34.46 -73.47 40.57
N ALA I 230 -35.76 -73.29 40.35
CA ALA I 230 -36.24 -72.24 39.46
C ALA I 230 -35.81 -70.85 39.93
N SER I 231 -36.08 -70.52 41.19
CA SER I 231 -35.81 -69.18 41.67
C SER I 231 -34.34 -68.83 41.51
N VAL I 232 -33.45 -69.73 41.92
CA VAL I 232 -32.02 -69.49 41.70
C VAL I 232 -31.72 -69.44 40.21
N TYR I 233 -32.32 -70.35 39.43
CA TYR I 233 -32.20 -70.27 37.98
C TYR I 233 -32.65 -68.90 37.48
N ILE I 234 -33.86 -68.49 37.85
CA ILE I 234 -34.38 -67.20 37.40
C ILE I 234 -33.47 -66.08 37.85
N LYS I 235 -32.86 -66.23 39.03
CA LYS I 235 -31.94 -65.21 39.52
C LYS I 235 -30.74 -65.06 38.60
N LYS I 236 -30.20 -66.18 38.11
CA LYS I 236 -28.96 -66.13 37.35
C LYS I 236 -29.18 -65.62 35.94
N VAL I 237 -30.30 -65.99 35.31
CA VAL I 237 -30.50 -65.62 33.91
C VAL I 237 -30.68 -64.10 33.78
N GLU I 238 -31.30 -63.46 34.78
CA GLU I 238 -31.30 -62.00 34.81
C GLU I 238 -29.88 -61.47 34.80
N ALA I 239 -29.02 -62.03 35.65
CA ALA I 239 -27.64 -61.57 35.73
C ALA I 239 -26.93 -61.76 34.40
N ARG I 240 -27.10 -62.93 33.77
CA ARG I 240 -26.51 -63.14 32.46
C ARG I 240 -27.08 -62.18 31.43
N ILE I 241 -28.40 -61.96 31.46
CA ILE I 241 -29.00 -60.97 30.58
C ILE I 241 -28.37 -59.61 30.85
N ASN I 242 -28.28 -59.22 32.13
CA ASN I 242 -27.64 -57.97 32.48
C ASN I 242 -26.16 -57.99 32.14
N GLU I 243 -25.49 -59.10 32.48
CA GLU I 243 -24.04 -59.19 32.21
C GLU I 243 -23.76 -59.16 30.72
N GLU I 244 -24.54 -59.88 29.92
CA GLU I 244 -24.35 -59.84 28.48
C GLU I 244 -24.60 -58.44 27.94
N ILE I 245 -25.63 -57.76 28.45
CA ILE I 245 -25.88 -56.38 28.04
C ILE I 245 -24.70 -55.49 28.44
N GLU I 246 -24.23 -55.65 29.68
CA GLU I 246 -23.08 -54.86 30.12
C GLU I 246 -21.85 -55.13 29.26
N ARG I 247 -21.65 -56.39 28.87
CA ARG I 247 -20.59 -56.70 27.93
C ARG I 247 -20.78 -55.94 26.63
N VAL I 248 -22.01 -55.90 26.12
CA VAL I 248 -22.28 -55.14 24.89
C VAL I 248 -22.02 -53.66 25.12
N MET I 249 -22.34 -53.15 26.31
CA MET I 249 -22.12 -51.73 26.59
C MET I 249 -20.65 -51.37 26.48
N HIS I 250 -19.78 -52.12 27.16
CA HIS I 250 -18.38 -51.73 27.31
C HIS I 250 -17.41 -52.63 26.58
N CYS I 251 -17.81 -53.84 26.19
CA CYS I 251 -16.89 -54.75 25.54
C CYS I 251 -17.15 -54.81 24.04
N LEU I 252 -18.39 -54.57 23.64
CA LEU I 252 -18.79 -54.57 22.24
C LEU I 252 -19.48 -53.26 21.90
N ASP I 253 -19.91 -53.14 20.65
CA ASP I 253 -20.68 -51.97 20.24
C ASP I 253 -22.06 -52.01 20.86
N LYS I 254 -22.53 -50.84 21.31
CA LYS I 254 -23.81 -50.78 22.01
C LYS I 254 -24.94 -51.35 21.18
N SER I 255 -24.85 -51.26 19.85
CA SER I 255 -25.94 -51.74 18.99
C SER I 255 -26.12 -53.24 19.06
N THR I 256 -25.19 -53.98 19.65
CA THR I 256 -25.31 -55.43 19.74
C THR I 256 -26.38 -55.86 20.73
N GLU I 257 -26.92 -54.94 21.53
CA GLU I 257 -27.75 -55.33 22.67
C GLU I 257 -28.97 -56.15 22.23
N GLU I 258 -29.84 -55.55 21.43
CA GLU I 258 -31.06 -56.25 21.05
C GLU I 258 -30.78 -57.61 20.42
N PRO I 259 -29.82 -57.75 19.50
CA PRO I 259 -29.49 -59.10 19.02
C PRO I 259 -29.15 -60.09 20.12
N ILE I 260 -28.21 -59.75 21.01
CA ILE I 260 -27.76 -60.73 22.00
C ILE I 260 -28.93 -61.13 22.90
N VAL I 261 -29.74 -60.16 23.31
CA VAL I 261 -30.86 -60.45 24.20
C VAL I 261 -31.81 -61.45 23.55
N LYS I 262 -32.16 -61.23 22.28
CA LYS I 262 -33.03 -62.16 21.57
C LYS I 262 -32.44 -63.57 21.60
N VAL I 263 -31.12 -63.69 21.44
CA VAL I 263 -30.47 -64.98 21.59
C VAL I 263 -30.54 -65.43 23.05
N VAL I 264 -30.21 -64.53 23.97
CA VAL I 264 -30.21 -64.88 25.39
C VAL I 264 -31.59 -65.36 25.80
N GLU I 265 -32.62 -64.57 25.47
CA GLU I 265 -33.98 -64.95 25.85
C GLU I 265 -34.37 -66.27 25.19
N ARG I 266 -34.04 -66.44 23.91
CA ARG I 266 -34.41 -67.66 23.21
C ARG I 266 -33.79 -68.88 23.89
N GLU I 267 -32.48 -68.86 24.12
CA GLU I 267 -31.82 -70.01 24.71
C GLU I 267 -32.17 -70.16 26.19
N LEU I 268 -32.10 -69.07 26.94
CA LEU I 268 -32.25 -69.17 28.39
C LEU I 268 -33.71 -69.24 28.83
N ILE I 269 -34.64 -68.72 28.03
CA ILE I 269 -36.04 -68.61 28.42
C ILE I 269 -36.93 -69.44 27.50
N SER I 270 -36.95 -69.13 26.20
CA SER I 270 -37.94 -69.73 25.31
C SER I 270 -37.77 -71.24 25.21
N LYS I 271 -36.56 -71.74 25.42
CA LYS I 271 -36.29 -73.16 25.22
C LYS I 271 -36.33 -73.98 26.51
N HIS I 272 -36.72 -73.37 27.64
CA HIS I 272 -36.86 -74.13 28.88
C HIS I 272 -38.08 -73.69 29.69
N MET I 273 -39.05 -73.03 29.06
CA MET I 273 -40.16 -72.45 29.80
C MET I 273 -40.89 -73.50 30.61
N LYS I 274 -41.31 -74.59 29.96
CA LYS I 274 -42.05 -75.63 30.64
C LYS I 274 -41.26 -76.19 31.83
N THR I 275 -39.94 -76.34 31.65
CA THR I 275 -39.13 -76.86 32.74
C THR I 275 -39.18 -75.92 33.94
N ILE I 276 -39.05 -74.62 33.71
CA ILE I 276 -39.17 -73.66 34.80
C ILE I 276 -40.54 -73.74 35.43
N VAL I 277 -41.58 -73.83 34.60
CA VAL I 277 -42.94 -73.96 35.09
C VAL I 277 -43.11 -75.23 35.92
N GLU I 278 -42.30 -76.25 35.67
CA GLU I 278 -42.51 -77.57 36.27
C GLU I 278 -41.22 -78.13 36.85
N MET I 279 -40.37 -77.29 37.44
CA MET I 279 -39.09 -77.76 37.94
C MET I 279 -39.28 -78.85 38.99
N GLU I 280 -38.27 -79.71 39.10
CA GLU I 280 -38.28 -80.79 40.07
C GLU I 280 -38.73 -80.28 41.43
N ASN I 281 -39.80 -80.89 41.97
CA ASN I 281 -40.36 -80.51 43.27
C ASN I 281 -40.50 -79.00 43.39
N SER I 282 -40.62 -78.32 42.27
CA SER I 282 -40.51 -76.87 42.21
C SER I 282 -41.23 -76.39 40.95
N GLY I 283 -40.97 -75.15 40.57
CA GLY I 283 -41.57 -74.57 39.38
C GLY I 283 -42.84 -73.81 39.69
N LEU I 284 -43.42 -73.26 38.62
CA LEU I 284 -44.62 -72.44 38.75
C LEU I 284 -45.72 -73.19 39.50
N VAL I 285 -45.86 -74.49 39.24
CA VAL I 285 -46.87 -75.27 39.94
C VAL I 285 -46.60 -75.25 41.44
N HIS I 286 -45.34 -75.47 41.81
CA HIS I 286 -44.97 -75.48 43.23
C HIS I 286 -45.15 -74.09 43.85
N MET I 287 -44.61 -73.05 43.19
CA MET I 287 -44.71 -71.71 43.76
C MET I 287 -46.15 -71.26 43.87
N LEU I 288 -46.98 -71.54 42.86
CA LEU I 288 -48.37 -71.12 42.91
C LEU I 288 -49.09 -71.75 44.09
N LYS I 289 -48.89 -73.05 44.31
CA LYS I 289 -49.43 -73.68 45.51
C LYS I 289 -48.78 -73.12 46.76
N ASN I 290 -47.46 -72.92 46.73
CA ASN I 290 -46.75 -72.32 47.85
C ASN I 290 -47.11 -70.85 48.07
N GLY I 291 -47.65 -70.19 47.06
CA GLY I 291 -47.99 -68.78 47.18
C GLY I 291 -46.81 -67.88 47.42
N LYS I 292 -45.69 -68.12 46.72
CA LYS I 292 -44.51 -67.27 46.84
C LYS I 292 -44.63 -66.15 45.81
N THR I 293 -45.33 -65.09 46.21
CA THR I 293 -45.64 -64.01 45.27
C THR I 293 -44.38 -63.33 44.76
N GLU I 294 -43.41 -63.08 45.63
CA GLU I 294 -42.18 -62.41 45.19
C GLU I 294 -41.47 -63.21 44.11
N ASP I 295 -41.36 -64.53 44.31
CA ASP I 295 -40.79 -65.38 43.27
C ASP I 295 -41.66 -65.38 42.03
N LEU I 296 -42.98 -65.43 42.21
CA LEU I 296 -43.89 -65.41 41.06
C LEU I 296 -43.74 -64.12 40.27
N GLY I 297 -43.40 -63.02 40.94
CA GLY I 297 -43.17 -61.77 40.23
C GLY I 297 -41.96 -61.83 39.33
N CYS I 298 -40.86 -62.40 39.82
CA CYS I 298 -39.63 -62.44 39.03
C CYS I 298 -39.81 -63.26 37.76
N MET I 299 -40.43 -64.43 37.87
CA MET I 299 -40.64 -65.27 36.69
C MET I 299 -41.53 -64.56 35.68
N TYR I 300 -42.57 -63.87 36.15
CA TYR I 300 -43.42 -63.11 35.25
C TYR I 300 -42.61 -62.09 34.47
N LYS I 301 -41.72 -61.38 35.15
CA LYS I 301 -40.87 -60.40 34.47
C LYS I 301 -40.00 -61.07 33.42
N LEU I 302 -39.43 -62.22 33.76
CA LEU I 302 -38.62 -62.95 32.79
C LEU I 302 -39.46 -63.44 31.61
N PHE I 303 -40.57 -64.13 31.91
CA PHE I 303 -41.38 -64.71 30.84
C PHE I 303 -42.00 -63.64 29.95
N SER I 304 -42.21 -62.44 30.47
CA SER I 304 -42.83 -61.38 29.68
C SER I 304 -41.97 -60.99 28.48
N ARG I 305 -40.70 -61.38 28.46
CA ARG I 305 -39.77 -60.91 27.44
C ARG I 305 -40.00 -61.56 26.08
N VAL I 306 -40.68 -62.70 26.02
CA VAL I 306 -40.78 -63.46 24.77
C VAL I 306 -42.22 -63.50 24.28
N PRO I 307 -42.45 -63.65 22.98
CA PRO I 307 -43.83 -63.79 22.48
C PRO I 307 -44.50 -65.02 23.09
N ASN I 308 -45.78 -64.87 23.44
CA ASN I 308 -46.53 -65.91 24.12
C ASN I 308 -45.82 -66.42 25.36
N GLY I 309 -44.88 -65.64 25.89
CA GLY I 309 -44.22 -66.02 27.13
C GLY I 309 -45.21 -66.03 28.29
N LEU I 310 -46.10 -65.03 28.32
CA LEU I 310 -47.14 -65.02 29.33
C LEU I 310 -48.21 -66.07 29.03
N LYS I 311 -48.42 -66.39 27.75
CA LYS I 311 -49.40 -67.39 27.39
C LYS I 311 -49.04 -68.75 27.99
N THR I 312 -47.75 -69.10 27.99
CA THR I 312 -47.34 -70.39 28.53
C THR I 312 -47.68 -70.52 30.00
N MET I 313 -47.44 -69.48 30.81
CA MET I 313 -47.82 -69.56 32.21
C MET I 313 -49.32 -69.69 32.36
N CYS I 314 -50.09 -68.99 31.51
CA CYS I 314 -51.55 -69.08 31.60
C CYS I 314 -52.02 -70.51 31.54
N GLU I 315 -51.34 -71.37 30.77
CA GLU I 315 -51.71 -72.77 30.73
C GLU I 315 -51.55 -73.42 32.10
N CYS I 316 -50.43 -73.12 32.77
CA CYS I 316 -50.21 -73.68 34.11
C CYS I 316 -51.23 -73.13 35.10
N MET I 317 -51.39 -71.81 35.15
CA MET I 317 -52.39 -71.22 36.02
C MET I 317 -53.79 -71.70 35.64
N SER I 318 -54.04 -71.89 34.35
CA SER I 318 -55.27 -72.54 33.91
C SER I 318 -55.34 -73.98 34.43
N SER I 319 -54.28 -74.75 34.20
CA SER I 319 -54.26 -76.13 34.67
C SER I 319 -54.33 -76.19 36.19
N TYR I 320 -53.55 -75.34 36.87
CA TYR I 320 -53.65 -75.26 38.32
C TYR I 320 -55.04 -74.83 38.75
N LEU I 321 -55.67 -73.96 37.96
CA LEU I 321 -57.05 -73.58 38.24
C LEU I 321 -57.99 -74.77 38.07
N ARG I 322 -57.76 -75.59 37.03
CA ARG I 322 -58.61 -76.75 36.82
C ARG I 322 -58.47 -77.74 37.97
N GLU I 323 -57.24 -77.95 38.45
CA GLU I 323 -57.03 -78.88 39.55
C GLU I 323 -57.75 -78.43 40.81
N GLN I 324 -57.63 -77.15 41.15
CA GLN I 324 -58.30 -76.64 42.36
C GLN I 324 -59.81 -76.70 42.21
N GLY I 325 -60.33 -76.28 41.05
CA GLY I 325 -61.77 -76.22 40.88
C GLY I 325 -62.44 -77.58 40.94
N LYS I 326 -61.88 -78.55 40.23
CA LYS I 326 -62.51 -79.87 40.18
C LYS I 326 -62.44 -80.57 41.52
N ALA I 327 -61.43 -80.27 42.33
CA ALA I 327 -61.37 -80.83 43.68
C ALA I 327 -62.44 -80.25 44.59
N LEU I 328 -62.77 -78.97 44.40
CA LEU I 328 -63.77 -78.33 45.26
C LEU I 328 -65.19 -78.67 44.82
N VAL I 329 -65.50 -78.44 43.54
CA VAL I 329 -66.86 -78.63 43.05
C VAL I 329 -67.31 -80.08 43.16
N SER I 330 -66.38 -81.03 43.21
CA SER I 330 -66.72 -82.44 43.30
C SER I 330 -67.09 -82.76 44.74
N GLU I 331 -68.40 -82.80 45.01
CA GLU I 331 -68.89 -83.11 46.35
C GLU I 331 -68.64 -84.58 46.67
N GLU I 332 -68.17 -84.83 47.89
CA GLU I 332 -67.85 -86.18 48.34
C GLU I 332 -68.21 -86.33 49.81
N GLY I 333 -68.49 -87.58 50.20
CA GLY I 333 -68.76 -87.88 51.60
C GLY I 333 -69.93 -87.08 52.13
N GLU I 334 -69.74 -86.52 53.32
CA GLU I 334 -70.77 -85.76 54.01
C GLU I 334 -70.76 -84.28 53.65
N GLY I 335 -70.02 -83.89 52.61
CA GLY I 335 -69.88 -82.50 52.23
C GLY I 335 -68.46 -82.00 52.48
N LYS I 336 -68.28 -80.72 52.19
CA LYS I 336 -66.99 -80.06 52.33
C LYS I 336 -67.17 -78.72 53.04
N ASN I 337 -66.10 -78.28 53.70
CA ASN I 337 -66.18 -77.10 54.53
C ASN I 337 -66.56 -75.87 53.70
N PRO I 338 -67.35 -74.95 54.25
CA PRO I 338 -67.70 -73.75 53.47
C PRO I 338 -66.50 -72.97 53.00
N VAL I 339 -65.48 -72.82 53.85
CA VAL I 339 -64.27 -72.11 53.45
C VAL I 339 -63.59 -72.83 52.30
N ASP I 340 -63.87 -74.12 52.14
CA ASP I 340 -63.28 -74.89 51.04
C ASP I 340 -64.16 -74.85 49.80
N TYR I 341 -65.42 -75.26 49.92
CA TYR I 341 -66.28 -75.47 48.77
C TYR I 341 -67.46 -74.52 48.72
N ILE I 342 -68.27 -74.43 49.78
CA ILE I 342 -69.55 -73.73 49.67
C ILE I 342 -69.33 -72.27 49.32
N GLN I 343 -68.40 -71.59 49.99
CA GLN I 343 -67.98 -70.25 49.61
C GLN I 343 -66.51 -70.18 49.23
N GLY I 344 -65.73 -71.22 49.49
CA GLY I 344 -64.35 -71.28 49.03
C GLY I 344 -64.23 -71.35 47.53
N LEU I 345 -65.15 -72.04 46.86
CA LEU I 345 -65.11 -72.12 45.39
C LEU I 345 -65.13 -70.72 44.78
N LEU I 346 -66.00 -69.85 45.28
CA LEU I 346 -65.96 -68.46 44.85
C LEU I 346 -64.65 -67.81 45.26
N ASP I 347 -64.16 -68.13 46.46
CA ASP I 347 -62.88 -67.59 46.92
C ASP I 347 -61.71 -68.06 46.06
N LEU I 348 -61.87 -69.15 45.32
CA LEU I 348 -60.78 -69.64 44.48
C LEU I 348 -60.39 -68.60 43.44
N LYS I 349 -61.37 -67.96 42.82
CA LYS I 349 -61.06 -66.89 41.87
C LYS I 349 -60.32 -65.76 42.57
N SER I 350 -60.77 -65.38 43.76
CA SER I 350 -60.06 -64.35 44.52
C SER I 350 -58.65 -64.80 44.86
N ARG I 351 -58.48 -66.05 45.27
CA ARG I 351 -57.14 -66.58 45.52
C ARG I 351 -56.29 -66.53 44.26
N PHE I 352 -56.87 -66.92 43.13
CA PHE I 352 -56.16 -66.79 41.85
C PHE I 352 -56.01 -65.33 41.45
N ASP I 353 -57.01 -64.50 41.77
CA ASP I 353 -56.87 -63.07 41.52
C ASP I 353 -55.79 -62.46 42.38
N ARG I 354 -55.59 -62.98 43.60
CA ARG I 354 -54.47 -62.52 44.43
C ARG I 354 -53.14 -62.80 43.74
N PHE I 355 -52.99 -63.99 43.16
CA PHE I 355 -51.80 -64.27 42.36
C PHE I 355 -51.73 -63.35 41.16
N LEU I 356 -52.88 -63.06 40.54
CA LEU I 356 -52.92 -62.12 39.43
C LEU I 356 -52.43 -60.74 39.86
N LEU I 357 -52.87 -60.29 41.04
CA LEU I 357 -52.53 -58.95 41.50
C LEU I 357 -51.09 -58.88 42.00
N GLU I 358 -50.77 -59.66 43.02
CA GLU I 358 -49.50 -59.50 43.74
C GLU I 358 -48.29 -59.97 42.94
N SER I 359 -48.48 -60.76 41.90
CA SER I 359 -47.35 -61.30 41.15
C SER I 359 -47.43 -61.07 39.65
N PHE I 360 -48.63 -61.13 39.08
CA PHE I 360 -48.80 -61.14 37.62
C PHE I 360 -49.36 -59.83 37.10
N ASN I 361 -49.06 -58.73 37.80
CA ASN I 361 -49.29 -57.37 37.31
C ASN I 361 -50.67 -57.18 36.70
N ASN I 362 -51.67 -57.92 37.18
CA ASN I 362 -53.05 -57.74 36.73
C ASN I 362 -53.15 -57.74 35.21
N ASP I 363 -52.41 -58.65 34.58
CA ASP I 363 -52.39 -58.71 33.12
C ASP I 363 -53.76 -59.06 32.57
N ARG I 364 -54.13 -58.41 31.47
CA ARG I 364 -55.38 -58.76 30.78
C ARG I 364 -55.40 -60.24 30.44
N LEU I 365 -54.31 -60.74 29.87
CA LEU I 365 -54.29 -62.13 29.41
C LEU I 365 -54.66 -63.08 30.54
N PHE I 366 -54.03 -62.92 31.70
CA PHE I 366 -54.30 -63.82 32.82
C PHE I 366 -55.70 -63.62 33.36
N LYS I 367 -56.11 -62.36 33.57
CA LYS I 367 -57.43 -62.11 34.15
C LYS I 367 -58.54 -62.25 33.13
N GLN I 368 -58.22 -62.48 31.85
CA GLN I 368 -59.23 -62.71 30.83
C GLN I 368 -59.28 -64.18 30.39
N THR I 369 -58.16 -64.89 30.46
CA THR I 369 -58.13 -66.27 29.97
C THR I 369 -58.60 -67.25 31.02
N ILE I 370 -58.07 -67.16 32.25
CA ILE I 370 -58.35 -68.17 33.27
C ILE I 370 -59.82 -68.18 33.68
N ALA I 371 -60.55 -67.09 33.43
CA ALA I 371 -61.96 -67.05 33.83
C ALA I 371 -62.76 -68.17 33.17
N GLY I 372 -62.33 -68.63 31.99
CA GLY I 372 -63.06 -69.69 31.32
C GLY I 372 -63.08 -70.98 32.13
N ASP I 373 -61.91 -71.38 32.64
CA ASP I 373 -61.86 -72.59 33.45
C ASP I 373 -62.68 -72.44 34.72
N PHE I 374 -62.59 -71.28 35.38
CA PHE I 374 -63.34 -71.09 36.61
C PHE I 374 -64.84 -71.23 36.37
N GLU I 375 -65.34 -70.58 35.32
CA GLU I 375 -66.73 -70.78 34.93
C GLU I 375 -66.96 -72.22 34.48
N TYR I 376 -65.97 -72.81 33.81
CA TYR I 376 -66.15 -74.15 33.25
C TYR I 376 -66.44 -75.18 34.33
N PHE I 377 -65.74 -75.10 35.47
CA PHE I 377 -66.00 -76.03 36.56
C PHE I 377 -66.92 -75.46 37.62
N LEU I 378 -67.03 -74.13 37.74
CA LEU I 378 -67.98 -73.57 38.70
C LEU I 378 -69.41 -73.87 38.29
N ASN I 379 -69.65 -74.18 37.01
CA ASN I 379 -70.97 -74.58 36.56
C ASN I 379 -71.34 -75.97 37.06
N LEU I 380 -70.41 -76.70 37.68
CA LEU I 380 -70.65 -78.05 38.17
C LEU I 380 -71.29 -78.07 39.55
N ASN I 381 -71.54 -76.91 40.16
CA ASN I 381 -72.15 -76.84 41.47
C ASN I 381 -73.41 -77.70 41.55
N THR J 24 10.57 5.27 -43.80
CA THR J 24 10.77 3.83 -43.46
C THR J 24 11.68 3.67 -42.24
N MET J 25 12.05 2.43 -41.95
CA MET J 25 12.91 2.13 -40.80
C MET J 25 14.37 2.26 -41.23
N ASP J 26 14.86 3.49 -41.22
CA ASP J 26 16.25 3.79 -41.51
C ASP J 26 17.11 3.82 -40.26
N GLU J 27 16.55 3.46 -39.10
CA GLU J 27 17.27 3.57 -37.84
C GLU J 27 18.45 2.61 -37.78
N LYS J 28 19.49 3.05 -37.09
CA LYS J 28 20.65 2.21 -36.79
C LYS J 28 20.50 1.46 -35.48
N TYR J 29 19.38 1.63 -34.78
CA TYR J 29 19.20 0.95 -33.51
C TYR J 29 19.22 -0.56 -33.68
N VAL J 30 18.96 -1.05 -34.89
CA VAL J 30 19.02 -2.47 -35.19
C VAL J 30 20.44 -2.95 -34.93
N ASN J 31 21.42 -2.19 -35.42
CA ASN J 31 22.82 -2.56 -35.17
C ASN J 31 23.16 -2.51 -33.69
N SER J 32 22.60 -1.55 -32.95
CA SER J 32 22.82 -1.50 -31.51
C SER J 32 22.34 -2.78 -30.84
N ILE J 33 21.12 -3.22 -31.19
CA ILE J 33 20.63 -4.50 -30.65
C ILE J 33 21.48 -5.64 -31.16
N TRP J 34 22.05 -5.50 -32.36
CA TRP J 34 23.02 -6.48 -32.82
C TRP J 34 24.15 -6.61 -31.82
N ASP J 35 24.77 -5.48 -31.47
CA ASP J 35 25.95 -5.48 -30.63
C ASP J 35 25.69 -6.17 -29.30
N LEU J 36 24.79 -5.59 -28.50
CA LEU J 36 24.53 -6.14 -27.18
C LEU J 36 24.23 -7.63 -27.25
N LEU J 37 23.47 -8.04 -28.27
CA LEU J 37 23.25 -9.46 -28.49
C LEU J 37 24.56 -10.16 -28.85
N LYS J 38 25.41 -9.50 -29.65
CA LYS J 38 26.64 -10.14 -30.10
C LYS J 38 27.65 -10.28 -28.96
N ASN J 39 27.79 -9.25 -28.11
CA ASN J 39 28.76 -9.35 -27.03
C ASN J 39 28.40 -10.48 -26.08
N ALA J 40 27.10 -10.66 -25.81
CA ALA J 40 26.68 -11.76 -24.95
C ALA J 40 27.11 -13.10 -25.55
N ILE J 41 26.91 -13.28 -26.85
CA ILE J 41 27.29 -14.53 -27.50
C ILE J 41 28.80 -14.74 -27.37
N GLN J 42 29.59 -13.69 -27.62
CA GLN J 42 31.03 -13.81 -27.44
C GLN J 42 31.36 -14.13 -25.99
N GLU J 43 30.70 -13.44 -25.05
CA GLU J 43 30.91 -13.74 -23.64
C GLU J 43 30.44 -15.15 -23.30
N ILE J 44 29.33 -15.58 -23.88
CA ILE J 44 28.87 -16.95 -23.67
C ILE J 44 29.96 -17.92 -24.10
N GLN J 45 30.54 -17.70 -25.27
CA GLN J 45 31.54 -18.62 -25.81
C GLN J 45 32.89 -18.44 -25.13
N ARG J 46 33.06 -17.39 -24.34
CA ARG J 46 34.29 -17.14 -23.59
C ARG J 46 34.24 -17.71 -22.18
N LYS J 47 33.16 -18.40 -21.81
CA LYS J 47 33.07 -19.14 -20.55
C LYS J 47 33.27 -18.23 -19.34
N ASN J 48 32.72 -17.02 -19.41
CA ASN J 48 32.57 -16.13 -18.24
C ASN J 48 31.12 -15.65 -18.27
N ASN J 49 30.23 -16.44 -17.68
CA ASN J 49 28.80 -16.23 -17.81
C ASN J 49 28.23 -15.28 -16.76
N SER J 50 29.06 -14.72 -15.89
CA SER J 50 28.56 -13.84 -14.84
C SER J 50 27.92 -12.57 -15.41
N GLY J 51 28.29 -12.16 -16.62
CA GLY J 51 27.74 -10.96 -17.22
C GLY J 51 26.39 -11.13 -17.89
N LEU J 52 25.94 -12.37 -18.06
CA LEU J 52 24.67 -12.63 -18.73
C LEU J 52 23.49 -12.39 -17.78
N SER J 53 22.41 -11.90 -18.36
CA SER J 53 21.17 -11.68 -17.60
C SER J 53 20.01 -12.08 -18.51
N PHE J 54 19.41 -13.23 -18.22
CA PHE J 54 18.50 -13.85 -19.19
C PHE J 54 17.39 -12.90 -19.61
N GLU J 55 16.95 -12.03 -18.71
CA GLU J 55 15.88 -11.10 -19.06
C GLU J 55 16.29 -10.21 -20.22
N GLU J 56 17.45 -9.58 -20.10
CA GLU J 56 17.91 -8.67 -21.15
C GLU J 56 18.15 -9.41 -22.46
N LEU J 57 18.77 -10.58 -22.39
CA LEU J 57 19.20 -11.26 -23.60
C LEU J 57 18.01 -11.75 -24.42
N TYR J 58 17.00 -12.32 -23.77
CA TYR J 58 15.80 -12.72 -24.50
C TYR J 58 15.04 -11.50 -25.01
N ARG J 59 15.02 -10.43 -24.23
CA ARG J 59 14.27 -9.24 -24.63
C ARG J 59 14.81 -8.67 -25.94
N ASN J 60 16.13 -8.60 -26.08
CA ASN J 60 16.71 -8.16 -27.34
C ASN J 60 16.23 -9.02 -28.49
N ALA J 61 16.33 -10.34 -28.33
CA ALA J 61 15.81 -11.25 -29.35
C ALA J 61 14.33 -11.04 -29.58
N TYR J 62 13.59 -10.70 -28.52
CA TYR J 62 12.15 -10.49 -28.65
C TYR J 62 11.85 -9.33 -29.59
N THR J 63 12.48 -8.18 -29.36
CA THR J 63 12.15 -7.00 -30.13
C THR J 63 12.49 -7.16 -31.61
N MET J 64 13.66 -7.75 -31.91
CA MET J 64 14.12 -7.80 -33.30
C MET J 64 13.10 -8.52 -34.18
N VAL J 65 12.68 -9.72 -33.78
CA VAL J 65 11.78 -10.50 -34.62
C VAL J 65 10.42 -9.81 -34.73
N LEU J 66 10.08 -8.93 -33.78
CA LEU J 66 8.80 -8.24 -33.84
C LEU J 66 8.72 -7.37 -35.10
N HIS J 67 9.84 -6.76 -35.47
CA HIS J 67 9.95 -5.99 -36.71
C HIS J 67 10.55 -6.81 -37.85
N LYS J 68 10.38 -8.14 -37.79
CA LYS J 68 10.80 -9.06 -38.85
C LYS J 68 12.20 -8.72 -39.38
N HIS J 69 13.17 -8.87 -38.48
CA HIS J 69 14.58 -8.80 -38.84
C HIS J 69 15.35 -10.07 -38.46
N GLY J 70 14.65 -11.19 -38.36
CA GLY J 70 15.32 -12.44 -38.02
C GLY J 70 16.31 -12.88 -39.06
N GLU J 71 15.98 -12.67 -40.35
CA GLU J 71 16.83 -13.16 -41.42
C GLU J 71 18.26 -12.65 -41.27
N LYS J 72 18.42 -11.45 -40.71
CA LYS J 72 19.76 -10.95 -40.47
C LYS J 72 20.33 -11.46 -39.14
N LEU J 73 19.48 -11.57 -38.12
CA LEU J 73 19.93 -12.18 -36.86
C LEU J 73 20.39 -13.61 -37.08
N TYR J 74 19.59 -14.41 -37.78
CA TYR J 74 19.99 -15.78 -38.05
C TYR J 74 21.31 -15.81 -38.82
N THR J 75 21.49 -14.89 -39.77
CA THR J 75 22.78 -14.79 -40.44
C THR J 75 23.87 -14.38 -39.47
N GLY J 76 23.63 -13.34 -38.68
CA GLY J 76 24.59 -12.95 -37.66
C GLY J 76 24.86 -14.09 -36.69
N LEU J 77 23.81 -14.83 -36.33
CA LEU J 77 23.99 -16.04 -35.53
C LEU J 77 24.99 -16.97 -36.20
N ARG J 78 24.78 -17.26 -37.48
CA ARG J 78 25.69 -18.15 -38.19
C ARG J 78 27.10 -17.60 -38.18
N GLU J 79 27.24 -16.30 -38.43
CA GLU J 79 28.57 -15.70 -38.49
C GLU J 79 29.28 -15.81 -37.14
N VAL J 80 28.61 -15.39 -36.07
CA VAL J 80 29.30 -15.27 -34.78
C VAL J 80 29.71 -16.64 -34.26
N VAL J 81 28.81 -17.63 -34.35
CA VAL J 81 29.18 -18.97 -33.89
C VAL J 81 30.28 -19.55 -34.76
N THR J 82 30.22 -19.33 -36.08
CA THR J 82 31.29 -19.77 -36.95
C THR J 82 32.62 -19.15 -36.53
N GLU J 83 32.62 -17.85 -36.24
CA GLU J 83 33.84 -17.18 -35.82
C GLU J 83 34.46 -17.91 -34.63
N HIS J 84 33.64 -18.23 -33.63
CA HIS J 84 34.17 -18.88 -32.44
C HIS J 84 34.76 -20.24 -32.79
N LEU J 85 34.07 -21.02 -33.62
CA LEU J 85 34.48 -22.39 -33.87
C LEU J 85 35.75 -22.45 -34.71
N ILE J 86 35.79 -21.69 -35.80
CA ILE J 86 36.94 -21.77 -36.71
C ILE J 86 38.17 -21.14 -36.08
N ASN J 87 38.02 -19.93 -35.53
CA ASN J 87 39.19 -19.16 -35.15
C ASN J 87 39.80 -19.59 -33.82
N LYS J 88 39.06 -20.27 -32.96
CA LYS J 88 39.65 -20.72 -31.71
C LYS J 88 39.42 -22.21 -31.43
N VAL J 89 38.29 -22.78 -31.86
CA VAL J 89 38.06 -24.20 -31.60
C VAL J 89 38.90 -25.07 -32.52
N ARG J 90 38.95 -24.74 -33.82
CA ARG J 90 39.79 -25.51 -34.73
C ARG J 90 41.26 -25.41 -34.30
N GLU J 91 41.68 -24.19 -33.93
CA GLU J 91 43.10 -23.96 -33.65
C GLU J 91 43.61 -24.89 -32.56
N ASP J 92 43.06 -24.77 -31.34
CA ASP J 92 43.54 -25.62 -30.26
C ASP J 92 43.38 -27.09 -30.62
N VAL J 93 42.26 -27.42 -31.25
CA VAL J 93 42.03 -28.80 -31.70
C VAL J 93 43.20 -29.25 -32.57
N LEU J 94 43.65 -28.39 -33.48
CA LEU J 94 44.87 -28.69 -34.22
C LEU J 94 46.08 -28.77 -33.29
N ASN J 95 46.16 -27.85 -32.32
CA ASN J 95 47.29 -27.84 -31.40
C ASN J 95 47.41 -29.13 -30.61
N SER J 96 46.32 -29.85 -30.43
CA SER J 96 46.29 -31.07 -29.63
C SER J 96 46.55 -32.33 -30.45
N LEU J 97 47.00 -32.19 -31.70
CA LEU J 97 47.13 -33.34 -32.59
C LEU J 97 48.04 -34.42 -32.01
N ASN J 98 49.04 -34.03 -31.21
CA ASN J 98 50.05 -34.97 -30.74
C ASN J 98 50.04 -35.12 -29.24
N ASN J 99 49.08 -34.50 -28.55
CA ASN J 99 49.04 -34.56 -27.09
C ASN J 99 47.59 -34.35 -26.64
N ASN J 100 46.99 -35.41 -26.11
CA ASN J 100 45.63 -35.35 -25.58
C ASN J 100 44.65 -34.90 -26.65
N PHE J 101 44.79 -35.48 -27.85
CA PHE J 101 43.93 -35.08 -28.96
C PHE J 101 42.46 -35.36 -28.65
N LEU J 102 42.16 -36.60 -28.27
CA LEU J 102 40.77 -36.96 -28.00
C LEU J 102 40.22 -36.20 -26.80
N GLN J 103 41.04 -36.03 -25.75
CA GLN J 103 40.58 -35.34 -24.56
C GLN J 103 40.12 -33.93 -24.90
N THR J 104 40.93 -33.20 -25.68
CA THR J 104 40.55 -31.85 -26.07
C THR J 104 39.25 -31.84 -26.85
N LEU J 105 39.14 -32.70 -27.87
CA LEU J 105 37.97 -32.70 -28.73
C LEU J 105 36.69 -32.91 -27.92
N ASN J 106 36.66 -33.97 -27.11
CA ASN J 106 35.50 -34.22 -26.26
C ASN J 106 35.34 -33.10 -25.25
N GLN J 107 36.44 -32.65 -24.67
CA GLN J 107 36.41 -31.49 -23.78
C GLN J 107 35.69 -30.33 -24.48
N ALA J 108 36.22 -29.90 -25.62
CA ALA J 108 35.63 -28.79 -26.36
C ALA J 108 34.20 -29.11 -26.76
N TRP J 109 33.98 -30.32 -27.29
CA TRP J 109 32.64 -30.72 -27.72
C TRP J 109 31.66 -30.53 -26.57
N ASN J 110 32.00 -31.03 -25.39
CA ASN J 110 31.16 -30.82 -24.22
C ASN J 110 30.99 -29.34 -23.93
N ASP J 111 32.09 -28.57 -24.02
CA ASP J 111 31.97 -27.12 -23.87
C ASP J 111 31.12 -26.51 -24.97
N HIS J 112 31.31 -26.96 -26.21
CA HIS J 112 30.54 -26.39 -27.31
C HIS J 112 29.05 -26.65 -27.12
N GLN J 113 28.68 -27.89 -26.79
CA GLN J 113 27.28 -28.19 -26.52
C GLN J 113 26.75 -27.33 -25.40
N THR J 114 27.62 -26.93 -24.46
CA THR J 114 27.20 -26.04 -23.39
C THR J 114 26.73 -24.69 -23.95
N ALA J 115 27.65 -23.92 -24.53
CA ALA J 115 27.34 -22.56 -24.93
C ALA J 115 26.10 -22.51 -25.81
N MET J 116 25.93 -23.52 -26.66
CA MET J 116 24.74 -23.57 -27.52
C MET J 116 23.46 -23.52 -26.70
N VAL J 117 23.45 -24.15 -25.52
CA VAL J 117 22.23 -24.21 -24.72
C VAL J 117 21.71 -22.82 -24.42
N MET J 118 22.60 -21.93 -23.94
CA MET J 118 22.21 -20.52 -23.84
C MET J 118 21.76 -19.98 -25.18
N ILE J 119 22.54 -20.22 -26.25
CA ILE J 119 22.16 -19.69 -27.55
C ILE J 119 20.75 -20.15 -27.92
N ARG J 120 20.46 -21.44 -27.72
CA ARG J 120 19.10 -21.92 -27.96
C ARG J 120 18.11 -21.26 -27.00
N ASP J 121 18.47 -21.18 -25.72
CA ASP J 121 17.54 -20.68 -24.71
C ASP J 121 17.35 -19.18 -24.81
N ILE J 122 18.40 -18.46 -25.18
CA ILE J 122 18.27 -17.01 -25.33
C ILE J 122 17.35 -16.69 -26.48
N LEU J 123 17.43 -17.45 -27.57
CA LEU J 123 16.76 -17.13 -28.83
C LEU J 123 15.49 -17.94 -29.05
N MET J 124 14.82 -18.37 -27.98
CA MET J 124 13.64 -19.22 -28.14
C MET J 124 12.62 -18.60 -29.08
N TYR J 125 12.40 -17.29 -28.97
CA TYR J 125 11.37 -16.65 -29.79
C TYR J 125 11.67 -16.83 -31.27
N MET J 126 12.88 -16.47 -31.70
CA MET J 126 13.24 -16.68 -33.11
C MET J 126 13.24 -18.16 -33.46
N ASP J 127 13.40 -19.03 -32.46
CA ASP J 127 13.34 -20.46 -32.70
C ASP J 127 11.94 -20.92 -33.11
N ARG J 128 10.94 -20.04 -33.06
CA ARG J 128 9.58 -20.37 -33.46
C ARG J 128 9.08 -19.49 -34.59
N VAL J 129 9.25 -18.17 -34.47
CA VAL J 129 8.56 -17.24 -35.37
C VAL J 129 9.39 -16.98 -36.62
N TYR J 130 10.68 -17.32 -36.61
CA TYR J 130 11.44 -17.32 -37.86
C TYR J 130 11.43 -18.70 -38.50
N VAL J 131 11.80 -19.71 -37.73
CA VAL J 131 12.09 -21.02 -38.32
C VAL J 131 10.87 -21.55 -39.07
N GLN J 132 9.68 -21.36 -38.49
CA GLN J 132 8.48 -21.93 -39.08
C GLN J 132 8.00 -21.12 -40.29
N GLN J 133 8.26 -19.81 -40.30
CA GLN J 133 7.79 -18.97 -41.40
C GLN J 133 8.73 -19.04 -42.61
N ASN J 134 9.93 -19.58 -42.44
CA ASN J 134 10.89 -19.68 -43.54
C ASN J 134 11.57 -21.04 -43.60
N ASN J 135 11.12 -22.01 -42.80
CA ASN J 135 11.57 -23.40 -42.86
C ASN J 135 13.02 -23.57 -42.44
N VAL J 136 13.73 -22.48 -42.13
CA VAL J 136 15.18 -22.54 -41.93
C VAL J 136 15.50 -23.52 -40.80
N GLU J 137 16.73 -24.03 -40.81
CA GLU J 137 17.15 -24.94 -39.76
C GLU J 137 17.07 -24.22 -38.41
N ASN J 138 16.55 -24.91 -37.41
CA ASN J 138 16.38 -24.24 -36.13
C ASN J 138 17.74 -23.97 -35.49
N VAL J 139 17.71 -23.26 -34.37
CA VAL J 139 18.95 -22.79 -33.75
C VAL J 139 19.84 -23.96 -33.39
N TYR J 140 19.25 -25.08 -32.96
CA TYR J 140 20.06 -26.24 -32.62
C TYR J 140 20.66 -26.89 -33.85
N ASN J 141 19.91 -26.99 -34.95
CA ASN J 141 20.48 -27.53 -36.17
C ASN J 141 21.65 -26.69 -36.65
N LEU J 142 21.48 -25.37 -36.66
CA LEU J 142 22.52 -24.50 -37.18
C LEU J 142 23.79 -24.61 -36.35
N GLY J 143 23.64 -24.66 -35.02
CA GLY J 143 24.82 -24.75 -34.17
C GLY J 143 25.60 -26.04 -34.38
N LEU J 144 24.90 -27.17 -34.43
CA LEU J 144 25.58 -28.45 -34.64
C LEU J 144 26.15 -28.54 -36.05
N ILE J 145 25.40 -28.09 -37.06
CA ILE J 145 25.86 -28.21 -38.43
C ILE J 145 27.17 -27.47 -38.62
N ILE J 146 27.28 -26.27 -38.06
CA ILE J 146 28.52 -25.51 -38.19
C ILE J 146 29.67 -26.24 -37.50
N PHE J 147 29.42 -26.79 -36.31
CA PHE J 147 30.43 -27.61 -35.65
C PHE J 147 30.81 -28.80 -36.52
N ARG J 148 29.81 -29.51 -37.04
CA ARG J 148 30.07 -30.63 -37.94
C ARG J 148 30.77 -30.17 -39.21
N ASP J 149 30.20 -29.16 -39.87
CA ASP J 149 30.72 -28.74 -41.17
C ASP J 149 32.14 -28.17 -41.05
N GLN J 150 32.40 -27.39 -40.00
CA GLN J 150 33.60 -26.56 -39.96
C GLN J 150 34.58 -26.93 -38.85
N VAL J 151 34.30 -27.96 -38.06
CA VAL J 151 35.26 -28.38 -37.03
C VAL J 151 35.55 -29.87 -37.16
N VAL J 152 34.51 -30.70 -37.07
CA VAL J 152 34.71 -32.14 -37.05
C VAL J 152 35.08 -32.66 -38.44
N ARG J 153 34.39 -32.17 -39.47
CA ARG J 153 34.55 -32.70 -40.82
C ARG J 153 35.72 -32.04 -41.57
N TYR J 154 36.41 -31.11 -40.94
CA TYR J 154 37.57 -30.49 -41.57
C TYR J 154 38.61 -31.55 -41.91
N GLY J 155 39.12 -31.51 -43.13
CA GLY J 155 39.95 -32.57 -43.66
C GLY J 155 40.97 -33.15 -42.71
N CYS J 156 41.93 -32.34 -42.26
CA CYS J 156 43.01 -32.87 -41.44
C CYS J 156 42.49 -33.42 -40.12
N ILE J 157 41.69 -32.64 -39.39
CA ILE J 157 41.15 -33.13 -38.12
C ILE J 157 40.20 -34.29 -38.35
N ARG J 158 39.33 -34.18 -39.35
CA ARG J 158 38.42 -35.27 -39.69
C ARG J 158 39.20 -36.57 -39.90
N ASP J 159 40.26 -36.52 -40.71
CA ASP J 159 41.07 -37.70 -40.95
C ASP J 159 41.87 -38.08 -39.71
N HIS J 160 42.64 -37.14 -39.16
CA HIS J 160 43.42 -37.44 -37.96
C HIS J 160 42.52 -37.97 -36.86
N LEU J 161 41.32 -37.44 -36.73
CA LEU J 161 40.37 -37.95 -35.75
C LEU J 161 40.10 -39.43 -35.99
N ARG J 162 39.71 -39.78 -37.21
CA ARG J 162 39.42 -41.18 -37.51
C ARG J 162 40.65 -42.05 -37.27
N GLN J 163 41.81 -41.59 -37.74
CA GLN J 163 43.03 -42.37 -37.57
C GLN J 163 43.34 -42.58 -36.10
N THR J 164 43.13 -41.54 -35.28
CA THR J 164 43.45 -41.65 -33.86
C THR J 164 42.71 -42.82 -33.22
N LEU J 165 41.43 -42.98 -33.54
CA LEU J 165 40.65 -44.06 -32.94
C LEU J 165 41.00 -45.41 -33.54
N LEU J 166 41.18 -45.45 -34.87
CA LEU J 166 41.53 -46.72 -35.51
C LEU J 166 42.81 -47.30 -34.91
N ASP J 167 43.75 -46.45 -34.51
CA ASP J 167 44.93 -46.94 -33.81
C ASP J 167 44.53 -47.59 -32.50
N MET J 168 43.69 -46.91 -31.71
CA MET J 168 43.22 -47.50 -30.46
C MET J 168 42.40 -48.76 -30.73
N ILE J 169 41.56 -48.72 -31.77
CA ILE J 169 40.80 -49.90 -32.13
C ILE J 169 41.74 -51.06 -32.44
N ALA J 170 42.85 -50.77 -33.10
CA ALA J 170 43.88 -51.80 -33.29
C ALA J 170 44.49 -52.21 -31.95
N ARG J 171 44.84 -51.23 -31.11
CA ARG J 171 45.39 -51.55 -29.80
C ARG J 171 44.40 -52.35 -28.97
N GLU J 172 43.14 -51.89 -28.92
CA GLU J 172 42.13 -52.60 -28.15
C GLU J 172 41.96 -54.03 -28.66
N ARG J 173 41.93 -54.20 -29.97
CA ARG J 173 41.84 -55.54 -30.54
C ARG J 173 43.08 -56.36 -30.24
N LYS J 174 44.19 -55.71 -29.90
CA LYS J 174 45.42 -56.40 -29.53
C LYS J 174 45.50 -56.72 -28.05
N GLY J 175 44.55 -56.23 -27.25
CA GLY J 175 44.59 -56.47 -25.82
C GLY J 175 45.41 -55.48 -25.05
N GLU J 176 45.57 -54.26 -25.56
CA GLU J 176 46.32 -53.21 -24.90
C GLU J 176 45.38 -52.29 -24.11
N VAL J 177 45.94 -51.61 -23.12
CA VAL J 177 45.15 -50.76 -22.24
C VAL J 177 44.78 -49.48 -22.97
N VAL J 178 43.50 -49.08 -22.84
CA VAL J 178 43.00 -47.85 -23.43
C VAL J 178 41.87 -47.33 -22.56
N ASP J 179 41.47 -46.09 -22.82
CA ASP J 179 40.31 -45.49 -22.16
C ASP J 179 39.13 -45.71 -23.09
N ARG J 180 38.46 -46.85 -22.93
CA ARG J 180 37.35 -47.19 -23.82
C ARG J 180 36.29 -46.11 -23.84
N GLY J 181 36.00 -45.51 -22.68
CA GLY J 181 35.02 -44.45 -22.65
C GLY J 181 35.35 -43.32 -23.60
N ALA J 182 36.61 -42.89 -23.60
CA ALA J 182 37.04 -41.79 -24.45
C ALA J 182 36.60 -42.02 -25.89
N ILE J 183 36.82 -43.23 -26.41
CA ILE J 183 36.30 -43.58 -27.73
C ILE J 183 34.78 -43.48 -27.72
N ARG J 184 34.15 -44.08 -26.71
CA ARG J 184 32.69 -44.16 -26.69
C ARG J 184 32.06 -42.78 -26.75
N ASN J 185 32.55 -41.83 -25.94
CA ASN J 185 31.96 -40.50 -25.95
C ASN J 185 32.08 -39.88 -27.34
N ALA J 186 33.21 -40.09 -28.01
CA ALA J 186 33.34 -39.60 -29.38
C ALA J 186 32.26 -40.21 -30.27
N CYS J 187 32.11 -41.54 -30.22
CA CYS J 187 31.07 -42.18 -31.03
C CYS J 187 29.72 -41.52 -30.79
N GLN J 188 29.43 -41.16 -29.53
CA GLN J 188 28.24 -40.36 -29.25
C GLN J 188 28.35 -38.98 -29.90
N MET J 189 29.53 -38.36 -29.82
CA MET J 189 29.68 -36.98 -30.28
C MET J 189 29.27 -36.84 -31.75
N LEU J 190 29.85 -37.66 -32.62
CA LEU J 190 29.45 -37.62 -34.03
C LEU J 190 28.04 -38.15 -34.22
N MET J 191 27.64 -39.17 -33.46
CA MET J 191 26.25 -39.61 -33.51
C MET J 191 25.32 -38.44 -33.26
N ILE J 192 25.62 -37.63 -32.23
CA ILE J 192 24.85 -36.41 -32.02
C ILE J 192 25.03 -35.46 -33.20
N LEU J 193 26.26 -35.31 -33.69
CA LEU J 193 26.48 -34.45 -34.85
C LEU J 193 25.77 -34.99 -36.08
N GLY J 194 25.36 -36.25 -36.07
CA GLY J 194 24.55 -36.79 -37.14
C GLY J 194 23.10 -36.40 -37.10
N LEU J 195 22.68 -35.66 -36.07
CA LEU J 195 21.31 -35.15 -35.94
C LEU J 195 20.37 -36.35 -35.91
N GLU J 196 19.45 -36.51 -36.86
CA GLU J 196 18.45 -37.56 -36.79
C GLU J 196 18.88 -38.83 -37.52
N GLY J 197 20.04 -38.82 -38.20
CA GLY J 197 20.46 -39.94 -39.01
C GLY J 197 21.82 -40.48 -38.57
N ARG J 198 22.15 -41.66 -39.10
CA ARG J 198 23.43 -42.30 -38.84
C ARG J 198 24.49 -41.93 -39.87
N SER J 199 24.17 -41.05 -40.82
CA SER J 199 25.11 -40.78 -41.91
C SER J 199 26.44 -40.26 -41.39
N VAL J 200 26.42 -39.26 -40.50
CA VAL J 200 27.66 -38.68 -40.02
C VAL J 200 28.47 -39.73 -39.24
N TYR J 201 27.81 -40.44 -38.33
CA TYR J 201 28.49 -41.51 -37.62
C TYR J 201 28.93 -42.61 -38.58
N GLU J 202 28.08 -42.93 -39.56
CA GLU J 202 28.41 -43.94 -40.55
C GLU J 202 29.63 -43.51 -41.37
N GLU J 203 29.57 -42.31 -41.95
CA GLU J 203 30.52 -41.94 -43.00
C GLU J 203 31.96 -41.93 -42.49
N ASP J 204 32.19 -41.34 -41.32
CA ASP J 204 33.54 -41.09 -40.86
C ASP J 204 34.23 -42.29 -40.24
N PHE J 205 33.53 -43.08 -39.43
CA PHE J 205 34.14 -44.16 -38.66
C PHE J 205 33.63 -45.54 -39.07
N GLU J 206 32.31 -45.73 -39.07
CA GLU J 206 31.76 -47.08 -39.12
C GLU J 206 32.16 -47.80 -40.40
N ALA J 207 31.93 -47.16 -41.56
CA ALA J 207 32.28 -47.81 -42.82
C ALA J 207 33.78 -48.07 -42.92
N PRO J 208 34.67 -47.10 -42.69
CA PRO J 208 36.10 -47.44 -42.63
C PRO J 208 36.41 -48.48 -41.58
N PHE J 209 35.72 -48.41 -40.43
CA PHE J 209 35.97 -49.38 -39.37
C PHE J 209 35.55 -50.78 -39.79
N LEU J 210 34.42 -50.91 -40.47
CA LEU J 210 33.94 -52.24 -40.86
C LEU J 210 34.91 -52.92 -41.82
N GLU J 211 35.33 -52.21 -42.87
CA GLU J 211 36.30 -52.78 -43.80
C GLU J 211 37.63 -53.03 -43.11
N MET J 212 38.08 -52.10 -42.26
CA MET J 212 39.31 -52.33 -41.50
C MET J 212 39.15 -53.53 -40.59
N SER J 213 37.98 -53.67 -39.96
CA SER J 213 37.71 -54.86 -39.16
C SER J 213 37.73 -56.11 -40.02
N ALA J 214 37.12 -56.06 -41.20
CA ALA J 214 37.11 -57.23 -42.09
C ALA J 214 38.53 -57.69 -42.39
N GLU J 215 39.45 -56.75 -42.62
CA GLU J 215 40.83 -57.13 -42.88
C GLU J 215 41.45 -57.82 -41.67
N PHE J 216 41.19 -57.31 -40.47
CA PHE J 216 41.71 -57.95 -39.26
C PHE J 216 41.16 -59.36 -39.10
N PHE J 217 39.86 -59.52 -39.32
CA PHE J 217 39.24 -60.84 -39.19
C PHE J 217 39.81 -61.82 -40.21
N GLN J 218 39.97 -61.38 -41.46
CA GLN J 218 40.47 -62.26 -42.50
C GLN J 218 41.89 -62.72 -42.20
N MET J 219 42.72 -61.81 -41.69
CA MET J 219 44.11 -62.17 -41.38
C MET J 219 44.16 -63.10 -40.16
N GLU J 220 43.41 -62.76 -39.11
CA GLU J 220 43.45 -63.57 -37.90
C GLU J 220 42.80 -64.93 -38.11
N SER J 221 41.72 -64.98 -38.89
CA SER J 221 41.05 -66.25 -39.14
C SER J 221 42.00 -67.24 -39.83
N GLN J 222 42.69 -66.79 -40.87
CA GLN J 222 43.67 -67.65 -41.52
C GLN J 222 44.81 -68.01 -40.57
N LYS J 223 45.25 -67.06 -39.75
CA LYS J 223 46.29 -67.35 -38.76
C LYS J 223 45.82 -68.43 -37.80
N PHE J 224 44.58 -68.31 -37.30
CA PHE J 224 44.06 -69.32 -36.39
C PHE J 224 43.72 -70.62 -37.11
N LEU J 225 43.31 -70.53 -38.38
CA LEU J 225 43.10 -71.75 -39.15
C LEU J 225 44.39 -72.54 -39.29
N ALA J 226 45.54 -71.88 -39.20
CA ALA J 226 46.83 -72.53 -39.26
C ALA J 226 47.42 -72.81 -37.88
N GLU J 227 46.69 -72.51 -36.80
CA GLU J 227 47.20 -72.68 -35.45
C GLU J 227 46.43 -73.68 -34.60
N ASN J 228 45.15 -73.92 -34.91
CA ASN J 228 44.38 -74.89 -34.12
C ASN J 228 43.25 -75.44 -34.97
N SER J 229 42.67 -76.54 -34.48
CA SER J 229 41.70 -77.32 -35.23
C SER J 229 40.32 -76.66 -35.15
N ALA J 230 39.29 -77.40 -35.57
CA ALA J 230 37.95 -76.84 -35.67
C ALA J 230 37.46 -76.30 -34.34
N SER J 231 37.36 -77.17 -33.33
CA SER J 231 36.66 -76.79 -32.10
C SER J 231 37.26 -75.55 -31.47
N VAL J 232 38.59 -75.48 -31.39
CA VAL J 232 39.22 -74.30 -30.82
C VAL J 232 38.94 -73.07 -31.67
N TYR J 233 38.97 -73.23 -33.00
CA TYR J 233 38.71 -72.10 -33.89
C TYR J 233 37.31 -71.53 -33.64
N ILE J 234 36.33 -72.41 -33.47
CA ILE J 234 34.98 -71.94 -33.15
C ILE J 234 34.98 -71.22 -31.80
N LYS J 235 35.68 -71.79 -30.81
CA LYS J 235 35.73 -71.17 -29.50
C LYS J 235 36.32 -69.77 -29.59
N LYS J 236 37.40 -69.61 -30.35
CA LYS J 236 37.95 -68.27 -30.58
C LYS J 236 36.96 -67.41 -31.35
N VAL J 237 36.33 -67.97 -32.38
CA VAL J 237 35.35 -67.20 -33.16
C VAL J 237 34.20 -66.75 -32.28
N GLU J 238 33.70 -67.65 -31.44
CA GLU J 238 32.65 -67.27 -30.50
C GLU J 238 33.15 -66.21 -29.53
N ALA J 239 34.39 -66.36 -29.05
CA ALA J 239 34.95 -65.35 -28.15
C ALA J 239 35.08 -64.01 -28.85
N ARG J 240 35.56 -64.00 -30.09
CA ARG J 240 35.65 -62.76 -30.84
C ARG J 240 34.28 -62.16 -31.09
N ILE J 241 33.29 -63.01 -31.40
CA ILE J 241 31.93 -62.53 -31.61
C ILE J 241 31.43 -61.80 -30.37
N ASN J 242 31.67 -62.38 -29.19
CA ASN J 242 31.29 -61.72 -27.95
C ASN J 242 32.07 -60.43 -27.73
N GLU J 243 33.38 -60.46 -28.01
CA GLU J 243 34.21 -59.29 -27.77
C GLU J 243 33.72 -58.10 -28.59
N GLU J 244 33.51 -58.30 -29.90
CA GLU J 244 33.06 -57.21 -30.75
C GLU J 244 31.71 -56.67 -30.27
N ILE J 245 30.82 -57.56 -29.85
CA ILE J 245 29.50 -57.14 -29.38
C ILE J 245 29.65 -56.30 -28.12
N GLU J 246 30.48 -56.75 -27.17
CA GLU J 246 30.71 -55.98 -25.96
C GLU J 246 31.39 -54.65 -26.28
N ARG J 247 32.38 -54.66 -27.17
CA ARG J 247 33.00 -53.41 -27.58
C ARG J 247 31.98 -52.46 -28.18
N VAL J 248 31.03 -53.00 -28.95
CA VAL J 248 30.01 -52.17 -29.59
C VAL J 248 29.18 -51.45 -28.53
N MET J 249 28.80 -52.16 -27.48
CA MET J 249 28.01 -51.55 -26.42
C MET J 249 28.85 -50.61 -25.56
N HIS J 250 30.06 -51.05 -25.17
CA HIS J 250 30.82 -50.36 -24.14
C HIS J 250 31.93 -49.47 -24.68
N CYS J 251 32.34 -49.64 -25.94
CA CYS J 251 33.43 -48.83 -26.50
C CYS J 251 32.90 -47.96 -27.63
N LEU J 252 31.92 -48.46 -28.37
CA LEU J 252 31.34 -47.76 -29.50
C LEU J 252 29.85 -47.56 -29.27
N ASP J 253 29.17 -47.02 -30.29
CA ASP J 253 27.73 -46.93 -30.26
C ASP J 253 27.13 -48.33 -30.26
N LYS J 254 26.15 -48.55 -29.37
CA LYS J 254 25.53 -49.86 -29.28
C LYS J 254 24.86 -50.27 -30.59
N SER J 255 24.48 -49.28 -31.41
CA SER J 255 23.83 -49.57 -32.68
C SER J 255 24.78 -50.19 -33.71
N THR J 256 26.07 -50.26 -33.41
CA THR J 256 27.06 -50.78 -34.35
C THR J 256 27.20 -52.28 -34.23
N GLU J 257 26.17 -52.96 -33.74
CA GLU J 257 26.26 -54.39 -33.48
C GLU J 257 26.05 -55.20 -34.77
N GLU J 258 24.91 -55.02 -35.41
CA GLU J 258 24.63 -55.78 -36.63
C GLU J 258 25.64 -55.50 -37.74
N PRO J 259 26.02 -54.26 -38.04
CA PRO J 259 27.00 -54.04 -39.13
C PRO J 259 28.31 -54.76 -38.91
N ILE J 260 28.83 -54.79 -37.68
CA ILE J 260 30.08 -55.49 -37.41
C ILE J 260 29.87 -57.00 -37.42
N VAL J 261 28.74 -57.46 -36.88
CA VAL J 261 28.48 -58.90 -36.79
C VAL J 261 28.44 -59.51 -38.18
N LYS J 262 27.76 -58.85 -39.12
CA LYS J 262 27.69 -59.39 -40.48
C LYS J 262 29.08 -59.55 -41.08
N VAL J 263 29.95 -58.54 -40.89
CA VAL J 263 31.33 -58.66 -41.36
C VAL J 263 32.00 -59.84 -40.68
N VAL J 264 31.86 -59.93 -39.36
CA VAL J 264 32.46 -61.04 -38.61
C VAL J 264 31.87 -62.37 -39.09
N GLU J 265 30.54 -62.44 -39.19
CA GLU J 265 29.91 -63.64 -39.71
C GLU J 265 30.13 -63.80 -41.20
N ARG J 266 30.67 -62.77 -41.86
CA ARG J 266 31.09 -62.93 -43.25
C ARG J 266 32.54 -63.39 -43.33
N GLU J 267 33.46 -62.62 -42.75
CA GLU J 267 34.88 -62.96 -42.84
C GLU J 267 35.18 -64.28 -42.13
N LEU J 268 34.75 -64.41 -40.87
CA LEU J 268 35.12 -65.59 -40.09
C LEU J 268 34.36 -66.83 -40.53
N ILE J 269 33.07 -66.69 -40.83
CA ILE J 269 32.20 -67.85 -41.04
C ILE J 269 32.02 -68.08 -42.53
N SER J 270 31.41 -67.09 -43.21
CA SER J 270 30.95 -67.31 -44.57
C SER J 270 32.10 -67.67 -45.51
N LYS J 271 33.29 -67.14 -45.25
CA LYS J 271 34.41 -67.35 -46.17
C LYS J 271 35.27 -68.54 -45.81
N HIS J 272 34.95 -69.29 -44.76
CA HIS J 272 35.72 -70.46 -44.38
C HIS J 272 34.84 -71.63 -43.96
N MET J 273 33.60 -71.69 -44.45
CA MET J 273 32.71 -72.78 -44.07
C MET J 273 33.28 -74.13 -44.47
N LYS J 274 33.73 -74.25 -45.72
CA LYS J 274 34.19 -75.54 -46.22
C LYS J 274 35.43 -76.01 -45.47
N THR J 275 36.35 -75.09 -45.17
CA THR J 275 37.54 -75.47 -44.41
C THR J 275 37.16 -75.97 -43.03
N ILE J 276 36.22 -75.29 -42.38
CA ILE J 276 35.75 -75.74 -41.06
C ILE J 276 35.13 -77.11 -41.17
N VAL J 277 34.33 -77.35 -42.22
CA VAL J 277 33.73 -78.65 -42.45
C VAL J 277 34.78 -79.73 -42.66
N GLU J 278 35.94 -79.37 -43.22
CA GLU J 278 36.97 -80.35 -43.57
C GLU J 278 38.34 -79.93 -43.05
N MET J 279 38.45 -79.56 -41.78
CA MET J 279 39.73 -79.19 -41.21
C MET J 279 40.68 -80.39 -41.19
N GLU J 280 41.98 -80.13 -41.15
CA GLU J 280 42.98 -81.17 -41.26
C GLU J 280 42.81 -82.22 -40.18
N ASN J 281 42.59 -83.47 -40.60
CA ASN J 281 42.33 -84.58 -39.68
C ASN J 281 41.22 -84.21 -38.69
N SER J 282 40.33 -83.33 -39.12
CA SER J 282 39.30 -82.76 -38.27
C SER J 282 38.17 -82.27 -39.17
N GLY J 283 37.27 -81.46 -38.61
CA GLY J 283 36.17 -80.92 -39.37
C GLY J 283 34.87 -81.67 -39.11
N LEU J 284 33.82 -81.20 -39.78
CA LEU J 284 32.50 -81.75 -39.55
C LEU J 284 32.46 -83.25 -39.81
N VAL J 285 33.20 -83.71 -40.82
CA VAL J 285 33.26 -85.15 -41.10
C VAL J 285 33.86 -85.88 -39.90
N HIS J 286 35.01 -85.42 -39.42
CA HIS J 286 35.66 -86.08 -38.30
C HIS J 286 34.80 -86.03 -37.05
N MET J 287 34.20 -84.87 -36.76
CA MET J 287 33.32 -84.76 -35.60
C MET J 287 32.10 -85.67 -35.76
N LEU J 288 31.51 -85.69 -36.96
CA LEU J 288 30.36 -86.56 -37.19
C LEU J 288 30.72 -88.03 -37.01
N LYS J 289 31.86 -88.44 -37.56
CA LYS J 289 32.30 -89.83 -37.40
C LYS J 289 32.63 -90.15 -35.95
N ASN J 290 33.26 -89.22 -35.24
CA ASN J 290 33.63 -89.45 -33.84
C ASN J 290 32.46 -89.30 -32.89
N GLY J 291 31.31 -88.82 -33.36
CA GLY J 291 30.16 -88.65 -32.50
C GLY J 291 30.37 -87.60 -31.41
N LYS J 292 31.12 -86.54 -31.72
CA LYS J 292 31.35 -85.45 -30.76
C LYS J 292 30.20 -84.46 -30.86
N THR J 293 29.08 -84.84 -30.26
CA THR J 293 27.85 -84.07 -30.41
C THR J 293 27.99 -82.67 -29.86
N GLU J 294 28.65 -82.51 -28.72
CA GLU J 294 28.80 -81.18 -28.12
C GLU J 294 29.52 -80.24 -29.07
N ASP J 295 30.62 -80.71 -29.68
CA ASP J 295 31.31 -79.90 -30.68
C ASP J 295 30.42 -79.66 -31.89
N LEU J 296 29.69 -80.69 -32.32
CA LEU J 296 28.80 -80.54 -33.47
C LEU J 296 27.73 -79.48 -33.19
N GLY J 297 27.18 -79.46 -31.97
CA GLY J 297 26.23 -78.43 -31.63
C GLY J 297 26.81 -77.04 -31.76
N CYS J 298 28.06 -76.87 -31.32
CA CYS J 298 28.74 -75.59 -31.54
C CYS J 298 28.92 -75.31 -33.03
N MET J 299 29.25 -76.35 -33.81
CA MET J 299 29.30 -76.18 -35.25
C MET J 299 27.96 -75.70 -35.79
N TYR J 300 26.88 -76.36 -35.38
CA TYR J 300 25.55 -75.99 -35.86
C TYR J 300 25.18 -74.56 -35.43
N LYS J 301 25.44 -74.23 -34.16
CA LYS J 301 25.07 -72.91 -33.67
C LYS J 301 25.78 -71.80 -34.44
N LEU J 302 27.08 -71.97 -34.68
CA LEU J 302 27.82 -70.94 -35.40
C LEU J 302 27.36 -70.84 -36.85
N PHE J 303 27.13 -71.99 -37.49
CA PHE J 303 26.81 -71.99 -38.91
C PHE J 303 25.44 -71.39 -39.21
N SER J 304 24.51 -71.48 -38.25
CA SER J 304 23.19 -70.93 -38.45
C SER J 304 23.22 -69.41 -38.63
N ARG J 305 24.31 -68.76 -38.23
CA ARG J 305 24.37 -67.30 -38.29
C ARG J 305 24.35 -66.76 -39.70
N VAL J 306 24.66 -67.57 -40.70
CA VAL J 306 24.80 -67.08 -42.08
C VAL J 306 23.81 -67.78 -43.00
N PRO J 307 23.34 -67.13 -44.07
CA PRO J 307 22.44 -67.80 -45.00
C PRO J 307 23.11 -69.03 -45.63
N ASN J 308 22.33 -70.09 -45.79
CA ASN J 308 22.80 -71.34 -46.39
C ASN J 308 23.96 -71.95 -45.62
N GLY J 309 24.25 -71.45 -44.42
CA GLY J 309 25.30 -72.05 -43.61
C GLY J 309 24.94 -73.46 -43.20
N LEU J 310 23.75 -73.65 -42.64
CA LEU J 310 23.30 -74.99 -42.32
C LEU J 310 23.16 -75.86 -43.56
N LYS J 311 22.98 -75.24 -44.73
CA LYS J 311 22.95 -76.00 -45.97
C LYS J 311 24.30 -76.65 -46.24
N THR J 312 25.40 -75.97 -45.90
CA THR J 312 26.72 -76.56 -46.07
C THR J 312 26.88 -77.78 -45.18
N MET J 313 26.40 -77.69 -43.93
CA MET J 313 26.46 -78.85 -43.04
C MET J 313 25.62 -79.99 -43.59
N CYS J 314 24.45 -79.68 -44.16
CA CYS J 314 23.64 -80.72 -44.81
C CYS J 314 24.41 -81.38 -45.95
N GLU J 315 25.19 -80.61 -46.71
CA GLU J 315 26.03 -81.20 -47.74
C GLU J 315 27.03 -82.17 -47.13
N CYS J 316 27.67 -81.78 -46.03
CA CYS J 316 28.63 -82.66 -45.37
C CYS J 316 27.92 -83.90 -44.84
N MET J 317 26.77 -83.73 -44.18
CA MET J 317 26.00 -84.87 -43.73
C MET J 317 25.45 -85.65 -44.91
N SER J 318 25.07 -84.96 -45.99
CA SER J 318 24.62 -85.65 -47.20
C SER J 318 25.72 -86.53 -47.76
N SER J 319 26.92 -85.97 -47.96
CA SER J 319 28.03 -86.76 -48.45
C SER J 319 28.43 -87.83 -47.44
N TYR J 320 28.45 -87.47 -46.15
CA TYR J 320 28.80 -88.45 -45.12
C TYR J 320 27.78 -89.59 -45.09
N LEU J 321 26.49 -89.27 -45.26
CA LEU J 321 25.47 -90.31 -45.29
C LEU J 321 25.68 -91.24 -46.48
N ARG J 322 26.00 -90.68 -47.65
CA ARG J 322 26.19 -91.52 -48.84
C ARG J 322 27.37 -92.47 -48.66
N GLU J 323 28.46 -92.00 -48.05
CA GLU J 323 29.61 -92.86 -47.81
C GLU J 323 29.24 -94.02 -46.90
N GLN J 324 28.49 -93.75 -45.83
CA GLN J 324 28.06 -94.82 -44.94
C GLN J 324 27.11 -95.79 -45.65
N GLY J 325 26.18 -95.25 -46.45
CA GLY J 325 25.16 -96.06 -47.07
C GLY J 325 25.66 -97.01 -48.15
N LYS J 326 26.40 -96.47 -49.13
CA LYS J 326 26.81 -97.28 -50.27
C LYS J 326 27.69 -98.45 -49.84
N ALA J 327 28.55 -98.23 -48.84
CA ALA J 327 29.40 -99.31 -48.36
C ALA J 327 28.60 -100.42 -47.70
N LEU J 328 27.48 -100.07 -47.06
CA LEU J 328 26.68 -101.06 -46.34
C LEU J 328 25.74 -101.81 -47.28
N VAL J 329 25.03 -101.09 -48.14
CA VAL J 329 24.02 -101.72 -48.98
C VAL J 329 24.63 -102.71 -49.96
N SER J 330 25.90 -102.54 -50.32
CA SER J 330 26.55 -103.41 -51.29
C SER J 330 27.05 -104.66 -50.59
N GLU J 331 26.46 -105.81 -50.92
CA GLU J 331 26.91 -107.07 -50.34
C GLU J 331 28.27 -107.46 -50.91
N GLU J 332 29.12 -108.04 -50.07
CA GLU J 332 30.44 -108.46 -50.48
C GLU J 332 30.85 -109.70 -49.70
N GLY J 333 31.69 -110.52 -50.32
CA GLY J 333 32.19 -111.71 -49.65
C GLY J 333 31.07 -112.64 -49.23
N GLU J 334 31.15 -113.11 -47.99
CA GLU J 334 30.19 -114.06 -47.44
C GLU J 334 29.03 -113.38 -46.73
N GLY J 335 28.88 -112.06 -46.88
CA GLY J 335 27.86 -111.30 -46.20
C GLY J 335 28.44 -110.32 -45.20
N LYS J 336 27.53 -109.60 -44.53
CA LYS J 336 27.90 -108.59 -43.56
C LYS J 336 27.03 -108.74 -42.32
N ASN J 337 27.56 -108.28 -41.18
CA ASN J 337 26.89 -108.49 -39.91
C ASN J 337 25.54 -107.80 -39.89
N PRO J 338 24.52 -108.40 -39.27
CA PRO J 338 23.21 -107.73 -39.22
C PRO J 338 23.26 -106.36 -38.58
N VAL J 339 24.06 -106.18 -37.52
CA VAL J 339 24.16 -104.88 -36.89
C VAL J 339 24.74 -103.84 -37.84
N ASP J 340 25.44 -104.28 -38.89
CA ASP J 340 26.03 -103.34 -39.83
C ASP J 340 25.10 -103.07 -41.01
N TYR J 341 24.62 -104.12 -41.66
CA TYR J 341 23.87 -103.97 -42.91
C TYR J 341 22.41 -104.44 -42.79
N ILE J 342 22.17 -105.67 -42.35
CA ILE J 342 20.83 -106.25 -42.48
C ILE J 342 19.81 -105.41 -41.72
N GLN J 343 20.11 -105.03 -40.49
CA GLN J 343 19.28 -104.10 -39.75
C GLN J 343 20.00 -102.83 -39.35
N GLY J 344 21.32 -102.77 -39.54
CA GLY J 344 22.04 -101.52 -39.30
C GLY J 344 21.79 -100.48 -40.35
N LEU J 345 21.39 -100.90 -41.56
CA LEU J 345 21.04 -99.94 -42.59
C LEU J 345 19.86 -99.08 -42.16
N LEU J 346 18.84 -99.71 -41.57
CA LEU J 346 17.75 -98.93 -40.97
C LEU J 346 18.25 -98.13 -39.79
N ASP J 347 19.19 -98.68 -39.02
CA ASP J 347 19.77 -97.95 -37.89
C ASP J 347 20.66 -96.80 -38.35
N LEU J 348 21.14 -96.84 -39.60
CA LEU J 348 21.97 -95.75 -40.10
C LEU J 348 21.20 -94.43 -40.09
N LYS J 349 19.93 -94.47 -40.51
CA LYS J 349 19.10 -93.28 -40.41
C LYS J 349 18.92 -92.87 -38.96
N SER J 350 18.72 -93.84 -38.07
CA SER J 350 18.61 -93.54 -36.64
C SER J 350 19.90 -92.92 -36.11
N ARG J 351 21.04 -93.48 -36.52
CA ARG J 351 22.32 -92.91 -36.08
C ARG J 351 22.47 -91.48 -36.55
N PHE J 352 22.13 -91.21 -37.81
CA PHE J 352 22.16 -89.83 -38.29
C PHE J 352 21.10 -88.97 -37.62
N ASP J 353 19.95 -89.56 -37.29
CA ASP J 353 18.95 -88.83 -36.53
C ASP J 353 19.48 -88.44 -35.15
N ARG J 354 20.35 -89.26 -34.57
CA ARG J 354 20.96 -88.90 -33.29
C ARG J 354 21.80 -87.65 -33.41
N PHE J 355 22.58 -87.53 -34.49
CA PHE J 355 23.32 -86.29 -34.73
C PHE J 355 22.36 -85.13 -34.94
N LEU J 356 21.27 -85.37 -35.68
CA LEU J 356 20.25 -84.35 -35.87
C LEU J 356 19.68 -83.90 -34.53
N LEU J 357 19.37 -84.85 -33.65
CA LEU J 357 18.76 -84.51 -32.37
C LEU J 357 19.77 -83.87 -31.43
N GLU J 358 20.90 -84.54 -31.19
CA GLU J 358 21.83 -84.12 -30.17
C GLU J 358 22.73 -82.96 -30.59
N SER J 359 22.81 -82.65 -31.88
CA SER J 359 23.72 -81.60 -32.33
C SER J 359 23.04 -80.54 -33.20
N PHE J 360 22.09 -80.92 -34.05
CA PHE J 360 21.55 -80.02 -35.07
C PHE J 360 20.13 -79.56 -34.75
N ASN J 361 19.72 -79.67 -33.49
CA ASN J 361 18.48 -79.04 -33.01
C ASN J 361 17.24 -79.56 -33.74
N ASN J 362 17.28 -80.77 -34.28
CA ASN J 362 16.14 -81.34 -34.99
C ASN J 362 15.64 -80.40 -36.08
N ASP J 363 16.58 -79.78 -36.79
CA ASP J 363 16.23 -78.78 -37.79
C ASP J 363 15.44 -79.42 -38.94
N ARG J 364 14.52 -78.64 -39.51
CA ARG J 364 13.76 -79.11 -40.66
C ARG J 364 14.68 -79.37 -41.84
N LEU J 365 15.66 -78.48 -42.07
CA LEU J 365 16.54 -78.63 -43.21
C LEU J 365 17.33 -79.94 -43.13
N PHE J 366 17.86 -80.26 -41.94
CA PHE J 366 18.67 -81.46 -41.79
C PHE J 366 17.84 -82.72 -41.98
N LYS J 367 16.70 -82.81 -41.29
CA LYS J 367 15.93 -84.05 -41.32
C LYS J 367 15.11 -84.18 -42.61
N GLN J 368 15.03 -83.13 -43.41
CA GLN J 368 14.29 -83.19 -44.67
C GLN J 368 15.20 -83.41 -45.87
N THR J 369 16.46 -82.98 -45.78
CA THR J 369 17.36 -83.08 -46.92
C THR J 369 18.10 -84.42 -46.94
N ILE J 370 18.67 -84.82 -45.80
CA ILE J 370 19.46 -86.05 -45.75
C ILE J 370 18.61 -87.27 -46.02
N ALA J 371 17.30 -87.19 -45.80
CA ALA J 371 16.43 -88.34 -46.02
C ALA J 371 16.45 -88.78 -47.47
N GLY J 372 16.59 -87.84 -48.41
CA GLY J 372 16.65 -88.22 -49.82
C GLY J 372 17.81 -89.14 -50.13
N ASP J 373 18.98 -88.83 -49.57
CA ASP J 373 20.14 -89.70 -49.78
C ASP J 373 19.90 -91.08 -49.19
N PHE J 374 19.28 -91.15 -48.01
CA PHE J 374 19.04 -92.44 -47.38
C PHE J 374 18.18 -93.32 -48.27
N GLU J 375 17.11 -92.75 -48.84
CA GLU J 375 16.28 -93.52 -49.77
C GLU J 375 17.01 -93.78 -51.07
N TYR J 376 17.95 -92.90 -51.43
CA TYR J 376 18.65 -93.04 -52.71
C TYR J 376 19.46 -94.33 -52.76
N PHE J 377 20.17 -94.67 -51.68
CA PHE J 377 20.98 -95.88 -51.66
C PHE J 377 20.31 -97.05 -50.95
N LEU J 378 19.29 -96.80 -50.12
CA LEU J 378 18.58 -97.88 -49.46
C LEU J 378 17.88 -98.78 -50.48
N ASN J 379 17.53 -98.25 -51.65
CA ASN J 379 16.92 -99.05 -52.69
C ASN J 379 17.91 -99.99 -53.38
N LEU J 380 19.21 -99.85 -53.09
CA LEU J 380 20.25 -100.64 -53.74
C LEU J 380 20.71 -101.81 -52.88
N ASN J 381 19.78 -102.41 -52.13
CA ASN J 381 20.09 -103.57 -51.30
C ASN J 381 20.77 -104.65 -52.12
#